data_3KFK
#
_entry.id   3KFK
#
_cell.length_a   150.533
_cell.length_b   209.527
_cell.length_c   266.862
_cell.angle_alpha   90.00
_cell.angle_beta   90.00
_cell.angle_gamma   90.00
#
_symmetry.space_group_name_H-M   'I 2 2 2'
#
loop_
_entity.id
_entity.type
_entity.pdbx_description
1 polymer Chaperonin
2 non-polymer 'PHOSPHOTHIOPHOSPHORIC ACID-ADENYLATE ESTER'
#
_entity_poly.entity_id   1
_entity_poly.type   'polypeptide(L)'
_entity_poly.pdbx_seq_one_letter_code
;MSQQPGVLPENMKRYMGRDAQRMNILAGRIIAETVRSTLGPKGMDKMLVDDLGDVVVTNDGVTILREMSVEHPAAKMLIE
VAKTQEKEVGDGTTTAVVVAGELLRKAEELLDQNVHPTIVVKGYQAAAQKAQELLKTIACEVGAQDKEILTKIAMTSITG
KGAEKAKEKLAEIIVEAVSAVVDDEGKVDKDLIKIEKKSGASIDDTELIKGVLVDKERVSAQMPKKVTDAKIALLNCAIE
ETASEMLKDMVAEIKASGANVLFCQKGIDDLAQHYLAKEGIVAARRVKKSDMEKLAKATGANVITNIKDLSAQDLGDAGL
VEERKISGDSMIFVEECKHPKAVTMLIRGTTEHVIEEVARAVDDAVGVVGCTIEDGRIVSGGGSTEVELSMKLREYAEGI
SGREQLAVRAFADALEVIPRTLAENAGLDAIEILVKVRAAHASNGNKCAGLNVFTGAVEDMCENGVVEPLRVKTQAIQSA
AESTEMLLRIDDVIAAEKLRGAPDMGDMGGMPGMGGMPGMM
;
_entity_poly.pdbx_strand_id   A,B,C,D
#
loop_
_chem_comp.id
_chem_comp.type
_chem_comp.name
_chem_comp.formula
AGS non-polymer 'PHOSPHOTHIOPHOSPHORIC ACID-ADENYLATE ESTER' 'C10 H16 N5 O12 P3 S'
#
# COMPACT_ATOMS: atom_id res chain seq x y z
N ASN A 11 -5.79 -50.96 29.64
CA ASN A 11 -4.75 -50.25 28.83
C ASN A 11 -4.37 -51.00 27.56
N MET A 12 -4.56 -50.37 26.40
CA MET A 12 -5.12 -49.01 26.30
C MET A 12 -6.41 -48.96 25.48
N LYS A 13 -6.46 -49.73 24.39
CA LYS A 13 -7.65 -49.81 23.54
C LYS A 13 -8.01 -51.25 23.21
N ARG A 14 -9.27 -51.61 23.47
CA ARG A 14 -9.78 -52.95 23.19
C ARG A 14 -11.28 -52.95 22.90
N TYR A 15 -11.66 -53.73 21.88
CA TYR A 15 -13.07 -53.95 21.54
C TYR A 15 -13.41 -55.41 21.77
N MET A 16 -14.63 -55.66 22.28
CA MET A 16 -15.03 -57.01 22.69
C MET A 16 -15.92 -57.73 21.67
N GLY A 17 -15.39 -58.83 21.13
CA GLY A 17 -16.14 -59.74 20.24
C GLY A 17 -16.84 -59.10 19.06
N ARG A 18 -18.12 -58.78 19.26
CA ARG A 18 -18.96 -58.19 18.22
C ARG A 18 -18.55 -56.76 17.85
N ASP A 19 -17.96 -56.06 18.83
CA ASP A 19 -17.49 -54.69 18.63
C ASP A 19 -16.11 -54.66 17.96
N ALA A 20 -15.42 -55.80 17.96
CA ALA A 20 -14.09 -55.91 17.33
C ALA A 20 -14.18 -56.44 15.90
N GLN A 21 -15.09 -57.36 15.66
CA GLN A 21 -15.32 -57.94 14.34
C GLN A 21 -15.89 -56.90 13.37
N ARG A 22 -16.84 -56.11 13.86
CA ARG A 22 -17.48 -55.06 13.05
C ARG A 22 -16.54 -53.87 12.83
N MET A 23 -15.61 -53.66 13.76
CA MET A 23 -14.62 -52.57 13.66
C MET A 23 -13.60 -52.86 12.55
N ASN A 24 -13.25 -54.13 12.38
CA ASN A 24 -12.27 -54.54 11.38
C ASN A 24 -12.87 -54.68 9.97
N ILE A 25 -14.13 -55.10 9.89
CA ILE A 25 -14.84 -55.24 8.62
C ILE A 25 -15.16 -53.87 8.00
N LEU A 26 -15.58 -52.93 8.85
CA LEU A 26 -15.92 -51.57 8.42
C LEU A 26 -14.69 -50.80 7.93
N ALA A 27 -13.54 -51.06 8.56
CA ALA A 27 -12.28 -50.41 8.20
C ALA A 27 -11.75 -50.87 6.85
N GLY A 28 -12.02 -52.13 6.50
CA GLY A 28 -11.62 -52.69 5.21
C GLY A 28 -12.54 -52.25 4.08
N ARG A 29 -13.80 -52.03 4.41
CA ARG A 29 -14.82 -51.62 3.43
C ARG A 29 -14.72 -50.13 3.08
N ILE A 30 -14.35 -49.31 4.06
CA ILE A 30 -14.30 -47.85 3.89
C ILE A 30 -13.16 -47.41 2.95
N ILE A 31 -12.05 -48.15 2.95
CA ILE A 31 -10.93 -47.88 2.05
C ILE A 31 -11.13 -48.54 0.68
N ALA A 32 -12.05 -49.51 0.62
CA ALA A 32 -12.41 -50.17 -0.63
C ALA A 32 -13.30 -49.29 -1.50
N GLU A 33 -14.16 -48.50 -0.85
CA GLU A 33 -15.03 -47.54 -1.53
C GLU A 33 -14.26 -46.33 -2.05
N THR A 34 -13.07 -46.09 -1.49
CA THR A 34 -12.19 -45.00 -1.90
C THR A 34 -11.61 -45.27 -3.30
N VAL A 35 -11.39 -46.54 -3.61
CA VAL A 35 -10.83 -46.93 -4.91
C VAL A 35 -11.85 -47.67 -5.80
N ARG A 36 -13.11 -47.66 -5.39
CA ARG A 36 -14.16 -48.38 -6.10
C ARG A 36 -14.64 -47.67 -7.36
N SER A 37 -14.46 -46.35 -7.40
CA SER A 37 -14.91 -45.54 -8.55
C SER A 37 -13.87 -45.54 -9.67
N THR A 38 -12.61 -45.82 -9.31
CA THR A 38 -11.50 -45.72 -10.24
C THR A 38 -11.51 -46.82 -11.31
N LEU A 39 -12.22 -47.91 -11.02
CA LEU A 39 -12.24 -49.10 -11.87
C LEU A 39 -13.02 -48.88 -13.16
N GLY A 40 -12.46 -49.37 -14.27
CA GLY A 40 -13.12 -49.31 -15.58
C GLY A 40 -12.63 -48.19 -16.48
N PRO A 41 -12.86 -48.31 -17.80
CA PRO A 41 -12.52 -47.29 -18.79
C PRO A 41 -13.26 -45.97 -18.55
N LYS A 42 -14.43 -46.06 -17.91
CA LYS A 42 -15.20 -44.89 -17.51
C LYS A 42 -14.97 -44.60 -16.03
N GLY A 43 -13.75 -44.90 -15.55
CA GLY A 43 -13.38 -44.73 -14.15
C GLY A 43 -12.97 -43.31 -13.79
N MET A 44 -12.86 -43.06 -12.49
CA MET A 44 -12.54 -41.73 -11.97
C MET A 44 -11.11 -41.64 -11.46
N ASP A 45 -10.59 -40.42 -11.31
CA ASP A 45 -9.25 -40.19 -10.78
C ASP A 45 -9.28 -39.56 -9.40
N LYS A 46 -8.18 -39.73 -8.65
CA LYS A 46 -8.08 -39.24 -7.29
C LYS A 46 -6.90 -38.27 -7.10
N MET A 47 -7.16 -37.16 -6.42
CA MET A 47 -6.13 -36.18 -6.10
C MET A 47 -5.75 -36.27 -4.62
N LEU A 48 -4.47 -36.45 -4.37
CA LEU A 48 -3.96 -36.63 -3.01
C LEU A 48 -3.07 -35.47 -2.58
N VAL A 49 -3.49 -34.76 -1.54
CA VAL A 49 -2.70 -33.66 -0.98
C VAL A 49 -2.23 -34.04 0.42
N ASP A 50 -0.92 -34.27 0.55
CA ASP A 50 -0.32 -34.69 1.81
C ASP A 50 0.10 -33.49 2.68
N ASP A 51 0.94 -33.75 3.67
CA ASP A 51 1.42 -32.73 4.60
C ASP A 51 2.30 -31.67 3.96
N LEU A 52 3.09 -32.06 2.97
CA LEU A 52 4.02 -31.16 2.28
C LEU A 52 3.32 -30.21 1.31
N GLY A 53 2.10 -30.56 0.91
CA GLY A 53 1.35 -29.78 -0.08
C GLY A 53 1.66 -30.22 -1.50
N ASP A 54 2.33 -31.36 -1.63
CA ASP A 54 2.67 -31.92 -2.93
C ASP A 54 1.44 -32.51 -3.60
N VAL A 55 1.21 -32.10 -4.85
CA VAL A 55 0.04 -32.54 -5.60
C VAL A 55 0.38 -33.67 -6.58
N VAL A 56 -0.49 -34.68 -6.62
CA VAL A 56 -0.37 -35.80 -7.57
C VAL A 56 -1.74 -36.43 -7.84
N VAL A 57 -2.08 -36.54 -9.12
CA VAL A 57 -3.37 -37.12 -9.54
C VAL A 57 -3.14 -38.47 -10.21
N THR A 58 -3.79 -39.51 -9.68
CA THR A 58 -3.63 -40.87 -10.20
C THR A 58 -4.91 -41.71 -10.12
N ASN A 59 -5.10 -42.56 -11.14
CA ASN A 59 -6.19 -43.52 -11.17
C ASN A 59 -5.76 -44.85 -10.57
N ASP A 60 -4.47 -45.15 -10.70
CA ASP A 60 -3.86 -46.39 -10.21
C ASP A 60 -4.13 -46.61 -8.73
N GLY A 61 -4.79 -47.74 -8.43
CA GLY A 61 -5.27 -48.03 -7.07
C GLY A 61 -4.19 -48.23 -6.01
N VAL A 62 -3.05 -48.78 -6.40
CA VAL A 62 -1.97 -49.08 -5.45
C VAL A 62 -1.19 -47.83 -5.01
N THR A 63 -1.04 -46.86 -5.91
CA THR A 63 -0.31 -45.63 -5.63
C THR A 63 -1.09 -44.68 -4.71
N ILE A 64 -2.41 -44.82 -4.70
CA ILE A 64 -3.28 -44.03 -3.83
C ILE A 64 -3.14 -44.47 -2.38
N LEU A 65 -3.25 -45.79 -2.15
CA LEU A 65 -3.26 -46.36 -0.80
C LEU A 65 -1.92 -46.25 -0.07
N ARG A 66 -0.82 -46.21 -0.82
CA ARG A 66 0.52 -46.17 -0.24
C ARG A 66 0.92 -44.81 0.32
N GLU A 67 0.62 -43.75 -0.43
CA GLU A 67 1.11 -42.41 -0.10
C GLU A 67 0.11 -41.48 0.60
N MET A 68 -1.09 -41.99 0.86
CA MET A 68 -2.10 -41.22 1.62
C MET A 68 -2.07 -41.58 3.10
N SER A 69 -2.60 -40.68 3.93
CA SER A 69 -2.59 -40.84 5.38
C SER A 69 -3.62 -41.85 5.88
N VAL A 70 -3.16 -43.06 6.17
CA VAL A 70 -3.99 -44.13 6.73
C VAL A 70 -3.43 -44.54 8.09
N GLU A 71 -4.29 -44.60 9.10
CA GLU A 71 -3.85 -44.87 10.48
C GLU A 71 -4.54 -46.04 11.19
N HIS A 72 -5.70 -46.47 10.69
CA HIS A 72 -6.42 -47.59 11.30
C HIS A 72 -5.67 -48.91 11.09
N PRO A 73 -5.47 -49.67 12.18
CA PRO A 73 -4.71 -50.94 12.15
C PRO A 73 -5.26 -51.98 11.17
N ALA A 74 -6.57 -52.06 11.05
CA ALA A 74 -7.21 -53.02 10.14
C ALA A 74 -7.09 -52.61 8.67
N ALA A 75 -7.02 -51.30 8.43
CA ALA A 75 -6.91 -50.76 7.08
C ALA A 75 -5.50 -50.93 6.50
N LYS A 76 -4.49 -50.88 7.38
CA LYS A 76 -3.09 -51.02 6.98
C LYS A 76 -2.75 -52.44 6.51
N MET A 77 -3.49 -53.43 7.00
CA MET A 77 -3.29 -54.83 6.64
C MET A 77 -3.82 -55.16 5.23
N LEU A 78 -4.74 -54.33 4.74
CA LEU A 78 -5.34 -54.54 3.42
C LEU A 78 -4.53 -53.86 2.32
N ILE A 79 -3.59 -52.99 2.70
CA ILE A 79 -2.69 -52.32 1.76
C ILE A 79 -1.52 -53.24 1.36
N GLU A 80 -1.51 -54.44 1.94
CA GLU A 80 -0.50 -55.45 1.62
C GLU A 80 -0.93 -56.32 0.44
N VAL A 81 -2.23 -56.27 0.12
CA VAL A 81 -2.81 -57.04 -0.98
C VAL A 81 -2.42 -56.42 -2.33
N ALA A 82 -2.65 -55.11 -2.45
CA ALA A 82 -2.32 -54.36 -3.67
C ALA A 82 -0.81 -54.19 -3.85
N LYS A 83 -0.09 -54.13 -2.72
CA LYS A 83 1.37 -54.03 -2.72
C LYS A 83 2.02 -55.30 -3.25
N THR A 84 1.37 -56.45 -3.00
CA THR A 84 1.81 -57.73 -3.53
C THR A 84 1.14 -58.05 -4.87
N GLN A 85 0.25 -57.16 -5.31
CA GLN A 85 -0.38 -57.27 -6.62
C GLN A 85 0.46 -56.57 -7.69
N GLU A 86 1.01 -55.41 -7.33
CA GLU A 86 1.92 -54.67 -8.20
C GLU A 86 3.31 -55.32 -8.26
N LYS A 87 3.62 -56.10 -7.23
CA LYS A 87 4.91 -56.79 -7.13
C LYS A 87 4.92 -58.08 -7.96
N GLU A 88 3.78 -58.78 -7.98
CA GLU A 88 3.68 -60.06 -8.69
C GLU A 88 3.16 -59.90 -10.12
N VAL A 89 2.12 -59.09 -10.31
CA VAL A 89 1.50 -58.90 -11.62
C VAL A 89 1.76 -57.48 -12.16
N GLY A 90 1.21 -56.48 -11.47
CA GLY A 90 1.30 -55.09 -11.92
C GLY A 90 -0.08 -54.49 -12.17
N ASP A 91 -0.79 -55.05 -13.14
CA ASP A 91 -2.15 -54.60 -13.46
C ASP A 91 -3.18 -55.43 -12.71
N GLY A 92 -4.22 -54.76 -12.23
CA GLY A 92 -5.28 -55.41 -11.47
C GLY A 92 -5.18 -55.14 -9.98
N THR A 93 -4.56 -54.02 -9.62
CA THR A 93 -4.39 -53.60 -8.23
C THR A 93 -5.70 -53.08 -7.65
N THR A 94 -6.50 -52.44 -8.51
CA THR A 94 -7.82 -51.92 -8.12
C THR A 94 -8.80 -53.06 -7.87
N THR A 95 -8.78 -54.06 -8.76
CA THR A 95 -9.69 -55.20 -8.69
C THR A 95 -9.45 -56.09 -7.46
N ALA A 96 -8.20 -56.17 -7.02
CA ALA A 96 -7.82 -56.98 -5.87
C ALA A 96 -8.34 -56.44 -4.53
N VAL A 97 -8.57 -55.13 -4.48
CA VAL A 97 -9.04 -54.47 -3.26
C VAL A 97 -10.57 -54.51 -3.14
N VAL A 98 -11.26 -54.25 -4.25
CA VAL A 98 -12.72 -54.22 -4.29
C VAL A 98 -13.34 -55.57 -3.95
N VAL A 99 -12.75 -56.65 -4.46
CA VAL A 99 -13.19 -58.02 -4.16
C VAL A 99 -13.09 -58.32 -2.66
N ALA A 100 -11.98 -57.93 -2.05
CA ALA A 100 -11.74 -58.12 -0.62
C ALA A 100 -12.77 -57.39 0.25
N GLY A 101 -13.25 -56.25 -0.23
CA GLY A 101 -14.28 -55.48 0.46
C GLY A 101 -15.66 -56.13 0.40
N GLU A 102 -15.96 -56.75 -0.75
CA GLU A 102 -17.23 -57.44 -0.95
C GLU A 102 -17.26 -58.78 -0.19
N LEU A 103 -16.10 -59.39 -0.04
CA LEU A 103 -15.95 -60.64 0.74
C LEU A 103 -16.18 -60.39 2.23
N LEU A 104 -15.96 -59.15 2.66
CA LEU A 104 -16.23 -58.76 4.05
C LEU A 104 -17.68 -58.36 4.25
N ARG A 105 -18.31 -57.84 3.20
CA ARG A 105 -19.73 -57.46 3.22
C ARG A 105 -20.62 -58.70 3.24
N LYS A 106 -20.26 -59.70 2.44
CA LYS A 106 -21.00 -60.96 2.37
C LYS A 106 -20.72 -61.85 3.58
N ALA A 107 -19.66 -61.54 4.31
CA ALA A 107 -19.29 -62.28 5.52
C ALA A 107 -20.07 -61.83 6.75
N GLU A 108 -20.19 -60.51 6.92
CA GLU A 108 -20.90 -59.94 8.08
C GLU A 108 -22.41 -60.16 8.02
N GLU A 109 -22.92 -60.45 6.82
CA GLU A 109 -24.32 -60.84 6.64
C GLU A 109 -24.55 -62.23 7.22
N LEU A 110 -23.52 -63.07 7.17
CA LEU A 110 -23.56 -64.42 7.75
C LEU A 110 -23.27 -64.40 9.25
N LEU A 111 -22.49 -63.41 9.69
CA LEU A 111 -22.11 -63.27 11.10
C LEU A 111 -23.27 -62.80 11.98
N ASP A 112 -24.16 -61.99 11.40
CA ASP A 112 -25.35 -61.51 12.10
C ASP A 112 -26.40 -62.60 12.27
N GLN A 113 -26.31 -63.63 11.44
CA GLN A 113 -27.23 -64.77 11.50
C GLN A 113 -26.68 -65.91 12.37
N ASN A 114 -25.59 -65.63 13.09
CA ASN A 114 -24.94 -66.58 14.00
C ASN A 114 -24.32 -67.82 13.32
N VAL A 115 -23.92 -67.66 12.06
CA VAL A 115 -23.12 -68.66 11.37
C VAL A 115 -21.67 -68.43 11.73
N HIS A 116 -21.06 -69.41 12.39
CA HIS A 116 -19.73 -69.26 12.99
C HIS A 116 -18.61 -69.01 11.97
N PRO A 117 -17.69 -68.07 12.27
CA PRO A 117 -16.56 -67.68 11.42
C PRO A 117 -15.72 -68.84 10.85
N THR A 118 -15.58 -69.91 11.61
CA THR A 118 -14.77 -71.06 11.17
C THR A 118 -15.49 -71.94 10.15
N ILE A 119 -16.82 -71.85 10.11
CA ILE A 119 -17.61 -72.48 9.06
C ILE A 119 -17.57 -71.60 7.82
N VAL A 120 -17.43 -70.29 8.04
CA VAL A 120 -17.29 -69.31 6.96
C VAL A 120 -15.91 -69.47 6.29
N VAL A 121 -14.87 -69.60 7.11
CA VAL A 121 -13.50 -69.78 6.61
C VAL A 121 -13.31 -71.17 5.98
N LYS A 122 -14.19 -72.11 6.32
CA LYS A 122 -14.17 -73.46 5.77
C LYS A 122 -14.68 -73.46 4.33
N GLY A 123 -15.71 -72.66 4.07
CA GLY A 123 -16.30 -72.55 2.74
C GLY A 123 -15.56 -71.59 1.82
N TYR A 124 -15.03 -70.52 2.40
CA TYR A 124 -14.27 -69.50 1.66
C TYR A 124 -12.98 -70.06 1.07
N GLN A 125 -12.31 -70.95 1.81
CA GLN A 125 -11.08 -71.58 1.35
C GLN A 125 -11.38 -72.64 0.29
N ALA A 126 -12.45 -73.41 0.51
CA ALA A 126 -12.86 -74.48 -0.40
C ALA A 126 -13.35 -73.95 -1.74
N ALA A 127 -13.97 -72.77 -1.72
CA ALA A 127 -14.46 -72.11 -2.93
C ALA A 127 -13.31 -71.49 -3.73
N ALA A 128 -12.34 -70.91 -3.03
CA ALA A 128 -11.15 -70.33 -3.65
C ALA A 128 -10.22 -71.41 -4.21
N GLN A 129 -10.31 -72.61 -3.61
CA GLN A 129 -9.55 -73.77 -4.07
C GLN A 129 -10.15 -74.33 -5.37
N LYS A 130 -11.46 -74.17 -5.52
CA LYS A 130 -12.17 -74.60 -6.72
C LYS A 130 -12.15 -73.52 -7.81
N ALA A 131 -12.12 -72.25 -7.39
CA ALA A 131 -12.06 -71.12 -8.32
C ALA A 131 -10.78 -71.11 -9.15
N GLN A 132 -9.70 -71.62 -8.57
CA GLN A 132 -8.41 -71.68 -9.25
C GLN A 132 -8.34 -72.80 -10.29
N GLU A 133 -9.03 -73.91 -10.03
CA GLU A 133 -9.06 -75.04 -10.95
C GLU A 133 -10.16 -74.93 -12.01
N LEU A 134 -11.07 -73.98 -11.81
CA LEU A 134 -12.12 -73.68 -12.81
C LEU A 134 -11.66 -72.58 -13.77
N LEU A 135 -10.77 -71.71 -13.31
CA LEU A 135 -10.20 -70.65 -14.15
C LEU A 135 -9.23 -71.20 -15.20
N LYS A 136 -8.62 -72.34 -14.90
CA LYS A 136 -7.68 -73.01 -15.81
C LYS A 136 -8.38 -73.59 -17.04
N THR A 137 -9.61 -74.04 -16.85
CA THR A 137 -10.40 -74.63 -17.94
C THR A 137 -11.00 -73.58 -18.88
N ILE A 138 -11.32 -72.41 -18.34
CA ILE A 138 -11.92 -71.33 -19.12
C ILE A 138 -10.87 -70.37 -19.72
N ALA A 139 -9.61 -70.57 -19.36
CA ALA A 139 -8.51 -69.76 -19.89
C ALA A 139 -8.13 -70.19 -21.31
N CYS A 140 -7.86 -69.20 -22.17
CA CYS A 140 -7.46 -69.45 -23.55
C CYS A 140 -5.95 -69.51 -23.69
N GLU A 141 -5.47 -70.41 -24.54
CA GLU A 141 -4.04 -70.60 -24.76
C GLU A 141 -3.54 -69.73 -25.91
N VAL A 142 -2.52 -68.92 -25.62
CA VAL A 142 -1.92 -68.06 -26.63
C VAL A 142 -0.46 -68.41 -26.86
N GLY A 143 -0.22 -69.47 -27.63
CA GLY A 143 1.12 -69.85 -28.04
C GLY A 143 2.12 -68.73 -27.80
N ALA A 144 3.18 -69.05 -27.05
CA ALA A 144 4.08 -68.01 -26.53
C ALA A 144 4.52 -67.00 -27.59
N GLN A 145 4.55 -67.42 -28.85
CA GLN A 145 4.96 -66.55 -29.95
C GLN A 145 3.85 -66.28 -30.96
N ASP A 146 2.59 -66.38 -30.51
CA ASP A 146 1.44 -66.05 -31.33
C ASP A 146 1.27 -64.53 -31.33
N LYS A 147 1.99 -63.87 -32.23
CA LYS A 147 2.15 -62.41 -32.22
C LYS A 147 0.87 -61.60 -32.46
N GLU A 148 -0.07 -62.18 -33.21
CA GLU A 148 -1.34 -61.50 -33.48
C GLU A 148 -2.25 -61.39 -32.24
N ILE A 149 -2.13 -62.38 -31.35
CA ILE A 149 -2.86 -62.39 -30.09
C ILE A 149 -2.11 -61.57 -29.03
N LEU A 150 -0.77 -61.68 -29.06
CA LEU A 150 0.09 -60.90 -28.16
C LEU A 150 -0.04 -59.40 -28.36
N THR A 151 -0.33 -58.99 -29.59
CA THR A 151 -0.61 -57.60 -29.92
C THR A 151 -1.94 -57.15 -29.30
N LYS A 152 -2.92 -58.05 -29.32
CA LYS A 152 -4.24 -57.79 -28.72
C LYS A 152 -4.16 -57.70 -27.20
N ILE A 153 -3.32 -58.54 -26.60
CA ILE A 153 -3.09 -58.54 -25.15
C ILE A 153 -2.40 -57.24 -24.73
N ALA A 154 -1.43 -56.79 -25.53
CA ALA A 154 -0.75 -55.52 -25.31
C ALA A 154 -1.68 -54.34 -25.53
N MET A 155 -2.56 -54.46 -26.55
CA MET A 155 -3.54 -53.44 -26.87
C MET A 155 -4.57 -53.26 -25.74
N THR A 156 -4.95 -54.38 -25.13
CA THR A 156 -5.90 -54.38 -24.01
C THR A 156 -5.28 -53.76 -22.75
N SER A 157 -3.96 -53.85 -22.64
CA SER A 157 -3.24 -53.27 -21.50
C SER A 157 -3.11 -51.76 -21.60
N ILE A 158 -2.85 -51.26 -22.81
CA ILE A 158 -2.76 -49.82 -23.07
C ILE A 158 -4.14 -49.17 -22.92
N THR A 159 -5.17 -49.89 -23.40
CA THR A 159 -6.56 -49.49 -23.18
C THR A 159 -6.88 -49.63 -21.69
N GLY A 160 -7.66 -48.69 -21.16
CA GLY A 160 -7.91 -48.62 -19.72
C GLY A 160 -7.25 -47.40 -19.13
N LYS A 161 -6.07 -47.08 -19.65
CA LYS A 161 -5.36 -45.84 -19.31
C LYS A 161 -5.72 -44.73 -20.29
N GLY A 162 -6.22 -45.12 -21.45
CA GLY A 162 -6.64 -44.18 -22.49
C GLY A 162 -6.83 -44.83 -23.85
N ALA A 163 -7.93 -44.47 -24.51
CA ALA A 163 -8.23 -44.95 -25.85
C ALA A 163 -7.34 -44.28 -26.90
N GLU A 164 -6.99 -43.02 -26.63
CA GLU A 164 -6.08 -42.25 -27.49
C GLU A 164 -4.64 -42.74 -27.36
N LYS A 165 -4.32 -43.34 -26.21
CA LYS A 165 -3.03 -43.96 -25.98
C LYS A 165 -2.93 -45.27 -26.75
N ALA A 166 -4.09 -45.93 -26.91
CA ALA A 166 -4.16 -47.20 -27.62
C ALA A 166 -4.22 -47.00 -29.14
N LYS A 167 -3.05 -46.97 -29.77
CA LYS A 167 -2.93 -46.88 -31.22
C LYS A 167 -2.27 -48.14 -31.76
N GLU A 168 -2.72 -48.56 -32.95
CA GLU A 168 -2.26 -49.81 -33.60
C GLU A 168 -0.74 -50.00 -33.65
N LYS A 169 -0.01 -48.93 -33.95
CA LYS A 169 1.44 -49.00 -34.12
C LYS A 169 2.22 -49.19 -32.82
N LEU A 170 1.66 -48.72 -31.71
CA LEU A 170 2.31 -48.80 -30.40
C LEU A 170 2.39 -50.24 -29.88
N ALA A 171 1.30 -50.98 -30.05
CA ALA A 171 1.22 -52.37 -29.56
C ALA A 171 2.12 -53.33 -30.34
N GLU A 172 2.37 -53.02 -31.61
CA GLU A 172 3.23 -53.82 -32.46
C GLU A 172 4.70 -53.70 -32.07
N ILE A 173 5.07 -52.55 -31.50
CA ILE A 173 6.44 -52.27 -31.06
C ILE A 173 6.77 -53.03 -29.77
N ILE A 174 5.82 -53.07 -28.84
CA ILE A 174 6.02 -53.68 -27.51
C ILE A 174 6.25 -55.19 -27.58
N VAL A 175 5.47 -55.86 -28.42
CA VAL A 175 5.53 -57.33 -28.58
C VAL A 175 6.91 -57.79 -29.09
N GLU A 176 7.49 -57.01 -30.00
CA GLU A 176 8.81 -57.32 -30.60
C GLU A 176 9.94 -57.26 -29.55
N ALA A 177 9.78 -56.39 -28.56
CA ALA A 177 10.78 -56.23 -27.50
C ALA A 177 10.76 -57.36 -26.48
N VAL A 178 9.55 -57.78 -26.09
CA VAL A 178 9.37 -58.81 -25.07
C VAL A 178 9.75 -60.20 -25.58
N SER A 179 9.43 -60.47 -26.85
CA SER A 179 9.74 -61.76 -27.48
C SER A 179 11.25 -61.95 -27.72
N ALA A 180 11.99 -60.84 -27.71
CA ALA A 180 13.44 -60.86 -27.93
C ALA A 180 14.23 -61.09 -26.65
N VAL A 181 13.72 -60.59 -25.53
CA VAL A 181 14.41 -60.69 -24.23
C VAL A 181 14.15 -62.01 -23.50
N VAL A 182 13.47 -62.94 -24.17
CA VAL A 182 13.19 -64.26 -23.60
C VAL A 182 14.45 -65.13 -23.60
N ASP A 183 14.91 -65.49 -22.41
CA ASP A 183 16.05 -66.40 -22.27
C ASP A 183 15.58 -67.85 -22.38
N ASP A 184 15.89 -68.46 -23.52
CA ASP A 184 15.42 -69.82 -23.84
C ASP A 184 16.15 -70.89 -23.03
N GLU A 185 15.40 -71.73 -22.31
CA GLU A 185 13.94 -71.67 -22.23
C GLU A 185 13.49 -71.61 -20.76
N GLY A 186 12.56 -70.72 -20.44
CA GLY A 186 11.95 -69.79 -21.39
C GLY A 186 11.19 -68.68 -20.68
N LYS A 187 11.76 -68.20 -19.57
CA LYS A 187 11.15 -67.15 -18.75
C LYS A 187 11.40 -65.76 -19.32
N VAL A 188 10.67 -64.77 -18.80
CA VAL A 188 10.82 -63.38 -19.23
C VAL A 188 11.29 -62.51 -18.07
N ASP A 189 12.45 -61.89 -18.23
CA ASP A 189 12.99 -60.96 -17.24
C ASP A 189 12.63 -59.53 -17.62
N LYS A 190 11.90 -58.85 -16.75
CA LYS A 190 11.43 -57.49 -17.00
C LYS A 190 12.53 -56.43 -16.87
N ASP A 191 13.61 -56.80 -16.16
CA ASP A 191 14.75 -55.89 -15.95
C ASP A 191 15.63 -55.73 -17.18
N LEU A 192 15.49 -56.65 -18.14
CA LEU A 192 16.28 -56.63 -19.36
C LEU A 192 15.89 -55.49 -20.31
N ILE A 193 14.67 -54.99 -20.15
CA ILE A 193 14.18 -53.88 -20.96
C ILE A 193 14.44 -52.53 -20.27
N LYS A 194 15.29 -51.72 -20.89
CA LYS A 194 15.67 -50.43 -20.33
C LYS A 194 14.68 -49.34 -20.75
N ILE A 195 14.29 -48.51 -19.80
CA ILE A 195 13.32 -47.45 -20.04
C ILE A 195 14.02 -46.08 -20.00
N GLU A 196 13.88 -45.32 -21.07
CA GLU A 196 14.47 -43.99 -21.16
C GLU A 196 13.38 -42.93 -21.32
N LYS A 197 13.48 -41.88 -20.50
CA LYS A 197 12.52 -40.78 -20.53
C LYS A 197 13.14 -39.51 -21.11
N LYS A 198 12.84 -39.24 -22.38
CA LYS A 198 13.37 -38.06 -23.07
C LYS A 198 12.27 -37.28 -23.78
N SER A 199 12.51 -35.98 -23.98
CA SER A 199 11.49 -35.08 -24.53
C SER A 199 11.47 -35.05 -26.07
N GLY A 200 10.90 -33.99 -26.63
CA GLY A 200 10.74 -33.84 -28.06
C GLY A 200 9.33 -34.17 -28.51
N ALA A 201 8.84 -33.47 -29.53
CA ALA A 201 7.50 -33.70 -30.07
C ALA A 201 7.37 -35.13 -30.58
N SER A 202 6.80 -35.99 -29.73
CA SER A 202 6.79 -37.43 -29.98
C SER A 202 5.42 -38.08 -29.74
N ILE A 203 5.37 -39.01 -28.78
CA ILE A 203 4.24 -39.94 -28.59
C ILE A 203 4.16 -40.94 -29.75
N ASP A 204 4.28 -40.42 -30.96
CA ASP A 204 4.34 -41.24 -32.18
C ASP A 204 5.78 -41.52 -32.62
N ASP A 205 6.70 -40.65 -32.20
CA ASP A 205 8.13 -40.82 -32.54
C ASP A 205 8.85 -41.79 -31.60
N THR A 206 8.08 -42.46 -30.75
CA THR A 206 8.62 -43.49 -29.85
C THR A 206 9.13 -44.68 -30.66
N GLU A 207 10.43 -44.95 -30.51
CA GLU A 207 11.10 -45.96 -31.32
C GLU A 207 11.65 -47.14 -30.52
N LEU A 208 11.66 -48.32 -31.14
CA LEU A 208 12.18 -49.52 -30.50
C LEU A 208 13.70 -49.62 -30.68
N ILE A 209 14.41 -49.59 -29.56
CA ILE A 209 15.82 -49.18 -29.56
C ILE A 209 16.72 -50.31 -29.11
N LYS A 210 18.01 -50.19 -29.43
CA LYS A 210 18.97 -51.26 -29.15
C LYS A 210 20.03 -50.79 -28.15
N GLY A 211 19.86 -49.58 -27.65
CA GLY A 211 20.93 -48.91 -26.92
C GLY A 211 20.42 -48.11 -25.74
N VAL A 212 21.17 -48.14 -24.65
CA VAL A 212 21.12 -47.07 -23.65
C VAL A 212 21.32 -45.70 -24.30
N LEU A 213 20.57 -44.71 -23.83
CA LEU A 213 20.77 -43.32 -24.25
C LEU A 213 21.37 -42.49 -23.12
N VAL A 214 22.67 -42.26 -23.20
CA VAL A 214 23.42 -41.54 -22.18
C VAL A 214 23.34 -40.03 -22.41
N ASP A 215 22.91 -39.30 -21.38
CA ASP A 215 22.79 -37.85 -21.45
C ASP A 215 24.16 -37.19 -21.23
N LYS A 216 25.06 -37.38 -22.19
CA LYS A 216 26.41 -36.83 -22.14
C LYS A 216 26.99 -36.69 -23.55
N GLU A 217 28.21 -36.15 -23.63
CA GLU A 217 28.89 -35.95 -24.91
C GLU A 217 30.26 -36.66 -24.92
N ARG A 218 31.12 -36.25 -25.85
CA ARG A 218 32.50 -36.73 -25.88
C ARG A 218 33.40 -35.81 -25.05
N VAL A 219 34.36 -36.40 -24.35
CA VAL A 219 35.24 -35.66 -23.44
C VAL A 219 36.20 -34.72 -24.20
N SER A 220 36.52 -35.08 -25.44
CA SER A 220 37.37 -34.26 -26.30
C SER A 220 36.79 -34.18 -27.71
N ALA A 221 36.85 -32.98 -28.30
CA ALA A 221 36.34 -32.74 -29.65
C ALA A 221 37.22 -33.39 -30.72
N GLN A 222 38.37 -33.91 -30.30
CA GLN A 222 39.32 -34.58 -31.19
C GLN A 222 38.88 -36.02 -31.50
N MET A 223 38.04 -36.57 -30.62
CA MET A 223 37.57 -37.95 -30.73
C MET A 223 36.46 -38.13 -31.77
N PRO A 224 36.40 -39.33 -32.40
CA PRO A 224 35.37 -39.65 -33.40
C PRO A 224 33.93 -39.47 -32.90
N LYS A 225 33.03 -39.04 -33.79
CA LYS A 225 31.65 -38.80 -33.42
C LYS A 225 30.83 -40.09 -33.46
N LYS A 226 31.32 -41.06 -34.23
CA LYS A 226 30.65 -42.35 -34.38
C LYS A 226 31.69 -43.45 -34.48
N VAL A 227 31.42 -44.59 -33.84
CA VAL A 227 32.32 -45.74 -33.84
C VAL A 227 31.58 -46.99 -34.30
N THR A 228 32.28 -47.85 -35.03
CA THR A 228 31.71 -49.11 -35.49
C THR A 228 32.03 -50.24 -34.52
N ASP A 229 31.00 -50.99 -34.14
CA ASP A 229 31.15 -52.25 -33.39
C ASP A 229 32.01 -52.06 -32.15
N ALA A 230 31.61 -51.06 -31.36
CA ALA A 230 32.39 -50.60 -30.23
C ALA A 230 32.48 -51.63 -29.10
N LYS A 231 33.70 -52.06 -28.81
CA LYS A 231 33.98 -52.82 -27.60
C LYS A 231 34.04 -51.80 -26.48
N ILE A 232 33.04 -51.83 -25.60
CA ILE A 232 32.87 -50.77 -24.60
C ILE A 232 33.42 -51.17 -23.23
N ALA A 233 34.44 -50.44 -22.79
CA ALA A 233 35.02 -50.63 -21.47
C ALA A 233 34.35 -49.74 -20.43
N LEU A 234 33.56 -50.34 -19.56
CA LEU A 234 32.91 -49.62 -18.47
C LEU A 234 33.84 -49.55 -17.26
N LEU A 235 34.44 -48.38 -17.07
CA LEU A 235 35.33 -48.15 -15.93
C LEU A 235 34.67 -47.35 -14.82
N ASN A 236 34.70 -47.92 -13.63
CA ASN A 236 34.20 -47.26 -12.42
C ASN A 236 35.31 -46.43 -11.77
N CYS A 237 36.55 -46.88 -11.97
CA CYS A 237 37.73 -46.21 -11.44
C CYS A 237 38.06 -44.93 -12.21
N ALA A 238 38.73 -44.01 -11.54
CA ALA A 238 39.13 -42.73 -12.15
C ALA A 238 40.43 -42.89 -12.95
N ILE A 239 40.45 -42.29 -14.14
CA ILE A 239 41.63 -42.28 -14.99
C ILE A 239 42.44 -41.01 -14.72
N GLU A 240 42.84 -40.65 -13.47
CA GLU A 240 43.40 -39.26 -13.16
C GLU A 240 44.95 -38.83 -13.15
N GLU A 241 45.29 -37.54 -12.81
CA GLU A 241 46.72 -37.00 -12.85
C GLU A 241 47.24 -35.53 -12.41
N THR A 242 48.53 -35.21 -12.73
CA THR A 242 49.35 -34.05 -12.40
C THR A 242 49.76 -33.28 -13.68
N ALA A 243 51.01 -33.40 -14.08
CA ALA A 243 51.54 -32.73 -15.26
C ALA A 243 52.77 -33.45 -15.83
N SER A 244 52.83 -34.77 -15.64
CA SER A 244 53.97 -35.56 -16.09
C SER A 244 53.55 -36.89 -16.74
N GLU A 245 52.65 -36.79 -17.72
CA GLU A 245 52.15 -37.94 -18.51
C GLU A 245 52.08 -39.27 -17.76
N MET A 246 51.37 -39.27 -16.63
CA MET A 246 51.20 -40.47 -15.81
C MET A 246 49.97 -41.28 -16.22
N LEU A 247 49.41 -40.94 -17.38
CA LEU A 247 48.19 -41.57 -17.89
C LEU A 247 48.46 -42.40 -19.13
N LYS A 248 49.66 -42.28 -19.69
CA LYS A 248 50.07 -43.03 -20.87
C LYS A 248 50.04 -44.54 -20.62
N ASP A 249 50.22 -44.92 -19.36
CA ASP A 249 50.05 -46.31 -18.93
C ASP A 249 48.56 -46.65 -18.85
N MET A 250 47.77 -45.75 -18.27
CA MET A 250 46.33 -45.93 -18.10
C MET A 250 45.58 -46.00 -19.44
N VAL A 251 46.03 -45.20 -20.40
CA VAL A 251 45.44 -45.19 -21.75
C VAL A 251 45.82 -46.47 -22.51
N ALA A 252 47.08 -46.89 -22.37
CA ALA A 252 47.58 -48.10 -23.02
C ALA A 252 46.99 -49.38 -22.44
N GLU A 253 46.63 -49.34 -21.16
CA GLU A 253 45.99 -50.47 -20.49
C GLU A 253 44.56 -50.69 -21.01
N ILE A 254 43.89 -49.61 -21.39
CA ILE A 254 42.59 -49.67 -22.04
C ILE A 254 42.75 -50.13 -23.49
N LYS A 255 43.84 -49.71 -24.12
CA LYS A 255 44.17 -50.13 -25.49
C LYS A 255 44.60 -51.59 -25.54
N ALA A 256 45.12 -52.09 -24.41
CA ALA A 256 45.54 -53.49 -24.29
C ALA A 256 44.37 -54.46 -24.39
N SER A 257 43.21 -54.04 -23.87
CA SER A 257 41.99 -54.83 -23.95
C SER A 257 41.37 -54.77 -25.35
N GLY A 258 41.55 -53.63 -26.01
CA GLY A 258 41.00 -53.41 -27.35
C GLY A 258 39.63 -52.75 -27.30
N ALA A 259 39.51 -51.72 -26.47
CA ALA A 259 38.26 -51.00 -26.28
C ALA A 259 38.32 -49.60 -26.89
N ASN A 260 37.59 -49.42 -28.00
CA ASN A 260 37.56 -48.14 -28.72
C ASN A 260 36.56 -47.13 -28.14
N VAL A 261 35.66 -47.60 -27.28
CA VAL A 261 34.72 -46.72 -26.58
C VAL A 261 34.83 -46.95 -25.07
N LEU A 262 34.88 -45.85 -24.32
CA LEU A 262 35.15 -45.89 -22.89
C LEU A 262 34.14 -45.06 -22.10
N PHE A 263 33.32 -45.74 -21.30
CA PHE A 263 32.39 -45.05 -20.40
C PHE A 263 32.93 -45.02 -18.98
N CYS A 264 33.30 -43.82 -18.53
CA CYS A 264 33.86 -43.63 -17.19
C CYS A 264 32.83 -42.99 -16.26
N GLN A 265 32.67 -43.60 -15.08
CA GLN A 265 31.73 -43.13 -14.07
C GLN A 265 32.30 -41.91 -13.32
N LYS A 266 33.61 -41.93 -13.10
CA LYS A 266 34.30 -40.83 -12.42
C LYS A 266 34.83 -39.82 -13.45
N GLY A 267 35.75 -38.96 -13.01
CA GLY A 267 36.32 -37.92 -13.86
C GLY A 267 37.58 -38.36 -14.60
N ILE A 268 37.66 -37.97 -15.87
CA ILE A 268 38.84 -38.23 -16.70
C ILE A 268 39.70 -36.96 -16.77
N ASP A 269 40.99 -37.10 -16.47
CA ASP A 269 41.90 -35.96 -16.43
C ASP A 269 42.26 -35.48 -17.83
N ASP A 270 42.63 -34.20 -17.92
CA ASP A 270 42.87 -33.50 -19.20
C ASP A 270 44.03 -34.07 -20.02
N LEU A 271 45.04 -34.61 -19.34
CA LEU A 271 46.18 -35.23 -20.02
C LEU A 271 45.77 -36.52 -20.73
N ALA A 272 44.95 -37.33 -20.06
CA ALA A 272 44.44 -38.58 -20.62
C ALA A 272 43.51 -38.35 -21.81
N GLN A 273 42.87 -37.18 -21.84
CA GLN A 273 41.96 -36.80 -22.91
C GLN A 273 42.66 -36.69 -24.27
N HIS A 274 43.89 -36.18 -24.25
CA HIS A 274 44.70 -36.05 -25.46
C HIS A 274 45.21 -37.41 -25.96
N TYR A 275 45.66 -38.24 -25.03
CA TYR A 275 46.24 -39.54 -25.38
C TYR A 275 45.20 -40.54 -25.89
N LEU A 276 44.00 -40.51 -25.30
CA LEU A 276 42.89 -41.35 -25.76
C LEU A 276 42.39 -40.91 -27.13
N ALA A 277 42.47 -39.60 -27.40
CA ALA A 277 42.10 -39.03 -28.69
C ALA A 277 43.16 -39.33 -29.75
N LYS A 278 44.41 -39.49 -29.32
CA LYS A 278 45.51 -39.82 -30.21
C LYS A 278 45.42 -41.27 -30.68
N GLU A 279 44.95 -42.14 -29.80
CA GLU A 279 44.74 -43.56 -30.14
C GLU A 279 43.52 -43.73 -31.04
N GLY A 280 42.51 -42.91 -30.80
CA GLY A 280 41.24 -42.98 -31.52
C GLY A 280 40.10 -43.47 -30.65
N ILE A 281 40.35 -43.54 -29.35
CA ILE A 281 39.37 -44.03 -28.37
C ILE A 281 38.48 -42.89 -27.89
N VAL A 282 37.16 -43.11 -27.98
CA VAL A 282 36.17 -42.13 -27.52
C VAL A 282 35.85 -42.36 -26.04
N ALA A 283 35.87 -41.28 -25.27
CA ALA A 283 35.62 -41.36 -23.82
C ALA A 283 34.58 -40.34 -23.35
N ALA A 284 33.93 -40.66 -22.23
CA ALA A 284 32.94 -39.79 -21.61
C ALA A 284 33.15 -39.71 -20.10
N ARG A 285 33.15 -38.49 -19.56
CA ARG A 285 33.43 -38.26 -18.14
C ARG A 285 32.17 -37.99 -17.31
N ARG A 286 32.09 -38.67 -16.16
CA ARG A 286 31.02 -38.48 -15.17
C ARG A 286 29.62 -38.81 -15.68
N VAL A 287 29.44 -40.05 -16.11
CA VAL A 287 28.14 -40.59 -16.50
C VAL A 287 27.40 -41.03 -15.23
N LYS A 288 26.10 -40.75 -15.17
CA LYS A 288 25.26 -41.12 -14.02
C LYS A 288 25.34 -42.61 -13.69
N LYS A 289 25.29 -42.92 -12.39
CA LYS A 289 25.40 -44.28 -11.89
C LYS A 289 24.24 -45.17 -12.39
N SER A 290 23.09 -44.55 -12.61
CA SER A 290 21.92 -45.23 -13.16
C SER A 290 22.15 -45.66 -14.61
N ASP A 291 22.83 -44.82 -15.37
CA ASP A 291 23.13 -45.08 -16.78
C ASP A 291 24.26 -46.10 -16.96
N MET A 292 25.16 -46.16 -15.99
CA MET A 292 26.27 -47.12 -16.00
C MET A 292 25.78 -48.55 -15.79
N GLU A 293 24.77 -48.72 -14.94
CA GLU A 293 24.15 -50.01 -14.69
C GLU A 293 23.31 -50.45 -15.90
N LYS A 294 22.83 -49.50 -16.67
CA LYS A 294 22.09 -49.79 -17.90
C LYS A 294 23.03 -50.28 -18.99
N LEU A 295 24.18 -49.62 -19.11
CA LEU A 295 25.17 -49.96 -20.14
C LEU A 295 25.79 -51.34 -19.94
N ALA A 296 25.89 -51.77 -18.69
CA ALA A 296 26.49 -53.06 -18.33
C ALA A 296 25.61 -54.25 -18.71
N LYS A 297 24.29 -54.05 -18.63
CA LYS A 297 23.33 -55.13 -18.89
C LYS A 297 22.86 -55.19 -20.34
N ALA A 298 22.86 -54.03 -21.01
CA ALA A 298 22.41 -53.94 -22.40
C ALA A 298 23.43 -54.49 -23.40
N THR A 299 24.67 -54.02 -23.29
CA THR A 299 25.75 -54.42 -24.19
C THR A 299 26.40 -55.74 -23.76
N GLY A 300 26.25 -56.08 -22.48
CA GLY A 300 26.89 -57.26 -21.89
C GLY A 300 28.29 -56.92 -21.41
N ALA A 301 28.39 -55.88 -20.59
CA ALA A 301 29.67 -55.38 -20.11
C ALA A 301 29.82 -55.55 -18.60
N ASN A 302 31.06 -55.46 -18.13
CA ASN A 302 31.37 -55.52 -16.70
C ASN A 302 31.95 -54.20 -16.20
N VAL A 303 31.40 -53.70 -15.10
CA VAL A 303 31.86 -52.46 -14.49
C VAL A 303 33.11 -52.73 -13.66
N ILE A 304 34.25 -52.22 -14.14
CA ILE A 304 35.55 -52.49 -13.52
C ILE A 304 36.05 -51.29 -12.73
N THR A 305 36.43 -51.54 -11.47
CA THR A 305 36.85 -50.47 -10.55
C THR A 305 38.38 -50.43 -10.37
N ASN A 306 39.11 -50.96 -11.35
CA ASN A 306 40.57 -50.91 -11.38
C ASN A 306 41.10 -50.95 -12.80
N ILE A 307 41.89 -49.95 -13.17
CA ILE A 307 42.39 -49.81 -14.54
C ILE A 307 43.51 -50.80 -14.88
N LYS A 308 44.20 -51.31 -13.86
CA LYS A 308 45.32 -52.24 -14.04
C LYS A 308 44.87 -53.66 -14.40
N ASP A 309 43.59 -53.96 -14.20
CA ASP A 309 43.09 -55.31 -14.38
C ASP A 309 41.95 -55.39 -15.41
N LEU A 310 41.81 -54.36 -16.23
CA LEU A 310 40.77 -54.31 -17.27
C LEU A 310 40.98 -55.39 -18.32
N SER A 311 40.00 -56.29 -18.44
CA SER A 311 40.08 -57.42 -19.35
C SER A 311 39.25 -57.23 -20.62
N ALA A 312 39.62 -57.96 -21.67
CA ALA A 312 38.93 -57.89 -22.96
C ALA A 312 37.57 -58.59 -22.96
N GLN A 313 37.39 -59.53 -22.03
CA GLN A 313 36.13 -60.25 -21.89
C GLN A 313 35.15 -59.54 -20.95
N ASP A 314 35.56 -58.37 -20.46
CA ASP A 314 34.72 -57.53 -19.61
C ASP A 314 34.10 -56.37 -20.40
N LEU A 315 34.32 -56.40 -21.72
CA LEU A 315 33.82 -55.35 -22.61
C LEU A 315 32.50 -55.77 -23.26
N GLY A 316 31.58 -54.82 -23.35
CA GLY A 316 30.27 -55.07 -23.97
C GLY A 316 30.28 -54.88 -25.48
N ASP A 317 29.19 -55.28 -26.13
CA ASP A 317 29.07 -55.17 -27.57
C ASP A 317 27.78 -54.45 -27.98
N ALA A 318 27.94 -53.34 -28.68
CA ALA A 318 26.81 -52.55 -29.16
C ALA A 318 26.66 -52.68 -30.68
N GLY A 319 25.56 -52.14 -31.21
CA GLY A 319 25.26 -52.23 -32.65
C GLY A 319 25.23 -50.90 -33.37
N LEU A 320 25.09 -49.81 -32.62
CA LEU A 320 25.18 -48.46 -33.17
C LEU A 320 25.48 -47.43 -32.08
N VAL A 321 26.69 -46.86 -32.13
CA VAL A 321 27.11 -45.82 -31.20
C VAL A 321 27.34 -44.51 -31.95
N GLU A 322 26.51 -43.50 -31.68
CA GLU A 322 26.52 -42.25 -32.43
C GLU A 322 26.07 -41.06 -31.57
N GLU A 323 26.85 -39.98 -31.62
CA GLU A 323 26.48 -38.75 -30.92
C GLU A 323 25.55 -37.90 -31.80
N ARG A 324 24.26 -38.25 -31.77
CA ARG A 324 23.24 -37.52 -32.52
C ARG A 324 22.77 -36.30 -31.73
N LYS A 325 22.48 -35.23 -32.44
CA LYS A 325 21.89 -34.03 -31.84
C LYS A 325 20.37 -34.11 -31.91
N ILE A 326 19.81 -35.17 -31.33
CA ILE A 326 18.37 -35.42 -31.37
C ILE A 326 17.64 -34.50 -30.40
N SER A 327 16.55 -33.90 -30.88
CA SER A 327 15.76 -32.92 -30.10
C SER A 327 16.60 -31.76 -29.57
N GLY A 328 17.68 -31.42 -30.30
CA GLY A 328 18.58 -30.35 -29.90
C GLY A 328 19.77 -30.83 -29.09
N ASP A 329 19.49 -31.64 -28.06
CA ASP A 329 20.52 -32.15 -27.16
C ASP A 329 21.38 -33.23 -27.81
N SER A 330 22.70 -33.05 -27.73
CA SER A 330 23.64 -34.02 -28.27
C SER A 330 23.95 -35.10 -27.25
N MET A 331 23.37 -36.28 -27.48
CA MET A 331 23.52 -37.42 -26.56
C MET A 331 24.13 -38.63 -27.27
N ILE A 332 24.74 -39.51 -26.49
CA ILE A 332 25.38 -40.72 -27.02
C ILE A 332 24.33 -41.82 -27.25
N PHE A 333 24.04 -42.08 -28.52
CA PHE A 333 23.39 -43.33 -28.91
C PHE A 333 24.40 -44.47 -29.01
N VAL A 334 24.51 -45.26 -27.94
CA VAL A 334 24.42 -46.71 -28.04
C VAL A 334 23.07 -47.14 -28.59
N GLU A 335 23.05 -48.26 -29.31
CA GLU A 335 21.81 -48.89 -29.74
C GLU A 335 22.08 -50.07 -30.66
N GLU A 336 21.01 -50.76 -31.05
CA GLU A 336 21.00 -51.53 -32.30
C GLU A 336 21.76 -52.84 -32.15
N CYS A 337 21.12 -53.93 -32.51
CA CYS A 337 21.62 -55.27 -32.19
C CYS A 337 21.02 -56.32 -33.10
N LYS A 338 21.85 -57.26 -33.56
CA LYS A 338 21.36 -58.42 -34.30
C LYS A 338 20.47 -59.33 -33.43
N HIS A 339 21.05 -59.93 -32.39
CA HIS A 339 20.32 -60.78 -31.48
C HIS A 339 20.45 -60.25 -30.05
N PRO A 340 19.58 -59.29 -29.67
CA PRO A 340 19.68 -58.65 -28.36
C PRO A 340 18.92 -59.37 -27.25
N LYS A 341 19.61 -59.61 -26.14
CA LYS A 341 18.98 -60.14 -24.93
C LYS A 341 18.55 -58.99 -24.03
N ALA A 342 19.02 -57.78 -24.34
CA ALA A 342 18.63 -56.56 -23.65
C ALA A 342 18.15 -55.52 -24.66
N VAL A 343 17.00 -54.91 -24.37
CA VAL A 343 16.36 -53.95 -25.26
C VAL A 343 16.10 -52.62 -24.54
N THR A 344 16.33 -51.50 -25.24
CA THR A 344 16.04 -50.19 -24.69
C THR A 344 14.82 -49.57 -25.36
N MET A 345 13.96 -48.94 -24.55
CA MET A 345 12.79 -48.25 -25.08
C MET A 345 12.89 -46.75 -24.85
N LEU A 346 13.07 -46.01 -25.95
CA LEU A 346 13.15 -44.55 -25.90
C LEU A 346 11.75 -43.95 -25.87
N ILE A 347 11.15 -43.97 -24.68
CA ILE A 347 9.80 -43.43 -24.48
C ILE A 347 9.86 -41.90 -24.45
N ARG A 348 9.21 -41.27 -25.42
CA ARG A 348 9.28 -39.83 -25.61
C ARG A 348 7.91 -39.17 -25.69
N GLY A 349 7.87 -37.89 -25.33
CA GLY A 349 6.63 -37.09 -25.34
C GLY A 349 6.91 -35.61 -25.24
N THR A 350 5.87 -34.79 -25.33
CA THR A 350 5.98 -33.34 -25.30
C THR A 350 6.50 -32.79 -23.98
N THR A 351 5.74 -33.03 -22.90
CA THR A 351 6.14 -32.61 -21.56
C THR A 351 6.56 -33.82 -20.72
N GLU A 352 7.43 -33.58 -19.73
CA GLU A 352 7.97 -34.64 -18.88
C GLU A 352 6.87 -35.40 -18.11
N HIS A 353 5.79 -34.71 -17.78
CA HIS A 353 4.64 -35.33 -17.10
C HIS A 353 3.85 -36.26 -18.02
N VAL A 354 3.87 -35.97 -19.32
CA VAL A 354 3.28 -36.86 -20.31
C VAL A 354 4.19 -38.08 -20.52
N ILE A 355 5.49 -37.83 -20.61
CA ILE A 355 6.49 -38.91 -20.80
C ILE A 355 6.42 -39.96 -19.70
N GLU A 356 6.32 -39.51 -18.45
CA GLU A 356 6.24 -40.40 -17.29
C GLU A 356 4.97 -41.27 -17.31
N GLU A 357 3.88 -40.71 -17.84
CA GLU A 357 2.62 -41.43 -18.01
C GLU A 357 2.71 -42.45 -19.14
N VAL A 358 3.40 -42.08 -20.22
CA VAL A 358 3.64 -43.00 -21.35
C VAL A 358 4.68 -44.06 -20.96
N ALA A 359 5.50 -43.73 -19.95
CA ALA A 359 6.46 -44.69 -19.39
C ALA A 359 5.78 -45.75 -18.54
N ARG A 360 4.81 -45.32 -17.73
CA ARG A 360 4.06 -46.23 -16.86
C ARG A 360 3.02 -47.06 -17.61
N ALA A 361 2.60 -46.56 -18.78
CA ALA A 361 1.66 -47.27 -19.64
C ALA A 361 2.32 -48.47 -20.31
N VAL A 362 3.60 -48.33 -20.62
CA VAL A 362 4.40 -49.42 -21.21
C VAL A 362 4.72 -50.48 -20.14
N ASP A 363 4.91 -50.03 -18.90
CA ASP A 363 5.18 -50.93 -17.77
C ASP A 363 4.12 -52.02 -17.61
N ASP A 364 2.85 -51.66 -17.80
CA ASP A 364 1.75 -52.60 -17.75
C ASP A 364 1.69 -53.47 -19.00
N ALA A 365 2.08 -52.90 -20.14
CA ALA A 365 2.07 -53.60 -21.43
C ALA A 365 3.18 -54.63 -21.55
N VAL A 366 4.31 -54.38 -20.87
CA VAL A 366 5.43 -55.31 -20.82
C VAL A 366 5.08 -56.53 -19.97
N GLY A 367 4.42 -56.28 -18.84
CA GLY A 367 4.03 -57.32 -17.89
C GLY A 367 3.11 -58.38 -18.46
N VAL A 368 2.04 -57.95 -19.12
CA VAL A 368 1.02 -58.86 -19.66
C VAL A 368 1.55 -59.77 -20.77
N VAL A 369 2.37 -59.22 -21.67
CA VAL A 369 3.00 -59.99 -22.75
C VAL A 369 4.04 -60.95 -22.18
N GLY A 370 4.76 -60.49 -21.17
CA GLY A 370 5.74 -61.31 -20.45
C GLY A 370 5.09 -62.45 -19.68
N CYS A 371 3.89 -62.20 -19.16
CA CYS A 371 3.13 -63.22 -18.43
C CYS A 371 2.50 -64.25 -19.37
N THR A 372 2.14 -63.81 -20.57
CA THR A 372 1.55 -64.70 -21.58
C THR A 372 2.57 -65.71 -22.12
N ILE A 373 3.82 -65.26 -22.27
CA ILE A 373 4.90 -66.13 -22.72
C ILE A 373 5.26 -67.18 -21.66
N GLU A 374 5.26 -66.75 -20.39
CA GLU A 374 5.59 -67.64 -19.28
C GLU A 374 4.48 -68.64 -18.96
N ASP A 375 3.22 -68.20 -19.06
CA ASP A 375 2.07 -69.05 -18.72
C ASP A 375 1.47 -69.73 -19.94
N GLY A 376 0.99 -68.94 -20.89
CA GLY A 376 0.28 -69.48 -22.05
C GLY A 376 -1.10 -68.86 -22.21
N ARG A 377 -1.49 -68.04 -21.25
CA ARG A 377 -2.85 -68.08 -20.71
C ARG A 377 -3.46 -66.69 -20.63
N ILE A 378 -4.58 -66.51 -21.31
CA ILE A 378 -5.38 -65.28 -21.17
C ILE A 378 -6.86 -65.55 -20.89
N VAL A 379 -7.51 -64.57 -20.28
CA VAL A 379 -8.95 -64.62 -19.99
C VAL A 379 -9.65 -63.33 -20.45
N SER A 380 -10.95 -63.44 -20.74
CA SER A 380 -11.73 -62.31 -21.21
C SER A 380 -11.97 -61.27 -20.12
N GLY A 381 -11.73 -60.00 -20.47
CA GLY A 381 -11.88 -58.89 -19.55
C GLY A 381 -13.25 -58.22 -19.62
N GLY A 382 -13.38 -57.08 -18.95
CA GLY A 382 -14.63 -56.33 -18.90
C GLY A 382 -15.72 -57.00 -18.08
N GLY A 383 -15.30 -57.73 -17.04
CA GLY A 383 -16.20 -58.45 -16.16
C GLY A 383 -16.89 -59.62 -16.84
N SER A 384 -16.13 -60.34 -17.66
CA SER A 384 -16.67 -61.45 -18.44
C SER A 384 -16.44 -62.81 -17.76
N THR A 385 -15.20 -63.07 -17.36
CA THR A 385 -14.85 -64.31 -16.66
C THR A 385 -15.32 -64.32 -15.20
N GLU A 386 -15.70 -63.14 -14.70
CA GLU A 386 -16.23 -62.99 -13.35
C GLU A 386 -17.63 -63.57 -13.22
N VAL A 387 -18.38 -63.57 -14.32
CA VAL A 387 -19.73 -64.13 -14.36
C VAL A 387 -19.68 -65.65 -14.57
N GLU A 388 -18.76 -66.09 -15.42
CA GLU A 388 -18.57 -67.51 -15.72
C GLU A 388 -18.13 -68.29 -14.46
N LEU A 389 -17.22 -67.70 -13.69
CA LEU A 389 -16.72 -68.31 -12.46
C LEU A 389 -17.77 -68.28 -11.34
N SER A 390 -18.64 -67.27 -11.38
CA SER A 390 -19.69 -67.10 -10.37
C SER A 390 -20.79 -68.15 -10.47
N MET A 391 -21.20 -68.46 -11.70
CA MET A 391 -22.26 -69.45 -11.94
C MET A 391 -21.75 -70.88 -11.77
N LYS A 392 -20.45 -71.09 -12.00
CA LYS A 392 -19.83 -72.41 -11.89
C LYS A 392 -19.53 -72.79 -10.43
N LEU A 393 -19.47 -71.78 -9.56
CA LEU A 393 -19.24 -72.01 -8.13
C LEU A 393 -20.53 -72.13 -7.32
N ARG A 394 -21.62 -71.61 -7.86
CA ARG A 394 -22.94 -71.75 -7.25
C ARG A 394 -23.49 -73.16 -7.44
N GLU A 395 -23.22 -73.75 -8.60
CA GLU A 395 -23.58 -75.15 -8.86
C GLU A 395 -22.61 -76.11 -8.16
N TYR A 396 -21.40 -75.60 -7.88
CA TYR A 396 -20.42 -76.32 -7.08
C TYR A 396 -20.84 -76.32 -5.61
N ALA A 397 -21.49 -75.25 -5.18
CA ALA A 397 -22.03 -75.11 -3.83
C ALA A 397 -23.19 -76.08 -3.58
N GLU A 398 -23.94 -76.40 -4.64
CA GLU A 398 -25.07 -77.31 -4.57
C GLU A 398 -24.67 -78.72 -4.14
N GLY A 399 -23.44 -79.12 -4.49
CA GLY A 399 -22.91 -80.44 -4.11
C GLY A 399 -22.17 -80.45 -2.79
N ILE A 400 -22.37 -79.41 -1.98
CA ILE A 400 -21.74 -79.31 -0.66
C ILE A 400 -22.81 -79.32 0.43
N SER A 401 -22.71 -80.28 1.35
CA SER A 401 -23.65 -80.42 2.45
C SER A 401 -23.12 -79.75 3.73
N GLY A 402 -24.01 -79.07 4.43
CA GLY A 402 -23.66 -78.39 5.68
C GLY A 402 -23.89 -76.89 5.63
N ARG A 403 -23.36 -76.19 6.63
CA ARG A 403 -23.48 -74.73 6.73
C ARG A 403 -22.36 -74.02 5.96
N GLU A 404 -21.35 -74.80 5.57
CA GLU A 404 -20.23 -74.29 4.76
C GLU A 404 -20.64 -73.96 3.33
N GLN A 405 -21.79 -74.49 2.91
CA GLN A 405 -22.40 -74.20 1.61
C GLN A 405 -22.71 -72.72 1.46
N LEU A 406 -23.29 -72.13 2.51
CA LEU A 406 -23.67 -70.73 2.52
C LEU A 406 -22.48 -69.78 2.43
N ALA A 407 -21.31 -70.27 2.87
CA ALA A 407 -20.06 -69.54 2.74
C ALA A 407 -19.57 -69.56 1.30
N VAL A 408 -19.79 -70.68 0.62
CA VAL A 408 -19.45 -70.82 -0.80
C VAL A 408 -20.41 -70.01 -1.67
N ARG A 409 -21.69 -69.98 -1.26
CA ARG A 409 -22.71 -69.19 -1.94
C ARG A 409 -22.43 -67.69 -1.83
N ALA A 410 -22.00 -67.26 -0.64
CA ALA A 410 -21.61 -65.87 -0.41
C ALA A 410 -20.30 -65.52 -1.11
N PHE A 411 -19.45 -66.53 -1.31
CA PHE A 411 -18.19 -66.37 -2.04
C PHE A 411 -18.46 -66.16 -3.53
N ALA A 412 -19.44 -66.90 -4.06
CA ALA A 412 -19.81 -66.83 -5.46
C ALA A 412 -20.63 -65.59 -5.79
N ASP A 413 -21.47 -65.17 -4.84
CA ASP A 413 -22.28 -63.95 -4.99
C ASP A 413 -21.43 -62.68 -4.89
N ALA A 414 -20.26 -62.80 -4.26
CA ALA A 414 -19.31 -61.70 -4.12
C ALA A 414 -18.49 -61.48 -5.39
N LEU A 415 -18.47 -62.49 -6.27
CA LEU A 415 -17.71 -62.41 -7.53
C LEU A 415 -18.38 -61.51 -8.57
N GLU A 416 -19.66 -61.20 -8.34
CA GLU A 416 -20.43 -60.37 -9.27
C GLU A 416 -20.31 -58.87 -8.97
N VAL A 417 -19.38 -58.51 -8.10
CA VAL A 417 -19.16 -57.11 -7.72
C VAL A 417 -18.43 -56.31 -8.81
N ILE A 418 -17.47 -56.95 -9.48
CA ILE A 418 -16.68 -56.31 -10.53
C ILE A 418 -17.53 -55.94 -11.75
N PRO A 419 -18.35 -56.88 -12.28
CA PRO A 419 -19.25 -56.51 -13.38
C PRO A 419 -20.32 -55.50 -12.98
N ARG A 420 -20.67 -55.48 -11.69
CA ARG A 420 -21.64 -54.54 -11.15
C ARG A 420 -21.08 -53.13 -11.04
N THR A 421 -19.82 -53.03 -10.59
CA THR A 421 -19.13 -51.75 -10.45
C THR A 421 -18.70 -51.14 -11.79
N LEU A 422 -18.53 -52.01 -12.80
CA LEU A 422 -18.22 -51.56 -14.15
C LEU A 422 -19.37 -50.81 -14.80
N ALA A 423 -20.59 -51.13 -14.37
CA ALA A 423 -21.79 -50.42 -14.82
C ALA A 423 -22.05 -49.18 -13.98
N GLU A 424 -21.63 -49.23 -12.72
CA GLU A 424 -21.78 -48.11 -11.78
C GLU A 424 -21.03 -46.86 -12.25
N ASN A 425 -19.84 -47.06 -12.80
CA ASN A 425 -19.02 -45.96 -13.31
C ASN A 425 -19.27 -45.64 -14.78
N ALA A 426 -19.94 -46.56 -15.48
CA ALA A 426 -20.24 -46.38 -16.90
C ALA A 426 -21.42 -45.44 -17.13
N GLY A 427 -22.44 -45.56 -16.29
CA GLY A 427 -23.65 -44.75 -16.40
C GLY A 427 -24.91 -45.58 -16.51
N LEU A 428 -24.75 -46.82 -16.98
CA LEU A 428 -25.88 -47.74 -17.14
C LEU A 428 -26.28 -48.36 -15.80
N ASP A 429 -27.48 -48.95 -15.77
CA ASP A 429 -28.02 -49.56 -14.55
C ASP A 429 -27.26 -50.83 -14.17
N ALA A 430 -26.83 -50.90 -12.91
CA ALA A 430 -26.06 -52.03 -12.40
C ALA A 430 -26.96 -53.23 -12.03
N ILE A 431 -28.27 -53.03 -12.10
CA ILE A 431 -29.24 -54.06 -11.74
C ILE A 431 -29.75 -54.78 -13.00
N GLU A 432 -29.84 -54.04 -14.11
CA GLU A 432 -30.38 -54.57 -15.36
C GLU A 432 -29.39 -55.45 -16.12
N ILE A 433 -28.15 -54.97 -16.26
CA ILE A 433 -27.10 -55.69 -17.00
C ILE A 433 -26.64 -56.94 -16.25
N LEU A 434 -26.65 -56.88 -14.92
CA LEU A 434 -26.26 -57.99 -14.05
C LEU A 434 -27.11 -59.24 -14.29
N VAL A 435 -28.30 -59.03 -14.86
CA VAL A 435 -29.21 -60.12 -15.23
C VAL A 435 -28.97 -60.56 -16.68
N LYS A 436 -28.71 -59.59 -17.56
CA LYS A 436 -28.51 -59.82 -18.99
C LYS A 436 -27.30 -60.72 -19.29
N VAL A 437 -26.19 -60.48 -18.60
CA VAL A 437 -24.96 -61.25 -18.78
C VAL A 437 -25.08 -62.62 -18.09
N ARG A 438 -25.74 -62.64 -16.94
CA ARG A 438 -25.94 -63.87 -16.16
C ARG A 438 -26.76 -64.91 -16.92
N ALA A 439 -27.77 -64.45 -17.65
CA ALA A 439 -28.60 -65.32 -18.47
C ALA A 439 -27.90 -65.74 -19.77
N ALA A 440 -26.93 -64.94 -20.19
CA ALA A 440 -26.15 -65.20 -21.40
C ALA A 440 -24.92 -66.07 -21.15
N HIS A 441 -24.83 -66.61 -19.94
CA HIS A 441 -23.74 -67.52 -19.56
C HIS A 441 -24.23 -68.95 -19.32
N ALA A 442 -25.53 -69.10 -19.12
CA ALA A 442 -26.16 -70.39 -18.81
C ALA A 442 -25.94 -71.45 -19.90
N SER A 443 -26.12 -72.72 -19.52
CA SER A 443 -25.92 -73.88 -20.40
C SER A 443 -24.51 -73.98 -20.99
N ASN A 444 -24.29 -73.39 -22.16
CA ASN A 444 -23.01 -73.45 -22.84
C ASN A 444 -22.36 -72.07 -23.02
N GLY A 445 -22.84 -71.32 -24.02
CA GLY A 445 -22.29 -70.00 -24.33
C GLY A 445 -22.62 -68.95 -23.29
N ASN A 446 -21.80 -67.89 -23.22
CA ASN A 446 -20.65 -67.72 -24.11
C ASN A 446 -19.30 -68.02 -23.46
N LYS A 447 -19.21 -67.78 -22.16
CA LYS A 447 -17.95 -67.83 -21.40
C LYS A 447 -17.13 -66.56 -21.63
N CYS A 448 -17.29 -65.96 -22.81
CA CYS A 448 -16.57 -64.76 -23.20
C CYS A 448 -17.49 -63.54 -23.34
N ALA A 449 -18.70 -63.65 -22.81
CA ALA A 449 -19.67 -62.54 -22.85
C ALA A 449 -19.43 -61.56 -21.72
N GLY A 450 -19.31 -60.27 -22.07
CA GLY A 450 -19.06 -59.21 -21.10
C GLY A 450 -19.67 -57.88 -21.49
N LEU A 451 -19.51 -56.89 -20.61
CA LEU A 451 -20.06 -55.56 -20.82
C LEU A 451 -19.06 -54.61 -21.48
N ASN A 452 -19.45 -54.04 -22.62
CA ASN A 452 -18.67 -53.00 -23.28
C ASN A 452 -19.24 -51.64 -22.92
N VAL A 453 -18.47 -50.86 -22.17
CA VAL A 453 -18.92 -49.59 -21.60
C VAL A 453 -19.21 -48.50 -22.63
N PHE A 454 -18.57 -48.61 -23.81
CA PHE A 454 -18.74 -47.63 -24.88
C PHE A 454 -19.98 -47.94 -25.72
N THR A 455 -20.21 -49.22 -25.99
CA THR A 455 -21.35 -49.66 -26.78
C THR A 455 -22.63 -49.66 -25.95
N GLY A 456 -22.55 -50.19 -24.73
CA GLY A 456 -23.69 -50.25 -23.82
C GLY A 456 -24.27 -51.65 -23.70
N ALA A 457 -24.51 -52.28 -24.84
CA ALA A 457 -25.05 -53.64 -24.88
C ALA A 457 -23.98 -54.69 -24.60
N VAL A 458 -24.41 -55.86 -24.13
CA VAL A 458 -23.52 -56.97 -23.82
C VAL A 458 -22.93 -57.57 -25.12
N GLU A 459 -21.60 -57.59 -25.20
CA GLU A 459 -20.89 -58.07 -26.39
C GLU A 459 -19.89 -59.17 -26.06
N ASP A 460 -19.49 -59.92 -27.08
CA ASP A 460 -18.48 -60.96 -26.95
C ASP A 460 -17.09 -60.31 -26.86
N MET A 461 -16.43 -60.50 -25.72
CA MET A 461 -15.16 -59.83 -25.44
C MET A 461 -13.98 -60.39 -26.22
N CYS A 462 -14.10 -61.63 -26.70
CA CYS A 462 -13.05 -62.25 -27.49
C CYS A 462 -12.90 -61.59 -28.85
N GLU A 463 -14.04 -61.21 -29.44
CA GLU A 463 -14.07 -60.58 -30.76
C GLU A 463 -13.80 -59.07 -30.68
N ASN A 464 -14.04 -58.49 -29.51
CA ASN A 464 -13.80 -57.05 -29.28
C ASN A 464 -12.33 -56.71 -29.11
N GLY A 465 -11.56 -57.65 -28.56
CA GLY A 465 -10.13 -57.44 -28.30
C GLY A 465 -9.85 -57.06 -26.86
N VAL A 466 -10.80 -57.33 -25.98
CA VAL A 466 -10.67 -57.04 -24.55
C VAL A 466 -10.24 -58.31 -23.83
N VAL A 467 -8.92 -58.48 -23.68
CA VAL A 467 -8.35 -59.68 -23.06
C VAL A 467 -7.28 -59.36 -22.01
N GLU A 468 -7.30 -60.13 -20.92
CA GLU A 468 -6.36 -59.98 -19.81
C GLU A 468 -5.66 -61.29 -19.52
N PRO A 469 -4.39 -61.25 -19.08
CA PRO A 469 -3.69 -62.47 -18.67
C PRO A 469 -4.38 -63.17 -17.50
N LEU A 470 -4.19 -64.48 -17.41
CA LEU A 470 -4.80 -65.30 -16.34
C LEU A 470 -4.25 -64.94 -14.95
N ARG A 471 -3.01 -64.46 -14.91
CA ARG A 471 -2.37 -64.08 -13.66
C ARG A 471 -3.01 -62.84 -13.02
N VAL A 472 -3.64 -62.01 -13.85
CA VAL A 472 -4.35 -60.82 -13.36
C VAL A 472 -5.58 -61.21 -12.53
N LYS A 473 -6.21 -62.33 -12.88
CA LYS A 473 -7.40 -62.81 -12.19
C LYS A 473 -7.09 -63.83 -11.09
N THR A 474 -6.14 -64.72 -11.33
CA THR A 474 -5.79 -65.78 -10.38
C THR A 474 -5.07 -65.26 -9.13
N GLN A 475 -4.19 -64.27 -9.32
CA GLN A 475 -3.46 -63.63 -8.21
C GLN A 475 -4.40 -62.77 -7.37
N ALA A 476 -5.27 -62.01 -8.04
CA ALA A 476 -6.21 -61.11 -7.37
C ALA A 476 -7.20 -61.83 -6.47
N ILE A 477 -7.63 -63.02 -6.88
CA ILE A 477 -8.55 -63.83 -6.08
C ILE A 477 -7.85 -64.46 -4.88
N GLN A 478 -6.66 -65.02 -5.11
CA GLN A 478 -5.89 -65.69 -4.06
C GLN A 478 -5.36 -64.72 -3.01
N SER A 479 -4.99 -63.52 -3.44
CA SER A 479 -4.50 -62.47 -2.53
C SER A 479 -5.62 -61.88 -1.68
N ALA A 480 -6.82 -61.81 -2.24
CA ALA A 480 -7.99 -61.29 -1.54
C ALA A 480 -8.61 -62.33 -0.61
N ALA A 481 -8.56 -63.60 -1.03
CA ALA A 481 -9.11 -64.70 -0.23
C ALA A 481 -8.29 -64.96 1.03
N GLU A 482 -6.97 -65.02 0.88
CA GLU A 482 -6.05 -65.26 1.99
C GLU A 482 -6.06 -64.13 3.03
N SER A 483 -6.30 -62.91 2.56
CA SER A 483 -6.35 -61.73 3.44
C SER A 483 -7.65 -61.68 4.24
N THR A 484 -8.78 -61.96 3.57
CA THR A 484 -10.09 -61.95 4.21
C THR A 484 -10.29 -63.13 5.17
N GLU A 485 -9.63 -64.24 4.89
CA GLU A 485 -9.66 -65.42 5.76
C GLU A 485 -8.94 -65.13 7.09
N MET A 486 -7.86 -64.36 7.02
CA MET A 486 -7.09 -63.97 8.20
C MET A 486 -7.82 -62.90 9.02
N LEU A 487 -8.50 -61.99 8.34
CA LEU A 487 -9.24 -60.89 8.98
C LEU A 487 -10.48 -61.38 9.71
N LEU A 488 -11.08 -62.45 9.21
CA LEU A 488 -12.26 -63.07 9.85
C LEU A 488 -11.86 -63.97 11.02
N ARG A 489 -10.57 -64.01 11.33
CA ARG A 489 -10.05 -64.80 12.44
C ARG A 489 -9.58 -63.91 13.61
N ILE A 490 -10.12 -62.69 13.67
CA ILE A 490 -9.78 -61.75 14.73
C ILE A 490 -11.04 -61.40 15.54
N ASP A 491 -10.95 -61.58 16.86
CA ASP A 491 -12.06 -61.27 17.77
C ASP A 491 -11.67 -60.30 18.88
N ASP A 492 -10.37 -60.08 19.05
CA ASP A 492 -9.86 -59.16 20.05
C ASP A 492 -8.74 -58.30 19.47
N VAL A 493 -8.83 -56.99 19.71
CA VAL A 493 -7.85 -56.03 19.19
C VAL A 493 -7.10 -55.35 20.34
N ILE A 494 -5.78 -55.43 20.32
CA ILE A 494 -4.93 -54.79 21.32
C ILE A 494 -4.12 -53.67 20.67
N ALA A 495 -4.48 -52.43 20.98
CA ALA A 495 -3.81 -51.26 20.43
C ALA A 495 -3.29 -50.33 21.54
N ALA A 496 -1.98 -50.37 21.76
CA ALA A 496 -1.34 -49.52 22.76
C ALA A 496 -1.08 -48.11 22.20
N GLU A 497 -0.64 -47.21 23.08
CA GLU A 497 -0.37 -45.81 22.73
C GLU A 497 -1.63 -45.09 22.23
N ASN B 11 -8.53 -39.61 8.61
CA ASN B 11 -7.45 -38.59 8.43
C ASN B 11 -7.18 -38.27 6.95
N MET B 12 -7.38 -37.01 6.55
CA MET B 12 -7.84 -35.96 7.45
C MET B 12 -9.15 -35.31 6.99
N LYS B 13 -9.29 -35.10 5.68
CA LYS B 13 -10.50 -34.52 5.10
C LYS B 13 -10.96 -35.30 3.87
N ARG B 14 -12.24 -35.69 3.87
CA ARG B 14 -12.84 -36.43 2.76
C ARG B 14 -14.34 -36.16 2.62
N TYR B 15 -14.78 -35.95 1.39
CA TYR B 15 -16.20 -35.81 1.07
C TYR B 15 -16.65 -36.99 0.22
N MET B 16 -17.86 -37.48 0.48
CA MET B 16 -18.36 -38.71 -0.16
C MET B 16 -19.31 -38.47 -1.33
N GLY B 17 -18.88 -38.89 -2.52
CA GLY B 17 -19.71 -38.89 -3.73
C GLY B 17 -20.39 -37.58 -4.07
N ARG B 18 -21.64 -37.45 -3.62
CA ARG B 18 -22.47 -36.27 -3.89
C ARG B 18 -21.97 -35.02 -3.17
N ASP B 19 -21.33 -35.23 -2.02
CA ASP B 19 -20.75 -34.15 -1.22
C ASP B 19 -19.38 -33.71 -1.75
N ALA B 20 -18.79 -34.52 -2.62
CA ALA B 20 -17.49 -34.22 -3.23
C ALA B 20 -17.64 -33.56 -4.59
N GLN B 21 -18.62 -34.02 -5.37
CA GLN B 21 -18.90 -33.47 -6.69
C GLN B 21 -19.42 -32.04 -6.59
N ARG B 22 -20.30 -31.80 -5.62
CA ARG B 22 -20.89 -30.47 -5.40
C ARG B 22 -19.88 -29.50 -4.77
N MET B 23 -18.92 -30.06 -4.03
CA MET B 23 -17.85 -29.26 -3.40
C MET B 23 -16.88 -28.69 -4.43
N ASN B 24 -16.61 -29.47 -5.48
CA ASN B 24 -15.70 -29.06 -6.55
C ASN B 24 -16.35 -28.11 -7.58
N ILE B 25 -17.63 -28.34 -7.85
CA ILE B 25 -18.38 -27.51 -8.80
C ILE B 25 -18.64 -26.11 -8.24
N LEU B 26 -18.98 -26.05 -6.95
CA LEU B 26 -19.24 -24.78 -6.26
C LEU B 26 -17.98 -23.93 -6.13
N ALA B 27 -16.83 -24.59 -5.95
CA ALA B 27 -15.54 -23.91 -5.82
C ALA B 27 -15.06 -23.30 -7.13
N GLY B 28 -15.44 -23.92 -8.25
CA GLY B 28 -15.09 -23.42 -9.58
C GLY B 28 -16.00 -22.29 -10.02
N ARG B 29 -17.24 -22.31 -9.56
CA ARG B 29 -18.23 -21.29 -9.90
C ARG B 29 -18.07 -20.00 -9.12
N ILE B 30 -17.62 -20.12 -7.86
CA ILE B 30 -17.48 -18.97 -6.97
C ILE B 30 -16.34 -18.02 -7.38
N ILE B 31 -15.29 -18.59 -7.97
CA ILE B 31 -14.17 -17.79 -8.49
C ILE B 31 -14.44 -17.27 -9.89
N ALA B 32 -15.40 -17.89 -10.57
CA ALA B 32 -15.84 -17.46 -11.90
C ALA B 32 -16.69 -16.20 -11.84
N GLU B 33 -17.47 -16.07 -10.77
CA GLU B 33 -18.31 -14.89 -10.54
C GLU B 33 -17.48 -13.68 -10.09
N THR B 34 -16.28 -13.94 -9.59
CA THR B 34 -15.36 -12.89 -9.15
C THR B 34 -14.83 -12.08 -10.35
N VAL B 35 -14.64 -12.76 -11.48
CA VAL B 35 -14.15 -12.12 -12.71
C VAL B 35 -15.23 -11.98 -13.78
N ARG B 36 -16.49 -12.24 -13.40
CA ARG B 36 -17.61 -12.21 -14.35
C ARG B 36 -18.06 -10.80 -14.70
N SER B 37 -17.80 -9.84 -13.82
CA SER B 37 -18.21 -8.46 -14.03
C SER B 37 -17.19 -7.70 -14.88
N THR B 38 -15.96 -8.20 -14.91
CA THR B 38 -14.85 -7.51 -15.58
C THR B 38 -14.97 -7.53 -17.10
N LEU B 39 -15.74 -8.49 -17.62
CA LEU B 39 -15.88 -8.71 -19.05
C LEU B 39 -16.72 -7.61 -19.73
N GLY B 40 -16.25 -7.16 -20.89
CA GLY B 40 -16.98 -6.17 -21.69
C GLY B 40 -16.38 -4.77 -21.64
N PRO B 41 -16.65 -3.94 -22.67
CA PRO B 41 -16.21 -2.55 -22.74
C PRO B 41 -16.70 -1.71 -21.57
N LYS B 42 -17.90 -2.03 -21.07
CA LYS B 42 -18.42 -1.42 -19.84
C LYS B 42 -18.27 -2.39 -18.66
N GLY B 43 -17.09 -3.00 -18.57
CA GLY B 43 -16.77 -3.92 -17.49
C GLY B 43 -16.15 -3.23 -16.29
N MET B 44 -16.14 -3.93 -15.16
CA MET B 44 -15.68 -3.36 -13.88
C MET B 44 -14.25 -3.77 -13.53
N ASP B 45 -13.60 -2.97 -12.68
CA ASP B 45 -12.24 -3.27 -12.23
C ASP B 45 -12.21 -3.84 -10.81
N LYS B 46 -11.10 -4.49 -10.46
CA LYS B 46 -10.95 -5.13 -9.15
C LYS B 46 -9.71 -4.62 -8.41
N MET B 47 -9.89 -4.31 -7.12
CA MET B 47 -8.80 -3.87 -6.27
C MET B 47 -8.42 -4.98 -5.29
N LEU B 48 -7.14 -5.36 -5.30
CA LEU B 48 -6.64 -6.46 -4.49
C LEU B 48 -5.65 -5.97 -3.44
N VAL B 49 -5.98 -6.18 -2.17
CA VAL B 49 -5.10 -5.83 -1.06
C VAL B 49 -4.65 -7.11 -0.34
N ASP B 50 -3.38 -7.44 -0.49
CA ASP B 50 -2.82 -8.67 0.10
C ASP B 50 -2.28 -8.42 1.52
N ASP B 51 -1.37 -9.28 1.95
CA ASP B 51 -0.79 -9.22 3.31
C ASP B 51 0.12 -8.01 3.55
N LEU B 52 0.86 -7.60 2.51
CA LEU B 52 1.81 -6.50 2.62
C LEU B 52 1.15 -5.12 2.69
N GLY B 53 -0.09 -5.04 2.20
CA GLY B 53 -0.80 -3.77 2.11
C GLY B 53 -0.56 -3.07 0.78
N ASP B 54 0.06 -3.80 -0.15
CA ASP B 54 0.33 -3.29 -1.49
C ASP B 54 -0.96 -3.22 -2.31
N VAL B 55 -1.18 -2.07 -2.94
CA VAL B 55 -2.39 -1.82 -3.71
C VAL B 55 -2.15 -1.95 -5.21
N VAL B 56 -3.09 -2.60 -5.90
CA VAL B 56 -3.07 -2.73 -7.36
C VAL B 56 -4.49 -2.94 -7.90
N VAL B 57 -4.87 -2.10 -8.87
CA VAL B 57 -6.20 -2.17 -9.50
C VAL B 57 -6.07 -2.66 -10.94
N THR B 58 -6.79 -3.74 -11.26
CA THR B 58 -6.73 -4.33 -12.59
C THR B 58 -8.06 -4.95 -13.05
N ASN B 59 -8.30 -4.88 -14.35
CA ASN B 59 -9.46 -5.49 -14.99
C ASN B 59 -9.11 -6.87 -15.56
N ASP B 60 -7.84 -7.03 -15.95
CA ASP B 60 -7.32 -8.26 -16.54
C ASP B 60 -7.59 -9.47 -15.65
N GLY B 61 -8.29 -10.46 -16.22
CA GLY B 61 -8.76 -11.63 -15.46
C GLY B 61 -7.70 -12.55 -14.89
N VAL B 62 -6.56 -12.64 -15.58
CA VAL B 62 -5.49 -13.55 -15.16
C VAL B 62 -4.63 -13.00 -14.01
N THR B 63 -4.45 -11.68 -13.99
CA THR B 63 -3.63 -11.02 -12.96
C THR B 63 -4.32 -10.98 -11.59
N ILE B 64 -5.64 -11.07 -11.60
CA ILE B 64 -6.44 -11.11 -10.37
C ILE B 64 -6.29 -12.46 -9.67
N LEU B 65 -6.47 -13.54 -10.43
CA LEU B 65 -6.47 -14.91 -9.89
C LEU B 65 -5.10 -15.40 -9.41
N ARG B 66 -4.03 -14.82 -9.95
CA ARG B 66 -2.67 -15.25 -9.61
C ARG B 66 -2.15 -14.68 -8.30
N GLU B 67 -2.44 -13.40 -8.05
CA GLU B 67 -1.85 -12.68 -6.91
C GLU B 67 -2.79 -12.51 -5.71
N MET B 68 -3.98 -13.07 -5.78
CA MET B 68 -4.91 -13.05 -4.64
C MET B 68 -4.88 -14.36 -3.85
N SER B 69 -5.32 -14.30 -2.60
CA SER B 69 -5.29 -15.45 -1.70
C SER B 69 -6.39 -16.47 -2.00
N VAL B 70 -6.01 -17.54 -2.69
CA VAL B 70 -6.90 -18.66 -3.00
C VAL B 70 -6.35 -19.92 -2.33
N GLU B 71 -7.21 -20.64 -1.62
CA GLU B 71 -6.76 -21.80 -0.83
C GLU B 71 -7.49 -23.12 -1.12
N HIS B 72 -8.67 -23.05 -1.72
CA HIS B 72 -9.44 -24.25 -2.04
C HIS B 72 -8.78 -25.06 -3.16
N PRO B 73 -8.59 -26.38 -2.94
CA PRO B 73 -7.91 -27.28 -3.90
C PRO B 73 -8.55 -27.31 -5.29
N ALA B 74 -9.87 -27.24 -5.36
CA ALA B 74 -10.60 -27.26 -6.62
C ALA B 74 -10.49 -25.94 -7.39
N ALA B 75 -10.34 -24.85 -6.65
CA ALA B 75 -10.22 -23.52 -7.23
C ALA B 75 -8.84 -23.27 -7.83
N LYS B 76 -7.81 -23.87 -7.25
CA LYS B 76 -6.43 -23.74 -7.72
C LYS B 76 -6.18 -24.39 -9.07
N MET B 77 -6.98 -25.41 -9.40
CA MET B 77 -6.86 -26.11 -10.67
C MET B 77 -7.44 -25.32 -11.84
N LEU B 78 -8.35 -24.40 -11.55
CA LEU B 78 -8.98 -23.56 -12.58
C LEU B 78 -8.15 -22.31 -12.89
N ILE B 79 -7.15 -22.03 -12.06
CA ILE B 79 -6.22 -20.92 -12.30
C ILE B 79 -5.08 -21.35 -13.25
N GLU B 80 -5.21 -22.54 -13.81
CA GLU B 80 -4.27 -23.06 -14.81
C GLU B 80 -4.79 -22.83 -16.23
N VAL B 81 -6.09 -22.55 -16.34
CA VAL B 81 -6.74 -22.28 -17.62
C VAL B 81 -6.35 -20.90 -18.14
N ALA B 82 -6.51 -19.89 -17.29
CA ALA B 82 -6.16 -18.50 -17.62
C ALA B 82 -4.64 -18.31 -17.71
N LYS B 83 -3.90 -19.09 -16.92
CA LYS B 83 -2.44 -19.06 -16.93
C LYS B 83 -1.87 -19.59 -18.24
N THR B 84 -2.58 -20.54 -18.84
CA THR B 84 -2.22 -21.07 -20.16
C THR B 84 -2.94 -20.31 -21.29
N GLN B 85 -3.82 -19.38 -20.92
CA GLN B 85 -4.48 -18.50 -21.88
C GLN B 85 -3.61 -17.29 -22.19
N GLU B 86 -2.99 -16.73 -21.15
CA GLU B 86 -2.06 -15.61 -21.31
C GLU B 86 -0.71 -16.07 -21.89
N LYS B 87 -0.41 -17.35 -21.72
CA LYS B 87 0.83 -17.95 -22.22
C LYS B 87 0.74 -18.25 -23.72
N GLU B 88 -0.43 -18.69 -24.16
CA GLU B 88 -0.63 -19.08 -25.55
C GLU B 88 -1.18 -17.94 -26.41
N VAL B 89 -2.20 -17.24 -25.92
CA VAL B 89 -2.84 -16.16 -26.66
C VAL B 89 -2.52 -14.78 -26.08
N GLY B 90 -2.99 -14.55 -24.85
CA GLY B 90 -2.81 -13.26 -24.18
C GLY B 90 -4.15 -12.63 -23.84
N ASP B 91 -4.92 -12.30 -24.88
CA ASP B 91 -6.24 -11.70 -24.72
C ASP B 91 -7.32 -12.79 -24.71
N GLY B 92 -8.30 -12.63 -23.83
CA GLY B 92 -9.38 -13.61 -23.67
C GLY B 92 -9.21 -14.48 -22.45
N THR B 93 -8.51 -13.95 -21.45
CA THR B 93 -8.28 -14.66 -20.18
C THR B 93 -9.54 -14.67 -19.32
N THR B 94 -10.34 -13.61 -19.43
CA THR B 94 -11.60 -13.49 -18.72
C THR B 94 -12.66 -14.43 -19.30
N THR B 95 -12.71 -14.50 -20.63
CA THR B 95 -13.69 -15.32 -21.34
C THR B 95 -13.48 -16.82 -21.12
N ALA B 96 -12.23 -17.23 -20.92
CA ALA B 96 -11.88 -18.64 -20.72
C ALA B 96 -12.34 -19.18 -19.37
N VAL B 97 -12.43 -18.30 -18.37
CA VAL B 97 -12.82 -18.68 -17.01
C VAL B 97 -14.35 -18.75 -16.86
N VAL B 98 -15.04 -17.76 -17.41
CA VAL B 98 -16.51 -17.67 -17.32
C VAL B 98 -17.22 -18.85 -17.99
N VAL B 99 -16.71 -19.26 -19.16
CA VAL B 99 -17.23 -20.42 -19.89
C VAL B 99 -17.12 -21.69 -19.05
N ALA B 100 -15.95 -21.89 -18.42
CA ALA B 100 -15.70 -23.05 -17.56
C ALA B 100 -16.66 -23.12 -16.38
N GLY B 101 -17.09 -21.96 -15.88
CA GLY B 101 -18.05 -21.88 -14.79
C GLY B 101 -19.47 -22.26 -15.20
N GLU B 102 -19.84 -21.87 -16.42
CA GLU B 102 -21.16 -22.19 -16.97
C GLU B 102 -21.27 -23.66 -17.37
N LEU B 103 -20.14 -24.24 -17.76
CA LEU B 103 -20.07 -25.67 -18.10
C LEU B 103 -20.25 -26.55 -16.87
N LEU B 104 -19.92 -25.99 -15.69
CA LEU B 104 -20.12 -26.68 -14.42
C LEU B 104 -21.55 -26.51 -13.91
N ARG B 105 -22.18 -25.38 -14.26
CA ARG B 105 -23.56 -25.10 -13.88
C ARG B 105 -24.53 -25.96 -14.69
N LYS B 106 -24.25 -26.11 -15.99
CA LYS B 106 -25.05 -26.93 -16.88
C LYS B 106 -24.81 -28.42 -16.67
N ALA B 107 -23.70 -28.76 -16.01
CA ALA B 107 -23.35 -30.15 -15.71
C ALA B 107 -24.09 -30.68 -14.47
N GLU B 108 -24.12 -29.88 -13.41
CA GLU B 108 -24.77 -30.27 -12.16
C GLU B 108 -26.30 -30.32 -12.26
N GLU B 109 -26.83 -29.67 -13.29
CA GLU B 109 -28.26 -29.77 -13.63
C GLU B 109 -28.56 -31.16 -14.18
N LEU B 110 -27.57 -31.74 -14.86
CA LEU B 110 -27.69 -33.10 -15.41
C LEU B 110 -27.36 -34.16 -14.35
N LEU B 111 -26.50 -33.80 -13.41
CA LEU B 111 -26.08 -34.72 -12.33
C LEU B 111 -27.19 -34.99 -11.32
N ASP B 112 -28.04 -34.01 -11.09
CA ASP B 112 -29.18 -34.15 -10.18
C ASP B 112 -30.32 -34.98 -10.79
N GLN B 113 -30.29 -35.11 -12.12
CA GLN B 113 -31.28 -35.91 -12.83
C GLN B 113 -30.79 -37.35 -13.07
N ASN B 114 -29.72 -37.72 -12.36
CA ASN B 114 -29.11 -39.06 -12.43
C ASN B 114 -28.56 -39.47 -13.80
N VAL B 115 -28.17 -38.49 -14.61
CA VAL B 115 -27.44 -38.73 -15.84
C VAL B 115 -25.96 -38.89 -15.48
N HIS B 116 -25.40 -40.05 -15.81
CA HIS B 116 -24.04 -40.42 -15.40
C HIS B 116 -22.97 -39.49 -15.97
N PRO B 117 -21.99 -39.09 -15.13
CA PRO B 117 -20.88 -38.19 -15.51
C PRO B 117 -20.11 -38.62 -16.76
N THR B 118 -20.02 -39.91 -17.02
CA THR B 118 -19.29 -40.43 -18.18
C THR B 118 -20.09 -40.29 -19.48
N ILE B 119 -21.41 -40.18 -19.35
CA ILE B 119 -22.28 -39.87 -20.49
C ILE B 119 -22.20 -38.37 -20.76
N VAL B 120 -21.97 -37.60 -19.69
CA VAL B 120 -21.78 -36.15 -19.77
C VAL B 120 -20.44 -35.82 -20.44
N VAL B 121 -19.38 -36.52 -20.00
CA VAL B 121 -18.03 -36.33 -20.57
C VAL B 121 -17.95 -36.88 -22.02
N LYS B 122 -18.88 -37.76 -22.37
CA LYS B 122 -18.96 -38.32 -23.71
C LYS B 122 -19.50 -37.30 -24.71
N GLY B 123 -20.48 -36.51 -24.27
CA GLY B 123 -21.09 -35.48 -25.10
C GLY B 123 -20.32 -34.17 -25.11
N TYR B 124 -19.70 -33.84 -23.99
CA TYR B 124 -18.92 -32.61 -23.84
C TYR B 124 -17.68 -32.60 -24.74
N GLN B 125 -17.03 -33.75 -24.87
CA GLN B 125 -15.84 -33.88 -25.73
C GLN B 125 -16.23 -33.91 -27.21
N ALA B 126 -17.35 -34.59 -27.51
CA ALA B 126 -17.85 -34.70 -28.88
C ALA B 126 -18.35 -33.37 -29.44
N ALA B 127 -18.89 -32.53 -28.55
CA ALA B 127 -19.35 -31.20 -28.92
C ALA B 127 -18.20 -30.21 -29.10
N ALA B 128 -17.18 -30.34 -28.25
CA ALA B 128 -15.97 -29.52 -28.34
C ALA B 128 -15.13 -29.89 -29.56
N GLN B 129 -15.24 -31.14 -29.99
CA GLN B 129 -14.57 -31.64 -31.19
C GLN B 129 -15.25 -31.09 -32.45
N LYS B 130 -16.56 -30.88 -32.36
CA LYS B 130 -17.34 -30.32 -33.46
C LYS B 130 -17.28 -28.80 -33.48
N ALA B 131 -17.16 -28.19 -32.30
CA ALA B 131 -17.07 -26.73 -32.17
C ALA B 131 -15.80 -26.18 -32.83
N GLN B 132 -14.73 -26.97 -32.81
CA GLN B 132 -13.46 -26.58 -33.41
C GLN B 132 -13.47 -26.64 -34.93
N GLU B 133 -14.24 -27.59 -35.48
CA GLU B 133 -14.35 -27.73 -36.94
C GLU B 133 -15.48 -26.88 -37.54
N LEU B 134 -16.30 -26.29 -36.67
CA LEU B 134 -17.34 -25.35 -37.09
C LEU B 134 -16.86 -23.90 -37.04
N LEU B 135 -15.90 -23.64 -36.15
CA LEU B 135 -15.29 -22.31 -36.02
C LEU B 135 -14.39 -21.98 -37.22
N LYS B 136 -13.84 -23.01 -37.85
CA LYS B 136 -12.97 -22.85 -39.01
C LYS B 136 -13.72 -22.37 -40.25
N THR B 137 -14.97 -22.82 -40.38
CA THR B 137 -15.82 -22.45 -41.52
C THR B 137 -16.38 -21.02 -41.41
N ILE B 138 -16.61 -20.57 -40.18
CA ILE B 138 -17.17 -19.24 -39.93
C ILE B 138 -16.11 -18.16 -39.77
N ALA B 139 -14.84 -18.58 -39.69
CA ALA B 139 -13.71 -17.65 -39.56
C ALA B 139 -13.39 -16.95 -40.87
N CYS B 140 -13.07 -15.66 -40.78
CA CYS B 140 -12.73 -14.85 -41.94
C CYS B 140 -11.22 -14.81 -42.18
N GLU B 141 -10.82 -14.90 -43.44
CA GLU B 141 -9.41 -14.93 -43.83
C GLU B 141 -8.88 -13.51 -44.05
N VAL B 142 -7.81 -13.17 -43.35
CA VAL B 142 -7.20 -11.85 -43.46
C VAL B 142 -5.89 -11.92 -44.25
N GLY B 143 -5.98 -12.33 -45.51
CA GLY B 143 -4.88 -12.18 -46.45
C GLY B 143 -3.65 -11.57 -45.80
N ALA B 144 -2.64 -12.38 -45.58
CA ALA B 144 -1.64 -12.10 -44.53
C ALA B 144 -1.14 -10.66 -44.53
N GLN B 145 -1.20 -10.00 -45.69
CA GLN B 145 -0.73 -8.62 -45.83
C GLN B 145 -1.84 -7.64 -46.23
N ASP B 146 -3.09 -8.01 -45.96
CA ASP B 146 -4.22 -7.12 -46.17
C ASP B 146 -4.26 -6.12 -45.02
N LYS B 147 -3.50 -5.03 -45.16
CA LYS B 147 -3.21 -4.11 -44.08
C LYS B 147 -4.40 -3.30 -43.56
N GLU B 148 -5.40 -3.09 -44.40
CA GLU B 148 -6.61 -2.36 -44.00
C GLU B 148 -7.48 -3.18 -43.03
N ILE B 149 -7.45 -4.50 -43.19
CA ILE B 149 -8.15 -5.41 -42.29
C ILE B 149 -7.30 -5.66 -41.04
N LEU B 150 -5.99 -5.77 -41.22
CA LEU B 150 -5.03 -5.94 -40.12
C LEU B 150 -5.05 -4.76 -39.14
N THR B 151 -5.34 -3.57 -39.66
CA THR B 151 -5.51 -2.38 -38.84
C THR B 151 -6.78 -2.49 -37.98
N LYS B 152 -7.84 -3.03 -38.57
CA LYS B 152 -9.10 -3.27 -37.88
C LYS B 152 -8.97 -4.32 -36.78
N ILE B 153 -8.19 -5.37 -37.06
CA ILE B 153 -7.92 -6.43 -36.10
C ILE B 153 -7.11 -5.88 -34.92
N ALA B 154 -6.13 -5.04 -35.21
CA ALA B 154 -5.34 -4.36 -34.19
C ALA B 154 -6.19 -3.36 -33.41
N MET B 155 -7.10 -2.68 -34.10
CA MET B 155 -8.01 -1.72 -33.49
C MET B 155 -8.98 -2.39 -32.53
N THR B 156 -9.43 -3.59 -32.90
CA THR B 156 -10.35 -4.39 -32.08
C THR B 156 -9.66 -4.90 -30.81
N SER B 157 -8.34 -5.10 -30.90
CA SER B 157 -7.54 -5.57 -29.77
C SER B 157 -7.29 -4.48 -28.73
N ILE B 158 -7.01 -3.26 -29.21
CA ILE B 158 -6.81 -2.10 -28.34
C ILE B 158 -8.15 -1.73 -27.66
N THR B 159 -9.24 -1.82 -28.42
CA THR B 159 -10.58 -1.67 -27.87
C THR B 159 -10.88 -2.86 -26.95
N GLY B 160 -11.55 -2.59 -25.84
CA GLY B 160 -11.76 -3.60 -24.80
C GLY B 160 -10.99 -3.23 -23.56
N LYS B 161 -9.80 -2.66 -23.78
CA LYS B 161 -8.99 -2.10 -22.69
C LYS B 161 -9.29 -0.61 -22.52
N GLY B 162 -9.86 -0.01 -23.56
CA GLY B 162 -10.23 1.41 -23.55
C GLY B 162 -10.50 1.97 -24.93
N ALA B 163 -11.58 2.73 -25.04
CA ALA B 163 -11.93 3.42 -26.28
C ALA B 163 -11.02 4.62 -26.53
N GLU B 164 -10.58 5.26 -25.45
CA GLU B 164 -9.64 6.37 -25.50
C GLU B 164 -8.23 5.90 -25.89
N LYS B 165 -7.94 4.64 -25.58
CA LYS B 165 -6.69 4.00 -26.01
C LYS B 165 -6.74 3.70 -27.50
N ALA B 166 -7.94 3.43 -28.00
CA ALA B 166 -8.15 3.11 -29.41
C ALA B 166 -8.21 4.35 -30.28
N LYS B 167 -7.05 4.79 -30.76
CA LYS B 167 -6.95 5.91 -31.69
C LYS B 167 -6.43 5.43 -33.04
N GLU B 168 -6.95 6.03 -34.10
CA GLU B 168 -6.63 5.63 -35.49
C GLU B 168 -5.14 5.52 -35.81
N LYS B 169 -4.33 6.43 -35.26
CA LYS B 169 -2.90 6.48 -35.55
C LYS B 169 -2.09 5.34 -34.94
N LEU B 170 -2.53 4.88 -33.76
CA LEU B 170 -1.83 3.83 -33.02
C LEU B 170 -1.88 2.46 -33.72
N ALA B 171 -3.04 2.12 -34.26
CA ALA B 171 -3.25 0.84 -34.94
C ALA B 171 -2.46 0.71 -36.24
N GLU B 172 -2.22 1.85 -36.90
CA GLU B 172 -1.44 1.90 -38.13
C GLU B 172 0.05 1.64 -37.89
N ILE B 173 0.51 1.98 -36.68
CA ILE B 173 1.91 1.80 -36.28
C ILE B 173 2.23 0.32 -36.00
N ILE B 174 1.32 -0.35 -35.31
CA ILE B 174 1.52 -1.75 -34.87
C ILE B 174 1.61 -2.73 -36.04
N VAL B 175 0.75 -2.54 -37.05
CA VAL B 175 0.69 -3.42 -38.23
C VAL B 175 2.01 -3.42 -39.01
N GLU B 176 2.63 -2.24 -39.12
CA GLU B 176 3.89 -2.07 -39.84
C GLU B 176 5.04 -2.84 -39.20
N ALA B 177 5.01 -2.95 -37.87
CA ALA B 177 6.04 -3.64 -37.11
C ALA B 177 5.95 -5.17 -37.24
N VAL B 178 4.73 -5.68 -37.18
CA VAL B 178 4.48 -7.12 -37.22
C VAL B 178 4.73 -7.70 -38.61
N SER B 179 4.35 -6.96 -39.65
CA SER B 179 4.55 -7.38 -41.03
C SER B 179 6.03 -7.36 -41.45
N ALA B 180 6.85 -6.65 -40.67
CA ALA B 180 8.28 -6.53 -40.93
C ALA B 180 9.08 -7.69 -40.33
N VAL B 181 8.65 -8.16 -39.16
CA VAL B 181 9.36 -9.22 -38.43
C VAL B 181 9.01 -10.65 -38.89
N VAL B 182 8.24 -10.74 -39.97
CA VAL B 182 7.85 -12.05 -40.53
C VAL B 182 9.03 -12.68 -41.27
N ASP B 183 9.49 -13.82 -40.75
CA ASP B 183 10.55 -14.59 -41.41
C ASP B 183 9.97 -15.48 -42.50
N ASP B 184 10.19 -15.08 -43.75
CA ASP B 184 9.63 -15.74 -44.92
C ASP B 184 10.28 -17.10 -45.19
N GLU B 185 9.49 -18.17 -45.26
CA GLU B 185 8.04 -18.14 -45.06
C GLU B 185 7.63 -19.15 -43.98
N GLY B 186 6.78 -18.74 -43.05
CA GLY B 186 6.22 -17.40 -42.96
C GLY B 186 5.59 -17.13 -41.61
N LYS B 187 6.22 -17.65 -40.56
CA LYS B 187 5.72 -17.52 -39.19
C LYS B 187 6.09 -16.16 -38.58
N VAL B 188 5.46 -15.85 -37.45
CA VAL B 188 5.71 -14.60 -36.74
C VAL B 188 6.28 -14.88 -35.35
N ASP B 189 7.49 -14.39 -35.11
CA ASP B 189 8.13 -14.51 -33.79
C ASP B 189 7.88 -13.24 -32.98
N LYS B 190 7.22 -13.39 -31.84
CA LYS B 190 6.84 -12.26 -30.99
C LYS B 190 8.03 -11.68 -30.22
N ASP B 191 9.09 -12.47 -30.08
CA ASP B 191 10.29 -12.06 -29.35
C ASP B 191 11.17 -11.08 -30.15
N LEU B 192 10.93 -10.99 -31.45
CA LEU B 192 11.69 -10.10 -32.33
C LEU B 192 11.36 -8.62 -32.10
N ILE B 193 10.17 -8.35 -31.57
CA ILE B 193 9.75 -6.99 -31.26
C ILE B 193 10.13 -6.61 -29.83
N LYS B 194 11.03 -5.62 -29.71
CA LYS B 194 11.52 -5.17 -28.42
C LYS B 194 10.61 -4.12 -27.82
N ILE B 195 10.34 -4.25 -26.52
CA ILE B 195 9.46 -3.32 -25.81
C ILE B 195 10.27 -2.45 -24.86
N GLU B 196 10.15 -1.14 -25.03
CA GLU B 196 10.85 -0.18 -24.18
C GLU B 196 9.85 0.69 -23.40
N LYS B 197 10.05 0.78 -22.09
CA LYS B 197 9.18 1.56 -21.22
C LYS B 197 9.90 2.83 -20.73
N LYS B 198 9.60 3.95 -21.38
CA LYS B 198 10.21 5.23 -21.02
C LYS B 198 9.14 6.29 -20.79
N SER B 199 9.52 7.35 -20.07
CA SER B 199 8.56 8.40 -19.69
C SER B 199 8.52 9.57 -20.68
N GLY B 200 7.99 10.71 -20.22
CA GLY B 200 7.80 11.89 -21.06
C GLY B 200 6.36 12.03 -21.50
N ALA B 201 5.89 13.27 -21.62
CA ALA B 201 4.52 13.55 -22.06
C ALA B 201 4.27 12.97 -23.45
N SER B 202 3.67 11.79 -23.48
CA SER B 202 3.54 11.02 -24.71
C SER B 202 2.14 10.44 -24.95
N ILE B 203 2.05 9.10 -24.95
CA ILE B 203 0.86 8.36 -25.42
C ILE B 203 0.67 8.55 -26.93
N ASP B 204 0.83 9.79 -27.39
CA ASP B 204 0.79 10.13 -28.82
C ASP B 204 2.19 10.20 -29.43
N ASP B 205 3.19 10.45 -28.59
CA ASP B 205 4.59 10.53 -29.03
C ASP B 205 5.23 9.14 -29.19
N THR B 206 4.43 8.09 -29.00
CA THR B 206 4.87 6.71 -29.19
C THR B 206 5.28 6.47 -30.64
N GLU B 207 6.56 6.21 -30.84
CA GLU B 207 7.13 6.11 -32.19
C GLU B 207 7.60 4.70 -32.56
N LEU B 208 7.47 4.37 -33.83
CA LEU B 208 7.95 3.11 -34.38
C LEU B 208 9.45 3.20 -34.66
N ILE B 209 10.24 2.47 -33.87
CA ILE B 209 11.69 2.43 -34.06
C ILE B 209 12.12 1.15 -34.77
N LYS B 210 12.53 1.30 -36.02
CA LYS B 210 13.45 0.33 -36.63
C LYS B 210 14.88 0.55 -36.16
N GLY B 211 15.30 -0.22 -35.17
CA GLY B 211 16.54 0.05 -34.47
C GLY B 211 17.05 -1.16 -33.71
N VAL B 212 17.98 -0.93 -32.79
CA VAL B 212 17.73 -1.15 -31.36
C VAL B 212 17.85 0.16 -30.57
N LEU B 213 16.95 0.34 -29.60
CA LEU B 213 17.05 1.47 -28.68
C LEU B 213 17.45 0.99 -27.29
N VAL B 214 18.73 1.16 -26.97
CA VAL B 214 19.30 0.70 -25.70
C VAL B 214 19.09 1.75 -24.61
N ASP B 215 18.49 1.32 -23.50
CA ASP B 215 18.25 2.20 -22.36
C ASP B 215 19.52 2.35 -21.51
N LYS B 216 20.52 3.00 -22.09
CA LYS B 216 21.79 3.25 -21.41
C LYS B 216 22.50 4.47 -22.02
N GLU B 217 23.64 4.83 -21.46
CA GLU B 217 24.44 5.97 -21.93
C GLU B 217 25.84 5.53 -22.33
N ARG B 218 26.77 6.49 -22.36
CA ARG B 218 28.17 6.20 -22.57
C ARG B 218 28.92 6.06 -21.24
N VAL B 219 29.85 5.11 -21.21
CA VAL B 219 30.57 4.78 -19.96
C VAL B 219 31.48 5.92 -19.48
N SER B 220 31.94 6.74 -20.43
CA SER B 220 32.78 7.90 -20.12
C SER B 220 32.33 9.10 -20.95
N ALA B 221 32.33 10.28 -20.32
CA ALA B 221 31.91 11.53 -20.98
C ALA B 221 32.95 12.02 -22.00
N GLN B 222 34.13 11.40 -21.99
CA GLN B 222 35.22 11.75 -22.89
C GLN B 222 34.98 11.18 -24.30
N MET B 223 34.17 10.13 -24.38
CA MET B 223 33.91 9.42 -25.63
C MET B 223 33.01 10.20 -26.59
N PRO B 224 33.11 9.91 -27.92
CA PRO B 224 32.28 10.54 -28.95
C PRO B 224 30.77 10.33 -28.75
N LYS B 225 29.98 11.14 -29.44
CA LYS B 225 28.53 11.10 -29.28
C LYS B 225 27.85 10.48 -30.50
N LYS B 226 28.29 10.88 -31.68
CA LYS B 226 27.67 10.43 -32.93
C LYS B 226 28.72 10.00 -33.96
N VAL B 227 28.55 8.79 -34.50
CA VAL B 227 29.50 8.21 -35.46
C VAL B 227 28.77 7.70 -36.71
N THR B 228 29.39 7.90 -37.87
CA THR B 228 28.86 7.41 -39.15
C THR B 228 29.54 6.10 -39.55
N ASP B 229 28.76 5.18 -40.10
CA ASP B 229 29.24 3.86 -40.56
C ASP B 229 29.97 3.10 -39.45
N ALA B 230 29.29 2.95 -38.31
CA ALA B 230 29.88 2.39 -37.11
C ALA B 230 30.00 0.87 -37.15
N LYS B 231 31.10 0.36 -36.59
CA LYS B 231 31.34 -1.07 -36.46
C LYS B 231 31.15 -1.43 -34.98
N ILE B 232 30.18 -2.30 -34.70
CA ILE B 232 29.76 -2.57 -33.33
C ILE B 232 30.22 -3.95 -32.82
N ALA B 233 31.09 -3.92 -31.81
CA ALA B 233 31.57 -5.14 -31.17
C ALA B 233 30.71 -5.48 -29.95
N LEU B 234 30.01 -6.61 -30.05
CA LEU B 234 29.20 -7.11 -28.95
C LEU B 234 30.01 -8.08 -28.07
N LEU B 235 30.40 -7.60 -26.90
CA LEU B 235 31.15 -8.42 -25.95
C LEU B 235 30.28 -8.89 -24.79
N ASN B 236 30.31 -10.20 -24.56
CA ASN B 236 29.63 -10.81 -23.42
C ASN B 236 30.57 -10.89 -22.22
N CYS B 237 31.86 -11.03 -22.51
CA CYS B 237 32.90 -11.11 -21.47
C CYS B 237 33.17 -9.74 -20.86
N ALA B 238 33.66 -9.74 -19.63
CA ALA B 238 33.98 -8.51 -18.91
C ALA B 238 35.37 -7.98 -19.28
N ILE B 239 35.46 -6.67 -19.45
CA ILE B 239 36.74 -6.00 -19.73
C ILE B 239 37.35 -5.55 -18.41
N GLU B 240 37.74 -6.43 -17.46
CA GLU B 240 38.08 -5.98 -16.04
C GLU B 240 39.56 -5.74 -15.49
N GLU B 241 39.73 -5.35 -14.19
CA GLU B 241 41.09 -5.04 -13.56
C GLU B 241 41.39 -4.61 -12.04
N THR B 242 42.60 -4.02 -11.82
CA THR B 242 43.30 -3.67 -10.59
C THR B 242 43.72 -2.20 -10.59
N ALA B 243 45.03 -1.95 -10.74
CA ALA B 243 45.57 -0.59 -10.75
C ALA B 243 46.91 -0.52 -11.50
N SER B 244 47.11 -1.43 -12.45
CA SER B 244 48.37 -1.52 -13.19
C SER B 244 48.15 -1.75 -14.69
N GLU B 245 47.38 -0.87 -15.30
CA GLU B 245 47.08 -0.88 -16.75
C GLU B 245 47.07 -2.27 -17.41
N MET B 246 46.23 -3.16 -16.87
CA MET B 246 46.10 -4.52 -17.40
C MET B 246 45.01 -4.61 -18.47
N LEU B 247 44.53 -3.44 -18.91
CA LEU B 247 43.44 -3.37 -19.88
C LEU B 247 43.92 -2.80 -21.21
N LYS B 248 45.15 -2.30 -21.23
CA LYS B 248 45.77 -1.78 -22.45
C LYS B 248 45.86 -2.84 -23.55
N ASP B 249 45.92 -4.11 -23.14
CA ASP B 249 45.83 -5.23 -24.08
C ASP B 249 44.38 -5.44 -24.52
N MET B 250 43.46 -5.41 -23.56
CA MET B 250 42.03 -5.63 -23.82
C MET B 250 41.42 -4.55 -24.71
N VAL B 251 41.85 -3.30 -24.52
CA VAL B 251 41.40 -2.17 -25.34
C VAL B 251 41.99 -2.26 -26.75
N ALA B 252 43.27 -2.64 -26.83
CA ALA B 252 43.98 -2.79 -28.10
C ALA B 252 43.48 -3.98 -28.92
N GLU B 253 42.97 -5.01 -28.23
CA GLU B 253 42.38 -6.18 -28.89
C GLU B 253 41.05 -5.83 -29.55
N ILE B 254 40.33 -4.88 -28.96
CA ILE B 254 39.11 -4.34 -29.56
C ILE B 254 39.47 -3.40 -30.71
N LYS B 255 40.57 -2.68 -30.55
CA LYS B 255 41.09 -1.79 -31.60
C LYS B 255 41.70 -2.60 -32.75
N ALA B 256 42.22 -3.78 -32.44
CA ALA B 256 42.77 -4.69 -33.43
C ALA B 256 41.69 -5.13 -34.43
N SER B 257 40.50 -5.41 -33.92
CA SER B 257 39.35 -5.75 -34.76
C SER B 257 38.94 -4.57 -35.63
N GLY B 258 38.76 -3.41 -34.99
CA GLY B 258 38.36 -2.19 -35.70
C GLY B 258 36.91 -1.82 -35.42
N ALA B 259 36.56 -1.80 -34.15
CA ALA B 259 35.20 -1.46 -33.71
C ALA B 259 35.20 -0.15 -32.92
N ASN B 260 34.55 0.87 -33.48
CA ASN B 260 34.42 2.16 -32.83
C ASN B 260 33.30 2.21 -31.80
N VAL B 261 32.37 1.25 -31.90
CA VAL B 261 31.27 1.12 -30.94
C VAL B 261 31.39 -0.23 -30.22
N LEU B 262 31.21 -0.20 -28.91
CA LEU B 262 31.39 -1.39 -28.08
C LEU B 262 30.23 -1.56 -27.08
N PHE B 263 29.44 -2.60 -27.28
CA PHE B 263 28.36 -2.95 -26.35
C PHE B 263 28.78 -4.10 -25.44
N CYS B 264 28.96 -3.80 -24.16
CA CYS B 264 29.36 -4.79 -23.17
C CYS B 264 28.19 -5.20 -22.28
N GLN B 265 27.99 -6.50 -22.13
CA GLN B 265 26.91 -7.03 -21.31
C GLN B 265 27.27 -6.99 -19.83
N LYS B 266 28.55 -7.20 -19.52
CA LYS B 266 29.04 -7.14 -18.15
C LYS B 266 29.55 -5.74 -17.80
N GLY B 267 30.42 -5.65 -16.80
CA GLY B 267 30.95 -4.37 -16.34
C GLY B 267 32.31 -4.03 -16.91
N ILE B 268 32.45 -2.78 -17.34
CA ILE B 268 33.72 -2.26 -17.85
C ILE B 268 34.43 -1.50 -16.72
N ASP B 269 35.69 -1.85 -16.48
CA ASP B 269 36.47 -1.25 -15.40
C ASP B 269 36.93 0.17 -15.74
N ASP B 270 37.15 0.97 -14.69
CA ASP B 270 37.46 2.40 -14.81
C ASP B 270 38.75 2.71 -15.57
N LEU B 271 39.73 1.82 -15.48
CA LEU B 271 40.99 1.98 -16.21
C LEU B 271 40.79 1.84 -17.72
N ALA B 272 39.98 0.86 -18.11
CA ALA B 272 39.64 0.61 -19.52
C ALA B 272 38.82 1.73 -20.13
N GLN B 273 38.08 2.45 -19.28
CA GLN B 273 37.25 3.58 -19.70
C GLN B 273 38.07 4.73 -20.27
N HIS B 274 39.22 5.00 -19.65
CA HIS B 274 40.13 6.05 -20.09
C HIS B 274 40.82 5.69 -21.40
N TYR B 275 41.25 4.44 -21.52
CA TYR B 275 41.98 3.97 -22.71
C TYR B 275 41.09 3.86 -23.95
N LEU B 276 39.85 3.40 -23.76
CA LEU B 276 38.88 3.34 -24.85
C LEU B 276 38.47 4.73 -25.33
N ALA B 277 38.46 5.68 -24.40
CA ALA B 277 38.17 7.09 -24.71
C ALA B 277 39.35 7.76 -25.41
N LYS B 278 40.57 7.28 -25.10
CA LYS B 278 41.79 7.79 -25.71
C LYS B 278 41.89 7.37 -27.19
N GLU B 279 41.40 6.17 -27.48
CA GLU B 279 41.36 5.66 -28.85
C GLU B 279 40.25 6.33 -29.66
N GLY B 280 39.13 6.60 -29.00
CA GLY B 280 37.96 7.19 -29.65
C GLY B 280 36.81 6.20 -29.76
N ILE B 281 36.89 5.11 -28.99
CA ILE B 281 35.89 4.06 -29.01
C ILE B 281 34.84 4.30 -27.92
N VAL B 282 33.57 4.33 -28.34
CA VAL B 282 32.44 4.51 -27.42
C VAL B 282 32.04 3.17 -26.81
N ALA B 283 31.84 3.16 -25.49
CA ALA B 283 31.50 1.93 -24.78
C ALA B 283 30.33 2.11 -23.81
N ALA B 284 29.60 1.02 -23.56
CA ALA B 284 28.47 1.02 -22.63
C ALA B 284 28.54 -0.18 -21.68
N ARG B 285 28.35 0.09 -20.39
CA ARG B 285 28.47 -0.94 -19.35
C ARG B 285 27.12 -1.47 -18.84
N ARG B 286 27.01 -2.79 -18.77
CA ARG B 286 25.82 -3.49 -18.24
C ARG B 286 24.53 -3.19 -19.01
N VAL B 287 24.52 -3.61 -20.27
CA VAL B 287 23.32 -3.56 -21.12
C VAL B 287 22.52 -4.84 -20.88
N LYS B 288 21.19 -4.69 -20.78
CA LYS B 288 20.30 -5.82 -20.55
C LYS B 288 20.49 -6.94 -21.56
N LYS B 289 20.36 -8.18 -21.08
CA LYS B 289 20.56 -9.37 -21.91
C LYS B 289 19.57 -9.45 -23.08
N SER B 290 18.37 -8.91 -22.86
CA SER B 290 17.35 -8.83 -23.90
C SER B 290 17.76 -7.88 -25.03
N ASP B 291 18.41 -6.78 -24.67
CA ASP B 291 18.86 -5.78 -25.64
C ASP B 291 20.09 -6.22 -26.42
N MET B 292 20.90 -7.09 -25.80
CA MET B 292 22.10 -7.64 -26.44
C MET B 292 21.73 -8.62 -27.57
N GLU B 293 20.65 -9.37 -27.36
CA GLU B 293 20.12 -10.29 -28.37
C GLU B 293 19.45 -9.52 -29.50
N LYS B 294 18.95 -8.33 -29.18
CA LYS B 294 18.36 -7.43 -30.17
C LYS B 294 19.44 -6.84 -31.09
N LEU B 295 20.55 -6.41 -30.49
CA LEU B 295 21.66 -5.80 -31.21
C LEU B 295 22.39 -6.79 -32.13
N ALA B 296 22.41 -8.06 -31.73
CA ALA B 296 23.09 -9.10 -32.50
C ALA B 296 22.36 -9.46 -33.79
N LYS B 297 21.05 -9.34 -33.79
CA LYS B 297 20.24 -9.71 -34.95
C LYS B 297 19.92 -8.53 -35.88
N ALA B 298 19.84 -7.34 -35.31
CA ALA B 298 19.52 -6.13 -36.07
C ALA B 298 20.68 -5.64 -36.93
N THR B 299 21.85 -5.50 -36.32
CA THR B 299 23.04 -5.01 -37.02
C THR B 299 23.79 -6.13 -37.75
N GLY B 300 23.54 -7.37 -37.33
CA GLY B 300 24.23 -8.54 -37.89
C GLY B 300 25.52 -8.82 -37.15
N ALA B 301 25.40 -8.93 -35.83
CA ALA B 301 26.57 -9.09 -34.95
C ALA B 301 26.60 -10.45 -34.27
N ASN B 302 27.77 -10.81 -33.74
CA ASN B 302 27.95 -12.03 -32.96
C ASN B 302 28.37 -11.70 -31.53
N VAL B 303 27.69 -12.31 -30.56
CA VAL B 303 27.99 -12.10 -29.15
C VAL B 303 29.22 -12.93 -28.76
N ILE B 304 30.31 -12.23 -28.44
CA ILE B 304 31.59 -12.88 -28.15
C ILE B 304 31.87 -12.89 -26.64
N THR B 305 32.18 -14.08 -26.11
CA THR B 305 32.38 -14.26 -24.68
C THR B 305 33.86 -14.40 -24.30
N ASN B 306 34.74 -13.94 -25.20
CA ASN B 306 36.18 -13.93 -24.95
C ASN B 306 36.86 -12.82 -25.75
N ILE B 307 37.56 -11.93 -25.04
CA ILE B 307 38.18 -10.75 -25.65
C ILE B 307 39.41 -11.08 -26.53
N LYS B 308 40.02 -12.24 -26.29
CA LYS B 308 41.20 -12.67 -27.03
C LYS B 308 40.88 -13.15 -28.44
N ASP B 309 39.64 -13.58 -28.66
CA ASP B 309 39.21 -14.15 -29.94
C ASP B 309 38.21 -13.24 -30.67
N LEU B 310 38.17 -11.97 -30.30
CA LEU B 310 37.25 -11.01 -30.90
C LEU B 310 37.56 -10.75 -32.37
N SER B 311 36.77 -11.37 -33.23
CA SER B 311 36.92 -11.24 -34.68
C SER B 311 36.10 -10.05 -35.19
N ALA B 312 36.60 -9.40 -36.25
CA ALA B 312 35.99 -8.17 -36.75
C ALA B 312 34.90 -8.37 -37.81
N GLN B 313 34.75 -9.60 -38.30
CA GLN B 313 33.60 -9.97 -39.13
C GLN B 313 32.53 -10.65 -38.29
N ASP B 314 32.69 -10.54 -36.97
CA ASP B 314 31.66 -10.91 -35.99
C ASP B 314 30.93 -9.65 -35.51
N LEU B 315 31.37 -8.50 -36.01
CA LEU B 315 30.77 -7.21 -35.65
C LEU B 315 29.60 -6.90 -36.58
N GLY B 316 28.61 -6.20 -36.04
CA GLY B 316 27.44 -5.77 -36.81
C GLY B 316 27.60 -4.36 -37.34
N ASP B 317 26.73 -3.97 -38.26
CA ASP B 317 26.77 -2.64 -38.85
C ASP B 317 25.43 -1.91 -38.76
N ALA B 318 25.46 -0.72 -38.20
CA ALA B 318 24.30 0.16 -38.14
C ALA B 318 24.53 1.39 -39.02
N GLY B 319 23.48 2.16 -39.25
CA GLY B 319 23.56 3.38 -40.06
C GLY B 319 23.91 4.61 -39.26
N LEU B 320 23.20 4.81 -38.16
CA LEU B 320 23.40 5.99 -37.31
C LEU B 320 23.31 5.62 -35.83
N VAL B 321 24.38 5.93 -35.09
CA VAL B 321 24.41 5.71 -33.65
C VAL B 321 24.53 7.06 -32.94
N GLU B 322 23.52 7.40 -32.14
CA GLU B 322 23.43 8.72 -31.52
C GLU B 322 22.78 8.65 -30.14
N GLU B 323 23.41 9.30 -29.16
CA GLU B 323 22.86 9.37 -27.81
C GLU B 323 21.92 10.58 -27.67
N ARG B 324 20.72 10.44 -28.24
CA ARG B 324 19.71 11.49 -28.18
C ARG B 324 19.03 11.53 -26.83
N LYS B 325 18.70 12.73 -26.37
CA LYS B 325 17.92 12.91 -25.14
C LYS B 325 16.43 12.95 -25.46
N ILE B 326 15.93 11.88 -26.08
CA ILE B 326 14.54 11.79 -26.49
C ILE B 326 13.63 11.51 -25.29
N SER B 327 12.52 12.24 -25.21
CA SER B 327 11.62 12.14 -24.07
C SER B 327 12.39 12.26 -22.75
N GLY B 328 13.31 13.22 -22.69
CA GLY B 328 14.06 13.49 -21.47
C GLY B 328 15.23 12.54 -21.25
N ASP B 329 14.96 11.24 -21.39
CA ASP B 329 15.97 10.20 -21.16
C ASP B 329 16.99 10.13 -22.31
N SER B 330 18.27 10.08 -21.94
CA SER B 330 19.35 9.95 -22.90
C SER B 330 19.64 8.48 -23.20
N MET B 331 19.22 8.03 -24.38
CA MET B 331 19.36 6.64 -24.79
C MET B 331 20.13 6.51 -26.11
N ILE B 332 20.77 5.36 -26.30
CA ILE B 332 21.57 5.11 -27.50
C ILE B 332 20.66 4.71 -28.68
N PHE B 333 20.64 5.58 -29.69
CA PHE B 333 19.87 5.35 -30.91
C PHE B 333 20.68 4.56 -31.92
N VAL B 334 20.61 3.23 -31.83
CA VAL B 334 21.23 2.36 -32.85
C VAL B 334 20.20 2.17 -33.96
N GLU B 335 20.27 3.05 -34.96
CA GLU B 335 19.24 3.10 -36.01
C GLU B 335 19.81 3.04 -37.44
N GLU B 336 18.92 3.01 -38.42
CA GLU B 336 19.32 3.06 -39.82
C GLU B 336 18.59 2.01 -40.64
N CYS B 337 17.34 1.75 -40.29
CA CYS B 337 16.78 0.42 -40.35
C CYS B 337 15.92 0.23 -41.60
N LYS B 338 16.48 -0.43 -42.60
CA LYS B 338 15.82 -0.56 -43.90
C LYS B 338 15.01 -1.85 -44.03
N HIS B 339 15.65 -3.00 -43.76
CA HIS B 339 14.94 -4.28 -43.69
C HIS B 339 15.16 -4.92 -42.32
N PRO B 340 14.35 -4.50 -41.33
CA PRO B 340 14.53 -4.98 -39.96
C PRO B 340 13.78 -6.27 -39.67
N LYS B 341 14.52 -7.31 -39.29
CA LYS B 341 13.94 -8.56 -38.80
C LYS B 341 13.65 -8.43 -37.30
N ALA B 342 14.19 -7.38 -36.70
CA ALA B 342 13.92 -7.04 -35.30
C ALA B 342 13.51 -5.57 -35.18
N VAL B 343 12.40 -5.33 -34.49
CA VAL B 343 11.85 -3.98 -34.35
C VAL B 343 11.72 -3.60 -32.87
N THR B 344 12.00 -2.34 -32.54
CA THR B 344 11.85 -1.83 -31.18
C THR B 344 10.69 -0.85 -31.08
N MET B 345 9.87 -1.01 -30.04
CA MET B 345 8.74 -0.12 -29.79
C MET B 345 8.98 0.73 -28.56
N LEU B 346 9.17 2.03 -28.78
CA LEU B 346 9.39 2.99 -27.69
C LEU B 346 8.03 3.41 -27.11
N ILE B 347 7.48 2.55 -26.27
CA ILE B 347 6.19 2.82 -25.61
C ILE B 347 6.39 3.83 -24.50
N ARG B 348 5.71 4.97 -24.63
CA ARG B 348 5.92 6.09 -23.72
C ARG B 348 4.60 6.61 -23.16
N GLY B 349 4.67 7.21 -21.98
CA GLY B 349 3.52 7.82 -21.33
C GLY B 349 3.93 8.74 -20.19
N THR B 350 2.95 9.39 -19.57
CA THR B 350 3.19 10.38 -18.51
C THR B 350 3.81 9.75 -17.26
N THR B 351 3.06 8.87 -16.60
CA THR B 351 3.55 8.16 -15.42
C THR B 351 3.89 6.70 -15.75
N GLU B 352 4.79 6.11 -14.97
CA GLU B 352 5.26 4.74 -15.20
C GLU B 352 4.14 3.69 -15.16
N HIS B 353 3.13 3.95 -14.34
CA HIS B 353 1.96 3.06 -14.24
C HIS B 353 1.07 3.14 -15.48
N VAL B 354 1.09 4.27 -16.17
CA VAL B 354 0.39 4.41 -17.45
C VAL B 354 1.17 3.69 -18.54
N ILE B 355 2.49 3.88 -18.57
CA ILE B 355 3.38 3.25 -19.55
C ILE B 355 3.25 1.73 -19.56
N GLU B 356 3.21 1.13 -18.37
CA GLU B 356 3.09 -0.32 -18.22
C GLU B 356 1.76 -0.85 -18.78
N GLU B 357 0.71 -0.06 -18.65
CA GLU B 357 -0.61 -0.40 -19.20
C GLU B 357 -0.63 -0.24 -20.71
N VAL B 358 0.06 0.78 -21.22
CA VAL B 358 0.20 1.00 -22.67
C VAL B 358 1.15 -0.05 -23.27
N ALA B 359 2.02 -0.61 -22.43
CA ALA B 359 2.92 -1.70 -22.83
C ALA B 359 2.16 -3.02 -22.96
N ARG B 360 1.24 -3.27 -22.04
CA ARG B 360 0.43 -4.50 -22.05
C ARG B 360 -0.69 -4.45 -23.09
N ALA B 361 -1.10 -3.23 -23.48
CA ALA B 361 -2.11 -3.03 -24.51
C ALA B 361 -1.57 -3.38 -25.90
N VAL B 362 -0.28 -3.12 -26.11
CA VAL B 362 0.41 -3.46 -27.35
C VAL B 362 0.65 -4.97 -27.44
N ASP B 363 0.91 -5.59 -26.29
CA ASP B 363 1.11 -7.05 -26.19
C ASP B 363 -0.03 -7.86 -26.81
N ASP B 364 -1.26 -7.41 -26.56
CA ASP B 364 -2.45 -8.05 -27.14
C ASP B 364 -2.61 -7.70 -28.62
N ALA B 365 -2.19 -6.49 -28.99
CA ALA B 365 -2.29 -6.01 -30.36
C ALA B 365 -1.27 -6.67 -31.29
N VAL B 366 -0.12 -7.04 -30.75
CA VAL B 366 0.92 -7.74 -31.50
C VAL B 366 0.50 -9.20 -31.77
N GLY B 367 -0.12 -9.82 -30.77
CA GLY B 367 -0.55 -11.21 -30.85
C GLY B 367 -1.58 -11.49 -31.95
N VAL B 368 -2.63 -10.66 -31.99
CA VAL B 368 -3.73 -10.85 -32.95
C VAL B 368 -3.30 -10.68 -34.42
N VAL B 369 -2.46 -9.67 -34.68
CA VAL B 369 -1.94 -9.42 -36.02
C VAL B 369 -0.99 -10.54 -36.44
N GLY B 370 -0.19 -11.00 -35.48
CA GLY B 370 0.71 -12.13 -35.69
C GLY B 370 -0.02 -13.44 -35.93
N CYS B 371 -1.17 -13.61 -35.28
CA CYS B 371 -2.01 -14.79 -35.46
C CYS B 371 -2.76 -14.76 -36.80
N THR B 372 -3.08 -13.56 -37.27
CA THR B 372 -3.77 -13.39 -38.56
C THR B 372 -2.85 -13.72 -39.74
N ILE B 373 -1.57 -13.38 -39.62
CA ILE B 373 -0.58 -13.68 -40.65
C ILE B 373 -0.28 -15.19 -40.72
N GLU B 374 -0.20 -15.82 -39.55
CA GLU B 374 0.08 -17.26 -39.45
C GLU B 374 -1.10 -18.13 -39.88
N ASP B 375 -2.32 -17.72 -39.52
CA ASP B 375 -3.52 -18.49 -39.82
C ASP B 375 -4.21 -18.03 -41.10
N GLY B 376 -4.63 -16.77 -41.12
CA GLY B 376 -5.76 -16.37 -41.94
C GLY B 376 -6.74 -15.48 -41.20
N ARG B 377 -6.82 -15.68 -39.89
CA ARG B 377 -8.05 -16.14 -39.26
C ARG B 377 -8.53 -15.16 -38.19
N ILE B 378 -9.62 -14.46 -38.48
CA ILE B 378 -10.33 -13.67 -37.47
C ILE B 378 -11.81 -14.03 -37.36
N VAL B 379 -12.38 -13.77 -36.19
CA VAL B 379 -13.81 -13.97 -35.94
C VAL B 379 -14.44 -12.72 -35.32
N SER B 380 -15.74 -12.54 -35.53
CA SER B 380 -16.47 -11.38 -35.02
C SER B 380 -16.60 -11.41 -33.50
N GLY B 381 -16.29 -10.28 -32.87
CA GLY B 381 -16.35 -10.15 -31.42
C GLY B 381 -17.66 -9.58 -30.92
N GLY B 382 -17.71 -9.28 -29.62
CA GLY B 382 -18.91 -8.74 -28.98
C GLY B 382 -20.01 -9.75 -28.81
N GLY B 383 -19.62 -11.01 -28.60
CA GLY B 383 -20.58 -12.11 -28.43
C GLY B 383 -21.34 -12.42 -29.71
N SER B 384 -20.64 -12.41 -30.84
CA SER B 384 -21.24 -12.62 -32.14
C SER B 384 -21.10 -14.05 -32.63
N THR B 385 -19.87 -14.57 -32.62
CA THR B 385 -19.59 -15.94 -33.03
C THR B 385 -20.02 -16.97 -31.97
N GLU B 386 -20.31 -16.48 -30.78
CA GLU B 386 -20.79 -17.32 -29.68
C GLU B 386 -22.23 -17.79 -29.91
N VAL B 387 -23.02 -16.96 -30.61
CA VAL B 387 -24.40 -17.29 -30.95
C VAL B 387 -24.45 -18.21 -32.17
N GLU B 388 -23.58 -17.94 -33.14
CA GLU B 388 -23.48 -18.74 -34.37
C GLU B 388 -23.07 -20.19 -34.07
N LEU B 389 -22.11 -20.36 -33.16
CA LEU B 389 -21.63 -21.68 -32.76
C LEU B 389 -22.64 -22.41 -31.88
N SER B 390 -23.46 -21.64 -31.16
CA SER B 390 -24.48 -22.21 -30.26
C SER B 390 -25.64 -22.85 -31.02
N MET B 391 -26.09 -22.18 -32.08
CA MET B 391 -27.20 -22.69 -32.89
C MET B 391 -26.78 -23.84 -33.81
N LYS B 392 -25.50 -23.85 -34.18
CA LYS B 392 -24.96 -24.89 -35.07
C LYS B 392 -24.65 -26.19 -34.33
N LEU B 393 -24.52 -26.12 -33.01
CA LEU B 393 -24.26 -27.30 -32.18
C LEU B 393 -25.55 -27.92 -31.63
N ARG B 394 -26.62 -27.13 -31.56
CA ARG B 394 -27.93 -27.63 -31.15
C ARG B 394 -28.58 -28.47 -32.25
N GLU B 395 -28.36 -28.08 -33.49
CA GLU B 395 -28.81 -28.85 -34.66
C GLU B 395 -27.89 -30.06 -34.88
N TYR B 396 -26.65 -29.95 -34.40
CA TYR B 396 -25.70 -31.06 -34.40
C TYR B 396 -26.09 -32.08 -33.34
N ALA B 397 -26.66 -31.60 -32.24
CA ALA B 397 -27.16 -32.45 -31.15
C ALA B 397 -28.37 -33.27 -31.58
N GLU B 398 -29.15 -32.74 -32.53
CA GLU B 398 -30.33 -33.41 -33.07
C GLU B 398 -30.01 -34.71 -33.78
N GLY B 399 -28.81 -34.78 -34.38
CA GLY B 399 -28.35 -35.98 -35.07
C GLY B 399 -27.59 -36.96 -34.21
N ILE B 400 -27.71 -36.80 -32.89
CA ILE B 400 -27.07 -37.70 -31.93
C ILE B 400 -28.12 -38.44 -31.10
N SER B 401 -28.04 -39.77 -31.14
CA SER B 401 -28.96 -40.63 -30.39
C SER B 401 -28.37 -41.09 -29.07
N GLY B 402 -29.18 -41.08 -28.02
CA GLY B 402 -28.76 -41.49 -26.68
C GLY B 402 -28.90 -40.40 -25.65
N ARG B 403 -28.29 -40.63 -24.48
CA ARG B 403 -28.33 -39.66 -23.38
C ARG B 403 -27.18 -38.67 -23.47
N GLU B 404 -26.22 -38.94 -24.35
CA GLU B 404 -25.10 -38.04 -24.62
C GLU B 404 -25.53 -36.79 -25.37
N GLN B 405 -26.72 -36.84 -25.96
CA GLN B 405 -27.34 -35.69 -26.63
C GLN B 405 -27.56 -34.53 -25.67
N LEU B 406 -28.07 -34.85 -24.48
CA LEU B 406 -28.35 -33.85 -23.45
C LEU B 406 -27.10 -33.15 -22.95
N ALA B 407 -25.96 -33.83 -23.06
CA ALA B 407 -24.66 -33.24 -22.72
C ALA B 407 -24.21 -32.25 -23.79
N VAL B 408 -24.53 -32.55 -25.04
CA VAL B 408 -24.24 -31.66 -26.17
C VAL B 408 -25.17 -30.44 -26.15
N ARG B 409 -26.43 -30.67 -25.77
CA ARG B 409 -27.43 -29.60 -25.63
C ARG B 409 -27.05 -28.64 -24.52
N ALA B 410 -26.55 -29.18 -23.40
CA ALA B 410 -26.08 -28.37 -22.27
C ALA B 410 -24.76 -27.66 -22.61
N PHE B 411 -23.97 -28.26 -23.51
CA PHE B 411 -22.73 -27.67 -23.99
C PHE B 411 -23.02 -26.46 -24.90
N ALA B 412 -24.06 -26.59 -25.71
CA ALA B 412 -24.46 -25.52 -26.63
C ALA B 412 -25.21 -24.40 -25.94
N ASP B 413 -25.99 -24.74 -24.91
CA ASP B 413 -26.72 -23.75 -24.11
C ASP B 413 -25.80 -22.96 -23.20
N ALA B 414 -24.63 -23.54 -22.91
CA ALA B 414 -23.61 -22.88 -22.08
C ALA B 414 -22.80 -21.84 -22.87
N LEU B 415 -22.86 -21.93 -24.19
CA LEU B 415 -22.12 -21.02 -25.08
C LEU B 415 -22.74 -19.62 -25.13
N GLU B 416 -24.01 -19.52 -24.69
CA GLU B 416 -24.74 -18.24 -24.71
C GLU B 416 -24.51 -17.42 -23.43
N VAL B 417 -23.52 -17.80 -22.63
CA VAL B 417 -23.19 -17.09 -21.39
C VAL B 417 -22.44 -15.78 -21.64
N ILE B 418 -21.54 -15.79 -22.62
CA ILE B 418 -20.73 -14.61 -22.96
C ILE B 418 -21.59 -13.45 -23.50
N PRO B 419 -22.49 -13.72 -24.46
CA PRO B 419 -23.40 -12.65 -24.93
C PRO B 419 -24.39 -12.21 -23.84
N ARG B 420 -24.69 -13.10 -22.90
CA ARG B 420 -25.60 -12.80 -21.79
C ARG B 420 -24.91 -11.91 -20.75
N THR B 421 -23.65 -12.20 -20.44
CA THR B 421 -22.88 -11.44 -19.47
C THR B 421 -22.44 -10.07 -20.00
N LEU B 422 -22.36 -9.96 -21.33
CA LEU B 422 -22.05 -8.68 -21.98
C LEU B 422 -23.17 -7.66 -21.78
N ALA B 423 -24.40 -8.15 -21.75
CA ALA B 423 -25.57 -7.31 -21.49
C ALA B 423 -25.72 -7.02 -19.99
N GLU B 424 -25.25 -7.95 -19.16
CA GLU B 424 -25.30 -7.83 -17.70
C GLU B 424 -24.49 -6.63 -17.20
N ASN B 425 -23.35 -6.39 -17.82
CA ASN B 425 -22.48 -5.26 -17.45
C ASN B 425 -22.74 -4.00 -18.26
N ALA B 426 -23.54 -4.13 -19.32
CA ALA B 426 -23.87 -2.99 -20.18
C ALA B 426 -24.99 -2.13 -19.60
N GLY B 427 -25.99 -2.78 -19.02
CA GLY B 427 -27.15 -2.09 -18.48
C GLY B 427 -28.45 -2.57 -19.06
N LEU B 428 -28.38 -3.12 -20.27
CA LEU B 428 -29.55 -3.64 -20.97
C LEU B 428 -29.96 -5.02 -20.44
N ASP B 429 -31.18 -5.43 -20.74
CA ASP B 429 -31.73 -6.71 -20.27
C ASP B 429 -31.05 -7.89 -20.95
N ALA B 430 -30.61 -8.86 -20.13
CA ALA B 430 -29.91 -10.05 -20.62
C ALA B 430 -30.87 -11.13 -21.14
N ILE B 431 -32.17 -10.90 -20.94
CA ILE B 431 -33.20 -11.84 -21.36
C ILE B 431 -33.77 -11.46 -22.73
N GLU B 432 -33.84 -10.16 -23.00
CA GLU B 432 -34.43 -9.64 -24.23
C GLU B 432 -33.50 -9.74 -25.45
N ILE B 433 -32.25 -9.32 -25.28
CA ILE B 433 -31.26 -9.33 -26.37
C ILE B 433 -30.86 -10.75 -26.76
N LEU B 434 -30.86 -11.65 -25.78
CA LEU B 434 -30.51 -13.07 -25.98
C LEU B 434 -31.46 -13.74 -26.98
N VAL B 435 -32.64 -13.15 -27.17
CA VAL B 435 -33.62 -13.64 -28.14
C VAL B 435 -33.46 -12.92 -29.49
N LYS B 436 -33.14 -11.62 -29.43
CA LYS B 436 -33.00 -10.78 -30.63
C LYS B 436 -31.86 -11.22 -31.55
N VAL B 437 -30.71 -11.55 -30.96
CA VAL B 437 -29.54 -12.00 -31.72
C VAL B 437 -29.72 -13.45 -32.19
N ARG B 438 -30.36 -14.26 -31.35
CA ARG B 438 -30.61 -15.67 -31.65
C ARG B 438 -31.51 -15.84 -32.88
N ALA B 439 -32.51 -14.97 -33.01
CA ALA B 439 -33.42 -14.98 -34.15
C ALA B 439 -32.77 -14.36 -35.40
N ALA B 440 -31.76 -13.53 -35.17
CA ALA B 440 -31.04 -12.86 -36.26
C ALA B 440 -29.87 -13.70 -36.81
N HIS B 441 -29.75 -14.93 -36.32
CA HIS B 441 -28.71 -15.86 -36.77
C HIS B 441 -29.28 -17.02 -37.58
N ALA B 442 -30.59 -17.25 -37.45
CA ALA B 442 -31.29 -18.34 -38.11
C ALA B 442 -31.18 -18.31 -39.64
N SER B 443 -31.43 -19.46 -40.27
CA SER B 443 -31.33 -19.66 -41.72
C SER B 443 -29.93 -19.35 -42.30
N ASN B 444 -29.72 -18.11 -42.75
CA ASN B 444 -28.45 -17.72 -43.35
C ASN B 444 -27.72 -16.62 -42.57
N GLY B 445 -28.20 -15.39 -42.70
CA GLY B 445 -27.59 -14.23 -42.03
C GLY B 445 -27.80 -14.24 -40.53
N ASN B 446 -26.90 -13.59 -39.79
CA ASN B 446 -25.76 -12.88 -40.36
C ASN B 446 -24.44 -13.62 -40.20
N LYS B 447 -24.30 -14.37 -39.11
CA LYS B 447 -23.04 -14.99 -38.68
C LYS B 447 -22.14 -13.96 -37.99
N CYS B 448 -22.28 -12.70 -38.38
CA CYS B 448 -21.48 -11.60 -37.84
C CYS B 448 -22.32 -10.63 -37.00
N ALA B 449 -23.54 -11.03 -36.67
CA ALA B 449 -24.44 -10.21 -35.85
C ALA B 449 -24.09 -10.32 -34.36
N GLY B 450 -23.91 -9.16 -33.72
CA GLY B 450 -23.57 -9.11 -32.30
C GLY B 450 -24.09 -7.89 -31.58
N LEU B 451 -23.84 -7.82 -30.27
CA LEU B 451 -24.31 -6.71 -29.45
C LEU B 451 -23.27 -5.62 -29.31
N ASN B 452 -23.66 -4.40 -29.66
CA ASN B 452 -22.84 -3.22 -29.43
C ASN B 452 -23.32 -2.48 -28.19
N VAL B 453 -22.49 -2.48 -27.15
CA VAL B 453 -22.88 -1.96 -25.83
C VAL B 453 -23.11 -0.45 -25.79
N PHE B 454 -22.48 0.28 -26.71
CA PHE B 454 -22.61 1.73 -26.78
C PHE B 454 -23.88 2.15 -27.52
N THR B 455 -24.18 1.45 -28.61
CA THR B 455 -25.38 1.72 -29.40
C THR B 455 -26.63 1.16 -28.73
N GLY B 456 -26.54 -0.07 -28.22
CA GLY B 456 -27.66 -0.72 -27.55
C GLY B 456 -28.32 -1.78 -28.41
N ALA B 457 -28.64 -1.41 -29.65
CA ALA B 457 -29.27 -2.32 -30.60
C ALA B 457 -28.26 -3.29 -31.22
N VAL B 458 -28.76 -4.43 -31.70
CA VAL B 458 -27.93 -5.44 -32.36
C VAL B 458 -27.41 -4.94 -33.71
N GLU B 459 -26.08 -4.96 -33.87
CA GLU B 459 -25.43 -4.46 -35.07
C GLU B 459 -24.49 -5.50 -35.70
N ASP B 460 -24.18 -5.29 -36.98
CA ASP B 460 -23.24 -6.14 -37.70
C ASP B 460 -21.82 -5.80 -37.27
N MET B 461 -21.14 -6.76 -36.64
CA MET B 461 -19.82 -6.55 -36.03
C MET B 461 -18.68 -6.46 -37.05
N CYS B 462 -18.91 -6.96 -38.26
CA CYS B 462 -17.91 -6.89 -39.31
C CYS B 462 -17.76 -5.47 -39.84
N GLU B 463 -18.87 -4.73 -39.85
CA GLU B 463 -18.89 -3.36 -40.35
C GLU B 463 -18.55 -2.34 -39.25
N ASN B 464 -18.67 -2.78 -37.99
CA ASN B 464 -18.35 -1.92 -36.85
C ASN B 464 -16.86 -1.85 -36.53
N GLY B 465 -16.14 -2.90 -36.91
CA GLY B 465 -14.69 -2.98 -36.65
C GLY B 465 -14.35 -3.75 -35.38
N VAL B 466 -15.31 -4.54 -34.90
CA VAL B 466 -15.14 -5.37 -33.71
C VAL B 466 -14.77 -6.79 -34.13
N VAL B 467 -13.47 -7.05 -34.23
CA VAL B 467 -12.96 -8.35 -34.68
C VAL B 467 -11.84 -8.89 -33.79
N GLU B 468 -11.87 -10.20 -33.54
CA GLU B 468 -10.82 -10.84 -32.75
C GLU B 468 -10.28 -12.08 -33.45
N PRO B 469 -9.01 -12.38 -33.23
CA PRO B 469 -8.38 -13.55 -33.84
C PRO B 469 -9.08 -14.85 -33.47
N LEU B 470 -8.98 -15.84 -34.35
CA LEU B 470 -9.62 -17.15 -34.13
C LEU B 470 -9.03 -17.90 -32.94
N ARG B 471 -7.75 -17.63 -32.65
CA ARG B 471 -7.05 -18.26 -31.52
C ARG B 471 -7.60 -17.82 -30.16
N VAL B 472 -8.21 -16.63 -30.12
CA VAL B 472 -8.83 -16.11 -28.91
C VAL B 472 -10.06 -16.94 -28.51
N LYS B 473 -10.75 -17.48 -29.52
CA LYS B 473 -11.96 -18.28 -29.30
C LYS B 473 -11.70 -19.78 -29.26
N THR B 474 -10.80 -20.26 -30.13
CA THR B 474 -10.50 -21.69 -30.22
C THR B 474 -9.72 -22.23 -29.01
N GLN B 475 -8.77 -21.45 -28.52
CA GLN B 475 -7.98 -21.81 -27.34
C GLN B 475 -8.85 -21.76 -26.08
N ALA B 476 -9.68 -20.73 -25.97
CA ALA B 476 -10.54 -20.52 -24.80
C ALA B 476 -11.55 -21.65 -24.59
N ILE B 477 -12.05 -22.22 -25.69
CA ILE B 477 -13.00 -23.33 -25.63
C ILE B 477 -12.30 -24.64 -25.26
N GLN B 478 -11.18 -24.91 -25.91
CA GLN B 478 -10.41 -26.15 -25.68
C GLN B 478 -9.78 -26.21 -24.28
N SER B 479 -9.37 -25.06 -23.77
CA SER B 479 -8.79 -24.96 -22.42
C SER B 479 -9.86 -25.10 -21.33
N ALA B 480 -11.08 -24.64 -21.63
CA ALA B 480 -12.20 -24.73 -20.69
C ALA B 480 -12.86 -26.10 -20.72
N ALA B 481 -12.91 -26.72 -21.90
CA ALA B 481 -13.52 -28.04 -22.06
C ALA B 481 -12.69 -29.14 -21.40
N GLU B 482 -11.38 -29.14 -21.67
CA GLU B 482 -10.46 -30.14 -21.12
C GLU B 482 -10.34 -30.05 -19.58
N SER B 483 -10.51 -28.85 -19.04
CA SER B 483 -10.46 -28.64 -17.60
C SER B 483 -11.73 -29.14 -16.91
N THR B 484 -12.89 -28.84 -17.50
CA THR B 484 -14.18 -29.24 -16.95
C THR B 484 -14.43 -30.75 -17.09
N GLU B 485 -13.85 -31.35 -18.13
CA GLU B 485 -13.92 -32.79 -18.35
C GLU B 485 -13.19 -33.56 -17.26
N MET B 486 -12.05 -33.03 -16.82
CA MET B 486 -11.25 -33.62 -15.74
C MET B 486 -11.90 -33.42 -14.38
N LEU B 487 -12.53 -32.25 -14.18
CA LEU B 487 -13.18 -31.92 -12.92
C LEU B 487 -14.44 -32.73 -12.66
N LEU B 488 -15.12 -33.16 -13.73
CA LEU B 488 -16.30 -34.01 -13.63
C LEU B 488 -15.94 -35.48 -13.43
N ARG B 489 -14.64 -35.78 -13.44
CA ARG B 489 -14.15 -37.14 -13.24
C ARG B 489 -13.61 -37.36 -11.81
N ILE B 490 -14.05 -36.52 -10.88
CA ILE B 490 -13.64 -36.61 -9.48
C ILE B 490 -14.85 -36.94 -8.59
N ASP B 491 -14.70 -37.97 -7.77
CA ASP B 491 -15.76 -38.40 -6.85
C ASP B 491 -15.28 -38.51 -5.40
N ASP B 492 -13.96 -38.49 -5.21
CA ASP B 492 -13.36 -38.55 -3.87
C ASP B 492 -12.21 -37.56 -3.74
N VAL B 493 -12.20 -36.81 -2.64
CA VAL B 493 -11.18 -35.80 -2.38
C VAL B 493 -10.40 -36.14 -1.11
N ILE B 494 -9.09 -36.27 -1.25
CA ILE B 494 -8.20 -36.54 -0.11
C ILE B 494 -7.29 -35.33 0.13
N ALA B 495 -7.56 -34.61 1.22
CA ALA B 495 -6.78 -33.43 1.59
C ALA B 495 -6.28 -33.51 3.02
N ALA B 496 -4.99 -33.82 3.16
CA ALA B 496 -4.34 -33.89 4.48
C ALA B 496 -3.96 -32.50 4.99
N GLU B 497 -3.47 -32.45 6.23
CA GLU B 497 -3.09 -31.19 6.90
C GLU B 497 -4.27 -30.23 7.04
N ASN C 11 -10.39 -16.40 1.68
CA ASN C 11 -9.29 -15.57 2.26
C ASN C 11 -9.04 -14.28 1.48
N MET C 12 -9.20 -13.12 2.13
CA MET C 12 -9.59 -13.05 3.54
C MET C 12 -10.89 -12.26 3.76
N LYS C 13 -11.06 -11.18 3.00
CA LYS C 13 -12.26 -10.34 3.10
C LYS C 13 -12.82 -9.99 1.72
N ARG C 14 -14.11 -10.25 1.52
CA ARG C 14 -14.79 -9.97 0.26
C ARG C 14 -16.28 -9.68 0.45
N TYR C 15 -16.77 -8.66 -0.25
CA TYR C 15 -18.19 -8.33 -0.28
C TYR C 15 -18.73 -8.55 -1.70
N MET C 16 -19.96 -9.07 -1.78
CA MET C 16 -20.53 -9.46 -3.08
C MET C 16 -21.52 -8.45 -3.66
N GLY C 17 -21.16 -7.90 -4.81
CA GLY C 17 -22.03 -7.02 -5.60
C GLY C 17 -22.65 -5.85 -4.86
N ARG C 18 -23.87 -6.07 -4.38
CA ARG C 18 -24.64 -5.03 -3.67
C ARG C 18 -24.04 -4.68 -2.32
N ASP C 19 -23.38 -5.65 -1.70
CA ASP C 19 -22.71 -5.45 -0.41
C ASP C 19 -21.35 -4.79 -0.55
N ALA C 20 -20.83 -4.76 -1.78
CA ALA C 20 -19.54 -4.13 -2.08
C ALA C 20 -19.71 -2.70 -2.55
N GLN C 21 -20.76 -2.45 -3.34
CA GLN C 21 -21.07 -1.12 -3.85
C GLN C 21 -21.51 -0.18 -2.74
N ARG C 22 -22.34 -0.69 -1.83
CA ARG C 22 -22.84 0.08 -0.69
C ARG C 22 -21.76 0.31 0.37
N MET C 23 -20.80 -0.61 0.44
CA MET C 23 -19.68 -0.49 1.38
C MET C 23 -18.72 0.63 0.98
N ASN C 24 -18.51 0.81 -0.32
CA ASN C 24 -17.62 1.85 -0.84
C ASN C 24 -18.25 3.24 -0.86
N ILE C 25 -19.55 3.30 -1.14
CA ILE C 25 -20.29 4.57 -1.18
C ILE C 25 -20.45 5.16 0.22
N LEU C 26 -20.74 4.29 1.20
CA LEU C 26 -20.91 4.71 2.59
C LEU C 26 -19.60 5.21 3.21
N ALA C 27 -18.49 4.61 2.81
CA ALA C 27 -17.17 4.99 3.31
C ALA C 27 -16.71 6.35 2.81
N GLY C 28 -17.13 6.71 1.60
CA GLY C 28 -16.81 8.01 1.01
C GLY C 28 -17.69 9.12 1.55
N ARG C 29 -18.91 8.77 1.95
CA ARG C 29 -19.88 9.73 2.49
C ARG C 29 -19.61 10.07 3.96
N ILE C 30 -19.12 9.08 4.71
CA ILE C 30 -18.89 9.24 6.15
C ILE C 30 -17.71 10.18 6.46
N ILE C 31 -16.71 10.20 5.58
CA ILE C 31 -15.57 11.11 5.73
C ILE C 31 -15.87 12.50 5.15
N ALA C 32 -16.90 12.55 4.29
CA ALA C 32 -17.36 13.81 3.70
C ALA C 32 -18.14 14.65 4.71
N GLU C 33 -18.89 13.97 5.59
CA GLU C 33 -19.63 14.62 6.67
C GLU C 33 -18.73 15.15 7.78
N THR C 34 -17.51 14.59 7.85
CA THR C 34 -16.50 15.01 8.83
C THR C 34 -15.96 16.40 8.51
N VAL C 35 -15.94 16.74 7.22
CA VAL C 35 -15.45 18.05 6.75
C VAL C 35 -16.57 18.94 6.19
N ARG C 36 -17.82 18.50 6.37
CA ARG C 36 -18.97 19.21 5.81
C ARG C 36 -19.35 20.45 6.62
N SER C 37 -19.02 20.45 7.90
CA SER C 37 -19.35 21.55 8.80
C SER C 37 -18.29 22.67 8.80
N THR C 38 -17.15 22.40 8.16
CA THR C 38 -16.03 23.33 8.13
C THR C 38 -16.21 24.43 7.06
N LEU C 39 -17.06 24.14 6.07
CA LEU C 39 -17.26 25.02 4.93
C LEU C 39 -18.05 26.29 5.29
N GLY C 40 -17.61 27.42 4.73
CA GLY C 40 -18.31 28.70 4.92
C GLY C 40 -17.64 29.62 5.92
N PRO C 41 -17.91 30.94 5.80
CA PRO C 41 -17.38 31.96 6.73
C PRO C 41 -17.79 31.69 8.18
N LYS C 42 -18.98 31.13 8.38
CA LYS C 42 -19.41 30.68 9.70
C LYS C 42 -19.26 29.15 9.82
N GLY C 43 -18.12 28.65 9.37
CA GLY C 43 -17.79 27.23 9.43
C GLY C 43 -17.14 26.82 10.73
N MET C 44 -17.10 25.52 10.99
CA MET C 44 -16.59 24.99 12.25
C MET C 44 -15.15 24.48 12.12
N ASP C 45 -14.46 24.37 13.25
CA ASP C 45 -13.09 23.87 13.30
C ASP C 45 -13.02 22.44 13.85
N LYS C 46 -11.90 21.76 13.57
CA LYS C 46 -11.70 20.38 13.99
C LYS C 46 -10.42 20.21 14.79
N MET C 47 -10.53 19.53 15.93
CA MET C 47 -9.37 19.21 16.76
C MET C 47 -9.01 17.73 16.63
N LEU C 48 -7.74 17.46 16.30
CA LEU C 48 -7.26 16.11 16.05
C LEU C 48 -6.24 15.69 17.10
N VAL C 49 -6.55 14.63 17.84
CA VAL C 49 -5.64 14.07 18.83
C VAL C 49 -5.15 12.69 18.36
N ASP C 50 -3.89 12.62 17.97
CA ASP C 50 -3.30 11.38 17.46
C ASP C 50 -2.72 10.52 18.59
N ASP C 51 -1.90 9.54 18.22
CA ASP C 51 -1.31 8.59 19.17
C ASP C 51 -0.30 9.22 20.13
N LEU C 52 0.42 10.24 19.64
CA LEU C 52 1.44 10.92 20.44
C LEU C 52 0.86 11.87 21.48
N GLY C 53 -0.41 12.26 21.30
CA GLY C 53 -1.06 13.22 22.17
C GLY C 53 -0.84 14.65 21.71
N ASP C 54 -0.29 14.80 20.51
CA ASP C 54 -0.06 16.11 19.90
C ASP C 54 -1.38 16.73 19.45
N VAL C 55 -1.59 17.98 19.88
CA VAL C 55 -2.83 18.69 19.60
C VAL C 55 -2.66 19.73 18.49
N VAL C 56 -3.63 19.78 17.58
CA VAL C 56 -3.67 20.78 16.51
C VAL C 56 -5.12 21.02 16.06
N VAL C 57 -5.50 22.30 16.00
CA VAL C 57 -6.85 22.69 15.58
C VAL C 57 -6.79 23.36 14.21
N THR C 58 -7.59 22.83 13.27
CA THR C 58 -7.60 23.33 11.89
C THR C 58 -8.98 23.26 11.23
N ASN C 59 -9.26 24.27 10.40
CA ASN C 59 -10.49 24.32 9.60
C ASN C 59 -10.23 23.78 8.19
N ASP C 60 -8.98 23.94 7.73
CA ASP C 60 -8.54 23.49 6.41
C ASP C 60 -8.82 22.00 6.19
N GLY C 61 -9.60 21.71 5.15
CA GLY C 61 -10.09 20.35 4.89
C GLY C 61 -9.04 19.30 4.57
N VAL C 62 -7.97 19.70 3.89
CA VAL C 62 -6.93 18.75 3.47
C VAL C 62 -5.99 18.33 4.61
N THR C 63 -5.76 19.24 5.56
CA THR C 63 -4.88 18.97 6.70
C THR C 63 -5.52 18.01 7.73
N ILE C 64 -6.84 17.96 7.75
CA ILE C 64 -7.58 17.06 8.62
C ILE C 64 -7.47 15.61 8.14
N LEU C 65 -7.74 15.40 6.85
CA LEU C 65 -7.79 14.06 6.26
C LEU C 65 -6.44 13.35 6.18
N ARG C 66 -5.36 14.12 6.11
CA ARG C 66 -4.01 13.56 5.97
C ARG C 66 -3.42 13.00 7.27
N GLU C 67 -3.61 13.72 8.36
CA GLU C 67 -2.94 13.39 9.63
C GLU C 67 -3.82 12.67 10.66
N MET C 68 -5.07 12.37 10.29
CA MET C 68 -5.95 11.60 11.16
C MET C 68 -5.96 10.11 10.80
N SER C 69 -6.36 9.28 11.74
CA SER C 69 -6.35 7.83 11.57
C SER C 69 -7.50 7.33 10.69
N VAL C 70 -7.19 7.06 9.43
CA VAL C 70 -8.15 6.52 8.46
C VAL C 70 -7.62 5.17 7.95
N GLU C 71 -8.47 4.15 7.99
CA GLU C 71 -8.03 2.79 7.64
C GLU C 71 -8.87 2.06 6.58
N HIS C 72 -10.08 2.56 6.31
CA HIS C 72 -10.94 1.94 5.29
C HIS C 72 -10.38 2.17 3.89
N PRO C 73 -10.28 1.09 3.08
CA PRO C 73 -9.71 1.15 1.73
C PRO C 73 -10.39 2.16 0.79
N ALA C 74 -11.71 2.27 0.88
CA ALA C 74 -12.47 3.19 0.03
C ALA C 74 -12.31 4.65 0.46
N ALA C 75 -12.07 4.86 1.75
CA ALA C 75 -11.90 6.21 2.30
C ALA C 75 -10.52 6.80 1.98
N LYS C 76 -9.52 5.94 1.87
CA LYS C 76 -8.14 6.36 1.57
C LYS C 76 -7.99 6.85 0.13
N MET C 77 -8.84 6.36 -0.77
CA MET C 77 -8.82 6.75 -2.17
C MET C 77 -9.41 8.14 -2.42
N LEU C 78 -10.22 8.61 -1.47
CA LEU C 78 -10.85 9.93 -1.57
C LEU C 78 -9.97 11.03 -0.96
N ILE C 79 -8.90 10.62 -0.27
CA ILE C 79 -7.93 11.56 0.29
C ILE C 79 -6.85 11.90 -0.75
N GLU C 80 -7.10 11.50 -2.00
CA GLU C 80 -6.23 11.83 -3.13
C GLU C 80 -6.79 13.00 -3.94
N VAL C 81 -8.07 13.30 -3.72
CA VAL C 81 -8.76 14.41 -4.38
C VAL C 81 -8.31 15.75 -3.79
N ALA C 82 -8.38 15.86 -2.47
CA ALA C 82 -7.98 17.05 -1.74
C ALA C 82 -6.45 17.23 -1.76
N LYS C 83 -5.73 16.12 -1.82
CA LYS C 83 -4.27 16.12 -1.89
C LYS C 83 -3.78 16.70 -3.22
N THR C 84 -4.56 16.46 -4.28
CA THR C 84 -4.28 17.02 -5.59
C THR C 84 -5.00 18.37 -5.80
N GLN C 85 -5.79 18.77 -4.81
CA GLN C 85 -6.44 20.09 -4.82
C GLN C 85 -5.52 21.14 -4.22
N GLU C 86 -4.82 20.78 -3.14
CA GLU C 86 -3.84 21.66 -2.51
C GLU C 86 -2.55 21.74 -3.32
N LYS C 87 -2.31 20.73 -4.15
CA LYS C 87 -1.13 20.66 -5.01
C LYS C 87 -1.29 21.49 -6.27
N GLU C 88 -2.51 21.51 -6.82
CA GLU C 88 -2.79 22.23 -8.07
C GLU C 88 -3.30 23.65 -7.83
N VAL C 89 -4.24 23.80 -6.89
CA VAL C 89 -4.84 25.11 -6.60
C VAL C 89 -4.42 25.64 -5.23
N GLY C 90 -4.83 24.93 -4.17
CA GLY C 90 -4.57 25.36 -2.80
C GLY C 90 -5.85 25.56 -2.02
N ASP C 91 -6.65 26.53 -2.46
CA ASP C 91 -7.93 26.84 -1.84
C ASP C 91 -9.07 26.08 -2.54
N GLY C 92 -10.00 25.56 -1.76
CA GLY C 92 -11.12 24.79 -2.28
C GLY C 92 -10.97 23.30 -2.04
N THR C 93 -10.19 22.95 -1.02
CA THR C 93 -9.96 21.55 -0.65
C THR C 93 -11.17 20.94 0.03
N THR C 94 -11.91 21.77 0.77
CA THR C 94 -13.14 21.35 1.44
C THR C 94 -14.25 21.11 0.43
N THR C 95 -14.37 22.01 -0.55
CA THR C 95 -15.41 21.95 -1.57
C THR C 95 -15.28 20.73 -2.49
N ALA C 96 -14.04 20.30 -2.74
CA ALA C 96 -13.76 19.17 -3.62
C ALA C 96 -14.19 17.83 -3.03
N VAL C 97 -14.24 17.75 -1.71
CA VAL C 97 -14.60 16.52 -1.00
C VAL C 97 -16.12 16.39 -0.83
N VAL C 98 -16.78 17.49 -0.48
CA VAL C 98 -18.22 17.51 -0.24
C VAL C 98 -19.02 17.18 -1.50
N VAL C 99 -18.58 17.71 -2.64
CA VAL C 99 -19.20 17.42 -3.94
C VAL C 99 -19.12 15.93 -4.27
N ALA C 100 -17.95 15.34 -4.04
CA ALA C 100 -17.72 13.91 -4.29
C ALA C 100 -18.63 13.01 -3.46
N GLY C 101 -18.97 13.48 -2.25
CA GLY C 101 -19.89 12.75 -1.36
C GLY C 101 -21.33 12.80 -1.83
N GLU C 102 -21.73 13.94 -2.39
CA GLU C 102 -23.09 14.12 -2.91
C GLU C 102 -23.28 13.38 -4.24
N LEU C 103 -22.20 13.26 -5.00
CA LEU C 103 -22.21 12.50 -6.26
C LEU C 103 -22.38 11.00 -6.02
N LEU C 104 -22.01 10.55 -4.82
CA LEU C 104 -22.19 9.16 -4.40
C LEU C 104 -23.59 8.93 -3.82
N ARG C 105 -24.15 9.97 -3.21
CA ARG C 105 -25.51 9.91 -2.66
C ARG C 105 -26.56 9.90 -3.77
N LYS C 106 -26.34 10.71 -4.80
CA LYS C 106 -27.23 10.77 -5.96
C LYS C 106 -27.04 9.57 -6.89
N ALA C 107 -25.95 8.84 -6.70
CA ALA C 107 -25.65 7.65 -7.50
C ALA C 107 -26.36 6.41 -6.98
N GLU C 108 -26.32 6.20 -5.66
CA GLU C 108 -26.95 5.03 -5.03
C GLU C 108 -28.48 5.09 -5.04
N GLU C 109 -29.02 6.30 -5.26
CA GLU C 109 -30.46 6.49 -5.48
C GLU C 109 -30.86 5.92 -6.84
N LEU C 110 -29.93 5.97 -7.80
CA LEU C 110 -30.13 5.41 -9.13
C LEU C 110 -29.82 3.92 -9.17
N LEU C 111 -28.91 3.48 -8.30
CA LEU C 111 -28.50 2.07 -8.23
C LEU C 111 -29.58 1.17 -7.63
N ASP C 112 -30.35 1.72 -6.69
CA ASP C 112 -31.46 0.99 -6.07
C ASP C 112 -32.66 0.83 -7.02
N GLN C 113 -32.70 1.67 -8.05
CA GLN C 113 -33.75 1.61 -9.07
C GLN C 113 -33.33 0.75 -10.27
N ASN C 114 -32.22 0.04 -10.13
CA ASN C 114 -31.67 -0.85 -11.15
C ASN C 114 -31.22 -0.17 -12.45
N VAL C 115 -30.87 1.10 -12.35
CA VAL C 115 -30.20 1.81 -13.45
C VAL C 115 -28.72 1.46 -13.39
N HIS C 116 -28.22 0.86 -14.47
CA HIS C 116 -26.87 0.29 -14.50
C HIS C 116 -25.76 1.34 -14.33
N PRO C 117 -24.71 1.01 -13.55
CA PRO C 117 -23.55 1.88 -13.30
C PRO C 117 -22.88 2.46 -14.55
N THR C 118 -22.88 1.69 -15.65
CA THR C 118 -22.27 2.15 -16.90
C THR C 118 -23.10 3.21 -17.62
N ILE C 119 -24.40 3.22 -17.35
CA ILE C 119 -25.29 4.26 -17.85
C ILE C 119 -25.12 5.51 -16.97
N VAL C 120 -24.81 5.29 -15.69
CA VAL C 120 -24.53 6.36 -14.73
C VAL C 120 -23.22 7.05 -15.07
N VAL C 121 -22.17 6.26 -15.34
CA VAL C 121 -20.85 6.78 -15.71
C VAL C 121 -20.86 7.44 -17.10
N LYS C 122 -21.86 7.07 -17.91
CA LYS C 122 -22.04 7.64 -19.25
C LYS C 122 -22.57 9.07 -19.18
N GLY C 123 -23.46 9.30 -18.22
CA GLY C 123 -24.06 10.62 -18.01
C GLY C 123 -23.21 11.55 -17.15
N TYR C 124 -22.53 10.96 -16.16
CA TYR C 124 -21.65 11.70 -15.25
C TYR C 124 -20.45 12.32 -15.97
N GLN C 125 -19.90 11.60 -16.94
CA GLN C 125 -18.78 12.08 -17.73
C GLN C 125 -19.22 13.15 -18.74
N ALA C 126 -20.38 12.92 -19.35
CA ALA C 126 -20.95 13.85 -20.34
C ALA C 126 -21.38 15.18 -19.74
N ALA C 127 -21.84 15.13 -18.48
CA ALA C 127 -22.25 16.33 -17.74
C ALA C 127 -21.05 17.13 -17.27
N ALA C 128 -19.99 16.44 -16.83
CA ALA C 128 -18.75 17.08 -16.40
C ALA C 128 -17.98 17.66 -17.59
N GLN C 129 -18.21 17.08 -18.77
CA GLN C 129 -17.62 17.55 -20.01
C GLN C 129 -18.29 18.84 -20.47
N LYS C 130 -19.58 18.99 -20.12
CA LYS C 130 -20.36 20.18 -20.45
C LYS C 130 -20.21 21.25 -19.38
N ALA C 131 -20.01 20.83 -18.12
CA ALA C 131 -19.82 21.74 -16.99
C ALA C 131 -18.56 22.58 -17.15
N GLN C 132 -17.54 22.02 -17.79
CA GLN C 132 -16.27 22.70 -18.01
C GLN C 132 -16.36 23.76 -19.12
N GLU C 133 -17.20 23.51 -20.11
CA GLU C 133 -17.37 24.46 -21.23
C GLU C 133 -18.47 25.48 -20.97
N LEU C 134 -19.24 25.29 -19.90
CA LEU C 134 -20.24 26.26 -19.46
C LEU C 134 -19.68 27.22 -18.42
N LEU C 135 -18.68 26.76 -17.67
CA LEU C 135 -17.98 27.60 -16.69
C LEU C 135 -17.12 28.67 -17.34
N LYS C 136 -16.65 28.39 -18.55
CA LYS C 136 -15.82 29.32 -19.31
C LYS C 136 -16.60 30.55 -19.78
N THR C 137 -17.88 30.35 -20.09
CA THR C 137 -18.76 31.42 -20.56
C THR C 137 -19.22 32.35 -19.43
N ILE C 138 -19.38 31.79 -18.24
CA ILE C 138 -19.86 32.54 -17.08
C ILE C 138 -18.72 33.19 -16.27
N ALA C 139 -17.48 32.83 -16.60
CA ALA C 139 -16.30 33.37 -15.92
C ALA C 139 -15.98 34.78 -16.38
N CYS C 140 -15.61 35.64 -15.41
CA CYS C 140 -15.26 37.03 -15.69
C CYS C 140 -13.77 37.19 -15.94
N GLU C 141 -13.43 38.05 -16.89
CA GLU C 141 -12.03 38.29 -17.27
C GLU C 141 -11.43 39.43 -16.46
N VAL C 142 -10.32 39.16 -15.78
CA VAL C 142 -9.45 40.21 -15.28
C VAL C 142 -8.00 39.95 -15.65
N GLY C 143 -7.52 40.62 -16.69
CA GLY C 143 -6.22 40.34 -17.26
C GLY C 143 -5.10 40.51 -16.26
N ALA C 144 -3.89 40.10 -16.66
CA ALA C 144 -2.90 39.57 -15.71
C ALA C 144 -2.41 40.61 -14.71
N GLN C 145 -2.41 41.89 -15.12
CA GLN C 145 -1.94 42.98 -14.26
C GLN C 145 -3.04 43.99 -13.92
N ASP C 146 -4.29 43.52 -13.91
CA ASP C 146 -5.42 44.34 -13.49
C ASP C 146 -5.48 44.33 -11.96
N LYS C 147 -4.71 45.24 -11.36
CA LYS C 147 -4.44 45.22 -9.92
C LYS C 147 -5.65 45.45 -9.02
N GLU C 148 -6.65 46.18 -9.51
CA GLU C 148 -7.88 46.43 -8.74
C GLU C 148 -8.73 45.17 -8.57
N ILE C 149 -8.71 44.31 -9.58
CA ILE C 149 -9.42 43.03 -9.53
C ILE C 149 -8.58 41.97 -8.80
N LEU C 150 -7.26 42.02 -9.00
CA LEU C 150 -6.33 41.13 -8.31
C LEU C 150 -6.36 41.31 -6.79
N THR C 151 -6.64 42.54 -6.35
CA THR C 151 -6.81 42.86 -4.94
C THR C 151 -8.10 42.22 -4.40
N LYS C 152 -9.15 42.22 -5.22
CA LYS C 152 -10.43 41.60 -4.87
C LYS C 152 -10.32 40.08 -4.79
N ILE C 153 -9.56 39.49 -5.71
CA ILE C 153 -9.32 38.04 -5.73
C ILE C 153 -8.52 37.62 -4.49
N ALA C 154 -7.53 38.43 -4.13
CA ALA C 154 -6.75 38.21 -2.90
C ALA C 154 -7.59 38.42 -1.66
N MET C 155 -8.48 39.41 -1.70
CA MET C 155 -9.41 39.72 -0.60
C MET C 155 -10.41 38.59 -0.37
N THR C 156 -10.85 37.97 -1.47
CA THR C 156 -11.79 36.84 -1.42
C THR C 156 -11.13 35.59 -0.84
N SER C 157 -9.82 35.48 -1.03
CA SER C 157 -9.05 34.34 -0.52
C SER C 157 -8.80 34.44 0.98
N ILE C 158 -8.52 35.65 1.46
CA ILE C 158 -8.33 35.90 2.90
C ILE C 158 -9.65 35.73 3.64
N THR C 159 -10.74 36.20 3.02
CA THR C 159 -12.09 35.98 3.52
C THR C 159 -12.43 34.49 3.38
N GLY C 160 -13.12 33.94 4.37
CA GLY C 160 -13.36 32.51 4.44
C GLY C 160 -12.60 31.91 5.62
N LYS C 161 -11.40 32.42 5.84
CA LYS C 161 -10.60 32.08 7.01
C LYS C 161 -10.89 33.05 8.15
N GLY C 162 -11.43 34.22 7.82
CA GLY C 162 -11.79 35.23 8.80
C GLY C 162 -12.04 36.60 8.18
N ALA C 163 -13.12 37.24 8.61
CA ALA C 163 -13.46 38.59 8.17
C ALA C 163 -12.53 39.64 8.79
N GLU C 164 -12.09 39.36 10.02
CA GLU C 164 -11.14 40.22 10.73
C GLU C 164 -9.73 40.11 10.13
N LYS C 165 -9.45 38.97 9.50
CA LYS C 165 -8.21 38.76 8.77
C LYS C 165 -8.23 39.55 7.47
N ALA C 166 -9.42 39.71 6.90
CA ALA C 166 -9.61 40.44 5.66
C ALA C 166 -9.63 41.95 5.88
N LYS C 167 -8.46 42.57 5.76
CA LYS C 167 -8.32 44.02 5.88
C LYS C 167 -7.78 44.60 4.57
N GLU C 168 -8.24 45.79 4.22
CA GLU C 168 -7.90 46.46 2.95
C GLU C 168 -6.41 46.54 2.62
N LYS C 169 -5.58 46.80 3.64
CA LYS C 169 -4.14 46.98 3.45
C LYS C 169 -3.40 45.68 3.13
N LEU C 170 -3.86 44.58 3.71
CA LEU C 170 -3.20 43.27 3.56
C LEU C 170 -3.26 42.75 2.12
N ALA C 171 -4.41 42.91 1.47
CA ALA C 171 -4.60 42.44 0.10
C ALA C 171 -3.79 43.23 -0.93
N GLU C 172 -3.53 44.50 -0.62
CA GLU C 172 -2.74 45.38 -1.49
C GLU C 172 -1.26 44.99 -1.47
N ILE C 173 -0.80 44.44 -0.35
CA ILE C 173 0.59 44.01 -0.18
C ILE C 173 0.88 42.73 -0.97
N ILE C 174 -0.06 41.79 -0.93
CA ILE C 174 0.11 40.47 -1.57
C ILE C 174 0.23 40.56 -3.09
N VAL C 175 -0.61 41.39 -3.71
CA VAL C 175 -0.64 41.58 -5.17
C VAL C 175 0.70 42.09 -5.71
N GLU C 176 1.33 43.01 -4.97
CA GLU C 176 2.62 43.59 -5.35
C GLU C 176 3.74 42.57 -5.41
N ALA C 177 3.68 41.57 -4.53
CA ALA C 177 4.69 40.52 -4.45
C ALA C 177 4.59 39.50 -5.59
N VAL C 178 3.37 39.11 -5.92
CA VAL C 178 3.11 38.09 -6.95
C VAL C 178 3.39 38.63 -8.35
N SER C 179 3.04 39.89 -8.58
CA SER C 179 3.26 40.54 -9.88
C SER C 179 4.75 40.78 -10.18
N ALA C 180 5.57 40.79 -9.12
CA ALA C 180 7.01 41.01 -9.24
C ALA C 180 7.78 39.72 -9.57
N VAL C 181 7.30 38.60 -9.03
CA VAL C 181 7.99 37.31 -9.18
C VAL C 181 7.62 36.56 -10.47
N VAL C 182 6.86 37.23 -11.35
CA VAL C 182 6.48 36.64 -12.64
C VAL C 182 7.67 36.67 -13.61
N ASP C 183 8.13 35.49 -14.00
CA ASP C 183 9.19 35.36 -15.00
C ASP C 183 8.61 35.46 -16.39
N ASP C 184 8.81 36.63 -17.02
CA ASP C 184 8.24 36.95 -18.32
C ASP C 184 8.87 36.14 -19.46
N GLU C 185 8.06 35.45 -20.27
CA GLU C 185 6.60 35.39 -20.10
C GLU C 185 6.13 33.92 -20.03
N GLY C 186 5.30 33.58 -19.04
CA GLY C 186 4.84 34.52 -18.01
C GLY C 186 4.19 33.79 -16.85
N LYS C 187 4.78 32.65 -16.49
CA LYS C 187 4.27 31.81 -15.40
C LYS C 187 4.63 32.37 -14.03
N VAL C 188 3.96 31.86 -13.00
CA VAL C 188 4.22 32.27 -11.61
C VAL C 188 4.77 31.10 -10.80
N ASP C 189 5.99 31.28 -10.30
CA ASP C 189 6.61 30.28 -9.42
C ASP C 189 6.38 30.65 -7.97
N LYS C 190 5.67 29.77 -7.25
CA LYS C 190 5.31 30.01 -5.85
C LYS C 190 6.49 29.87 -4.89
N ASP C 191 7.54 29.19 -5.34
CA ASP C 191 8.74 28.97 -4.53
C ASP C 191 9.62 30.22 -4.42
N LEU C 192 9.41 31.18 -5.32
CA LEU C 192 10.19 32.43 -5.34
C LEU C 192 9.85 33.36 -4.18
N ILE C 193 8.67 33.18 -3.60
CA ILE C 193 8.25 33.96 -2.44
C ILE C 193 8.64 33.26 -1.14
N LYS C 194 9.54 33.87 -0.39
CA LYS C 194 10.01 33.32 0.87
C LYS C 194 9.11 33.73 2.02
N ILE C 195 8.82 32.76 2.89
CA ILE C 195 7.94 32.99 4.03
C ILE C 195 8.73 32.94 5.35
N GLU C 196 8.66 34.02 6.12
CA GLU C 196 9.34 34.10 7.40
C GLU C 196 8.34 34.24 8.54
N LYS C 197 8.51 33.42 9.57
CA LYS C 197 7.63 33.42 10.73
C LYS C 197 8.35 34.00 11.95
N LYS C 198 8.05 35.26 12.27
CA LYS C 198 8.66 35.96 13.40
C LYS C 198 7.62 36.64 14.28
N SER C 199 7.94 36.83 15.55
CA SER C 199 7.00 37.36 16.53
C SER C 199 6.97 38.90 16.59
N GLY C 200 6.47 39.44 17.71
CA GLY C 200 6.31 40.87 17.89
C GLY C 200 4.88 41.31 17.69
N ALA C 201 4.46 42.35 18.41
CA ALA C 201 3.11 42.90 18.30
C ALA C 201 2.85 43.40 16.87
N SER C 202 2.22 42.55 16.07
CA SER C 202 2.10 42.81 14.63
C SER C 202 0.69 42.56 14.08
N ILE C 203 0.57 41.60 13.17
CA ILE C 203 -0.62 41.39 12.33
C ILE C 203 -0.79 42.56 11.34
N ASP C 204 -0.61 43.79 11.85
CA ASP C 204 -0.63 44.99 11.03
C ASP C 204 0.79 45.44 10.64
N ASP C 205 1.78 45.02 11.41
CA ASP C 205 3.18 45.35 11.15
C ASP C 205 3.83 44.42 10.12
N THR C 206 3.00 43.58 9.49
CA THR C 206 3.47 42.69 8.42
C THR C 206 3.89 43.50 7.20
N GLU C 207 5.17 43.37 6.83
CA GLU C 207 5.75 44.19 5.78
C GLU C 207 6.20 43.41 4.54
N LEU C 208 6.12 44.07 3.40
CA LEU C 208 6.62 43.52 2.13
C LEU C 208 8.12 43.75 2.02
N ILE C 209 8.89 42.67 2.09
CA ILE C 209 10.34 42.75 1.94
C ILE C 209 10.77 42.26 0.56
N LYS C 210 11.19 43.19 -0.29
CA LYS C 210 12.15 42.90 -1.34
C LYS C 210 13.54 42.65 -0.76
N GLY C 211 13.61 41.83 0.28
CA GLY C 211 14.54 42.05 1.37
C GLY C 211 14.68 40.83 2.27
N VAL C 212 15.72 40.83 3.10
CA VAL C 212 15.80 39.88 4.22
C VAL C 212 15.84 40.63 5.56
N LEU C 213 15.16 40.08 6.56
CA LEU C 213 15.25 40.61 7.92
C LEU C 213 15.99 39.62 8.82
N VAL C 214 17.26 39.93 9.07
CA VAL C 214 18.14 39.07 9.86
C VAL C 214 17.97 39.36 11.35
N ASP C 215 17.71 38.31 12.13
CA ASP C 215 17.54 38.43 13.58
C ASP C 215 18.91 38.46 14.28
N LYS C 216 19.65 39.54 14.05
CA LYS C 216 20.97 39.74 14.64
C LYS C 216 21.31 41.23 14.71
N GLU C 217 22.48 41.53 15.28
CA GLU C 217 22.94 42.92 15.43
C GLU C 217 24.30 43.12 14.75
N ARG C 218 24.99 44.20 15.11
CA ARG C 218 26.36 44.43 14.66
C ARG C 218 27.35 43.81 15.65
N VAL C 219 28.43 43.24 15.12
CA VAL C 219 29.43 42.53 15.93
C VAL C 219 30.21 43.48 16.86
N SER C 220 30.34 44.73 16.43
CA SER C 220 31.01 45.77 17.22
C SER C 220 30.20 47.05 17.21
N ALA C 221 30.13 47.72 18.37
CA ALA C 221 29.41 48.98 18.52
C ALA C 221 30.12 50.16 17.85
N GLN C 222 31.34 49.89 17.36
CA GLN C 222 32.16 50.89 16.69
C GLN C 222 31.75 51.05 15.21
N MET C 223 31.04 50.05 14.68
CA MET C 223 30.66 50.01 13.27
C MET C 223 29.43 50.86 12.96
N PRO C 224 29.34 51.37 11.70
CA PRO C 224 28.21 52.18 11.23
C PRO C 224 26.84 51.51 11.36
N LYS C 225 25.78 52.31 11.30
CA LYS C 225 24.41 51.84 11.50
C LYS C 225 23.56 51.87 10.24
N LYS C 226 23.90 52.77 9.31
CA LYS C 226 23.15 52.93 8.06
C LYS C 226 24.06 53.30 6.90
N VAL C 227 23.95 52.55 5.80
CA VAL C 227 24.78 52.75 4.60
C VAL C 227 23.91 52.75 3.34
N THR C 228 24.30 53.55 2.35
CA THR C 228 23.60 53.63 1.07
C THR C 228 24.40 52.91 -0.03
N ASP C 229 23.68 52.19 -0.89
CA ASP C 229 24.26 51.42 -2.01
C ASP C 229 25.34 50.45 -1.53
N ALA C 230 24.97 49.62 -0.55
CA ALA C 230 25.91 48.73 0.12
C ALA C 230 26.20 47.46 -0.68
N LYS C 231 27.48 47.07 -0.70
CA LYS C 231 27.91 45.82 -1.31
C LYS C 231 28.09 44.78 -0.20
N ILE C 232 27.38 43.67 -0.31
CA ILE C 232 27.33 42.68 0.77
C ILE C 232 28.09 41.39 0.43
N ALA C 233 29.11 41.11 1.23
CA ALA C 233 29.88 39.87 1.11
C ALA C 233 29.34 38.81 2.07
N LEU C 234 28.78 37.75 1.51
CA LEU C 234 28.25 36.64 2.30
C LEU C 234 29.31 35.57 2.54
N LEU C 235 29.93 35.62 3.71
CA LEU C 235 30.94 34.63 4.09
C LEU C 235 30.33 33.47 4.86
N ASN C 236 30.68 32.26 4.45
CA ASN C 236 30.31 31.03 5.14
C ASN C 236 31.47 30.56 6.02
N CYS C 237 32.69 30.95 5.64
CA CYS C 237 33.89 30.61 6.40
C CYS C 237 34.05 31.47 7.63
N ALA C 238 34.85 30.99 8.58
CA ALA C 238 35.15 31.73 9.81
C ALA C 238 36.34 32.67 9.59
N ILE C 239 36.16 33.92 10.02
CA ILE C 239 37.23 34.92 9.96
C ILE C 239 38.04 34.85 11.26
N GLU C 240 38.64 33.71 11.68
CA GLU C 240 39.22 33.57 13.09
C GLU C 240 40.75 33.79 13.53
N GLU C 241 41.13 33.58 14.83
CA GLU C 241 42.52 33.88 15.39
C GLU C 241 43.08 33.55 16.87
N THR C 242 44.26 34.13 17.22
CA THR C 242 45.11 33.96 18.40
C THR C 242 45.27 35.29 19.15
N ALA C 243 46.45 35.91 19.00
CA ALA C 243 46.76 37.19 19.65
C ALA C 243 47.88 37.93 18.92
N SER C 244 48.03 37.68 17.63
CA SER C 244 49.11 38.28 16.84
C SER C 244 48.63 38.79 15.47
N GLU C 245 47.59 39.63 15.50
CA GLU C 245 47.01 40.26 14.31
C GLU C 245 47.09 39.44 13.01
N MET C 246 46.56 38.22 13.06
CA MET C 246 46.55 37.32 11.91
C MET C 246 45.28 37.50 11.06
N LEU C 247 44.57 38.59 11.31
CA LEU C 247 43.29 38.87 10.64
C LEU C 247 43.39 40.11 9.75
N LYS C 248 44.49 40.86 9.88
CA LYS C 248 44.75 42.03 9.05
C LYS C 248 44.81 41.68 7.57
N ASP C 249 45.16 40.44 7.27
CA ASP C 249 45.10 39.91 5.91
C ASP C 249 43.65 39.60 5.52
N MET C 250 42.93 38.95 6.43
CA MET C 250 41.53 38.57 6.22
C MET C 250 40.61 39.78 6.03
N VAL C 251 40.83 40.81 6.84
CA VAL C 251 40.05 42.05 6.76
C VAL C 251 40.37 42.82 5.47
N ALA C 252 41.65 42.83 5.09
CA ALA C 252 42.10 43.50 3.86
C ALA C 252 41.63 42.77 2.60
N GLU C 253 41.46 41.46 2.71
CA GLU C 253 40.91 40.65 1.61
C GLU C 253 39.44 40.94 1.39
N ILE C 254 38.74 41.32 2.46
CA ILE C 254 37.35 41.79 2.37
C ILE C 254 37.31 43.18 1.76
N LYS C 255 38.29 44.01 2.12
CA LYS C 255 38.42 45.37 1.58
C LYS C 255 38.88 45.34 0.11
N ALA C 256 39.56 44.26 -0.27
CA ALA C 256 40.04 44.07 -1.64
C ALA C 256 38.90 43.94 -2.65
N SER C 257 37.81 43.30 -2.23
CA SER C 257 36.62 43.16 -3.06
C SER C 257 35.83 44.46 -3.13
N GLY C 258 35.66 45.12 -1.98
CA GLY C 258 34.91 46.36 -1.90
C GLY C 258 33.54 46.18 -1.27
N ALA C 259 33.49 45.36 -0.22
CA ALA C 259 32.24 45.08 0.49
C ALA C 259 32.21 45.79 1.84
N ASN C 260 31.30 46.76 1.95
CA ASN C 260 31.12 47.52 3.19
C ASN C 260 30.22 46.81 4.21
N VAL C 261 29.45 45.83 3.74
CA VAL C 261 28.61 45.01 4.61
C VAL C 261 29.06 43.54 4.50
N LEU C 262 29.15 42.88 5.66
CA LEU C 262 29.68 41.52 5.73
C LEU C 262 28.78 40.61 6.58
N PHE C 263 28.17 39.62 5.93
CA PHE C 263 27.39 38.61 6.63
C PHE C 263 28.16 37.30 6.78
N CYS C 264 28.52 36.98 8.01
CA CYS C 264 29.28 35.77 8.31
C CYS C 264 28.40 34.71 8.96
N GLN C 265 28.45 33.49 8.42
CA GLN C 265 27.67 32.37 8.94
C GLN C 265 28.31 31.76 10.18
N LYS C 266 29.64 31.72 10.21
CA LYS C 266 30.39 31.23 11.36
C LYS C 266 30.73 32.37 12.32
N GLY C 267 31.75 32.15 13.16
CA GLY C 267 32.15 33.14 14.16
C GLY C 267 33.27 34.06 13.71
N ILE C 268 33.13 35.34 14.03
CA ILE C 268 34.17 36.34 13.75
C ILE C 268 34.94 36.60 15.04
N ASP C 269 36.27 36.51 14.97
CA ASP C 269 37.12 36.68 16.14
C ASP C 269 37.25 38.14 16.56
N ASP C 270 37.55 38.35 17.85
CA ASP C 270 37.56 39.68 18.47
C ASP C 270 38.59 40.64 17.88
N LEU C 271 39.72 40.11 17.41
CA LEU C 271 40.75 40.92 16.78
C LEU C 271 40.29 41.49 15.44
N ALA C 272 39.60 40.66 14.66
CA ALA C 272 39.05 41.07 13.37
C ALA C 272 37.93 42.10 13.51
N GLN C 273 37.26 42.09 14.66
CA GLN C 273 36.18 43.03 14.96
C GLN C 273 36.67 44.48 15.01
N HIS C 274 37.86 44.68 15.55
CA HIS C 274 38.48 46.00 15.64
C HIS C 274 38.94 46.51 14.27
N TYR C 275 39.55 45.62 13.49
CA TYR C 275 40.09 46.00 12.18
C TYR C 275 39.01 46.29 11.14
N LEU C 276 37.92 45.52 11.18
CA LEU C 276 36.77 45.76 10.30
C LEU C 276 36.05 47.06 10.67
N ALA C 277 36.06 47.40 11.95
CA ALA C 277 35.50 48.66 12.44
C ALA C 277 36.40 49.84 12.11
N LYS C 278 37.70 49.58 12.01
CA LYS C 278 38.69 50.60 11.64
C LYS C 278 38.55 51.00 10.17
N GLU C 279 38.22 50.02 9.32
CA GLU C 279 37.99 50.26 7.90
C GLU C 279 36.65 50.94 7.66
N GLY C 280 35.65 50.56 8.46
CA GLY C 280 34.29 51.07 8.33
C GLY C 280 33.31 50.01 7.85
N ILE C 281 33.77 48.75 7.85
CA ILE C 281 32.96 47.63 7.39
C ILE C 281 32.12 47.06 8.53
N VAL C 282 30.82 46.94 8.29
CA VAL C 282 29.87 46.38 9.26
C VAL C 282 29.81 44.85 9.11
N ALA C 283 29.91 44.16 10.24
CA ALA C 283 29.91 42.69 10.25
C ALA C 283 28.94 42.10 11.27
N ALA C 284 28.48 40.88 10.99
CA ALA C 284 27.57 40.14 11.88
C ALA C 284 28.02 38.69 12.03
N ARG C 285 28.04 38.21 13.28
CA ARG C 285 28.53 36.86 13.59
C ARG C 285 27.43 35.85 13.89
N ARG C 286 27.54 34.68 13.28
CA ARG C 286 26.62 33.55 13.49
C ARG C 286 25.17 33.86 13.09
N VAL C 287 24.97 34.11 11.80
CA VAL C 287 23.65 34.28 11.21
C VAL C 287 23.14 32.91 10.77
N LYS C 288 21.88 32.63 11.07
CA LYS C 288 21.25 31.35 10.75
C LYS C 288 21.41 30.96 9.28
N LYS C 289 21.60 29.66 9.04
CA LYS C 289 21.82 29.11 7.70
C LYS C 289 20.63 29.39 6.78
N SER C 290 19.43 29.44 7.36
CA SER C 290 18.21 29.76 6.63
C SER C 290 18.22 31.21 6.11
N ASP C 291 18.76 32.11 6.93
CA ASP C 291 18.83 33.54 6.60
C ASP C 291 19.93 33.85 5.59
N MET C 292 20.98 33.02 5.59
CA MET C 292 22.10 33.17 4.66
C MET C 292 21.70 32.82 3.23
N GLU C 293 20.83 31.81 3.09
CA GLU C 293 20.30 31.41 1.78
C GLU C 293 19.28 32.44 1.26
N LYS C 294 18.67 33.17 2.19
CA LYS C 294 17.76 34.26 1.84
C LYS C 294 18.51 35.47 1.31
N LEU C 295 19.63 35.80 1.95
CA LEU C 295 20.45 36.96 1.58
C LEU C 295 21.14 36.79 0.24
N ALA C 296 21.47 35.54 -0.11
CA ALA C 296 22.16 35.23 -1.36
C ALA C 296 21.26 35.38 -2.59
N LYS C 297 19.97 35.09 -2.41
CA LYS C 297 19.01 35.12 -3.51
C LYS C 297 18.31 36.46 -3.69
N ALA C 298 18.16 37.20 -2.59
CA ALA C 298 17.47 38.49 -2.61
C ALA C 298 18.35 39.62 -3.17
N THR C 299 19.56 39.76 -2.63
CA THR C 299 20.48 40.81 -3.05
C THR C 299 21.25 40.45 -4.31
N GLY C 300 21.36 39.14 -4.57
CA GLY C 300 22.13 38.63 -5.71
C GLY C 300 23.57 38.34 -5.32
N ALA C 301 23.73 37.59 -4.23
CA ALA C 301 25.05 37.28 -3.69
C ALA C 301 25.39 35.79 -3.78
N ASN C 302 26.61 35.44 -3.40
CA ASN C 302 27.07 34.05 -3.40
C ASN C 302 27.53 33.60 -2.01
N VAL C 303 27.32 32.31 -1.72
CA VAL C 303 27.76 31.70 -0.46
C VAL C 303 29.24 31.30 -0.59
N ILE C 304 30.05 31.75 0.37
CA ILE C 304 31.50 31.84 0.21
C ILE C 304 32.26 31.26 1.43
N THR C 305 33.10 30.25 1.20
CA THR C 305 33.73 29.49 2.31
C THR C 305 35.25 29.23 2.17
N ASN C 306 36.08 30.23 2.51
CA ASN C 306 37.56 30.17 2.51
C ASN C 306 38.21 31.52 2.14
N ILE C 307 37.85 32.56 2.89
CA ILE C 307 38.22 33.99 2.67
C ILE C 307 39.22 34.40 1.57
N LYS C 308 40.26 33.60 1.33
CA LYS C 308 41.40 33.97 0.47
C LYS C 308 41.10 34.40 -0.98
N ASP C 309 39.87 34.22 -1.43
CA ASP C 309 39.54 34.33 -2.86
C ASP C 309 38.52 35.44 -3.15
N LEU C 310 38.32 36.36 -2.21
CA LEU C 310 37.16 37.26 -2.22
C LEU C 310 37.02 38.17 -3.44
N SER C 311 35.84 38.12 -4.04
CA SER C 311 35.54 38.81 -5.29
C SER C 311 34.48 39.88 -5.15
N ALA C 312 34.49 40.83 -6.08
CA ALA C 312 33.49 41.91 -6.13
C ALA C 312 32.23 41.48 -6.87
N GLN C 313 32.36 40.45 -7.71
CA GLN C 313 31.25 39.95 -8.52
C GLN C 313 30.43 38.86 -7.82
N ASP C 314 30.75 38.60 -6.57
CA ASP C 314 29.99 37.66 -5.73
C ASP C 314 29.15 38.42 -4.70
N LEU C 315 29.35 39.74 -4.64
CA LEU C 315 28.65 40.60 -3.69
C LEU C 315 27.26 40.95 -4.17
N GLY C 316 26.29 40.87 -3.26
CA GLY C 316 24.91 41.25 -3.56
C GLY C 316 24.69 42.75 -3.45
N ASP C 317 23.58 43.22 -4.00
CA ASP C 317 23.26 44.64 -3.98
C ASP C 317 21.89 44.90 -3.35
N ALA C 318 21.90 45.62 -2.23
CA ALA C 318 20.69 46.03 -1.54
C ALA C 318 20.51 47.54 -1.59
N GLY C 319 19.28 47.99 -1.32
CA GLY C 319 18.98 49.42 -1.35
C GLY C 319 19.27 50.12 -0.04
N LEU C 320 18.74 49.58 1.05
CA LEU C 320 18.89 50.18 2.38
C LEU C 320 19.17 49.11 3.44
N VAL C 321 20.30 49.26 4.12
CA VAL C 321 20.68 48.40 5.24
C VAL C 321 20.70 49.23 6.52
N GLU C 322 19.82 48.88 7.46
CA GLU C 322 19.63 49.68 8.67
C GLU C 322 19.31 48.80 9.88
N GLU C 323 20.00 49.06 10.99
CA GLU C 323 19.71 48.36 12.25
C GLU C 323 18.62 49.10 13.02
N ARG C 324 17.37 48.84 12.63
CA ARG C 324 16.21 49.44 13.28
C ARG C 324 15.82 48.65 14.52
N LYS C 325 15.38 49.36 15.56
CA LYS C 325 14.87 48.74 16.78
C LYS C 325 13.36 48.55 16.66
N ILE C 326 12.93 47.84 15.62
CA ILE C 326 11.51 47.63 15.35
C ILE C 326 10.92 46.59 16.31
N SER C 327 9.76 46.89 16.87
CA SER C 327 9.08 46.04 17.85
C SER C 327 9.98 45.69 19.05
N GLY C 328 10.87 46.61 19.41
CA GLY C 328 11.80 46.41 20.52
C GLY C 328 13.12 45.79 20.10
N ASP C 329 13.04 44.70 19.34
CA ASP C 329 14.22 43.96 18.90
C ASP C 329 14.99 44.70 17.80
N SER C 330 16.29 44.85 18.02
CA SER C 330 17.16 45.50 17.05
C SER C 330 17.66 44.49 16.02
N MET C 331 17.08 44.55 14.81
CA MET C 331 17.40 43.63 13.73
C MET C 331 17.94 44.35 12.50
N ILE C 332 18.63 43.61 11.65
CA ILE C 332 19.22 44.17 10.43
C ILE C 332 18.17 44.21 9.30
N PHE C 333 17.80 45.42 8.91
CA PHE C 333 16.86 45.65 7.82
C PHE C 333 17.58 45.69 6.48
N VAL C 334 17.67 44.54 5.81
CA VAL C 334 18.21 44.49 4.45
C VAL C 334 17.03 44.61 3.48
N GLU C 335 16.80 45.82 2.98
CA GLU C 335 15.61 46.12 2.20
C GLU C 335 15.90 46.94 0.93
N GLU C 336 14.86 47.14 0.12
CA GLU C 336 14.93 48.09 -0.99
C GLU C 336 15.79 47.55 -2.13
N CYS C 337 15.39 46.40 -2.66
CA CYS C 337 15.83 45.97 -3.98
C CYS C 337 15.05 46.66 -5.08
N LYS C 338 15.60 46.66 -6.29
CA LYS C 338 14.99 47.39 -7.41
C LYS C 338 14.04 46.52 -8.23
N HIS C 339 14.58 45.49 -8.88
CA HIS C 339 13.78 44.56 -9.68
C HIS C 339 13.96 43.13 -9.16
N PRO C 340 13.16 42.75 -8.16
CA PRO C 340 13.31 41.44 -7.52
C PRO C 340 12.50 40.32 -8.19
N LYS C 341 13.18 39.23 -8.50
CA LYS C 341 12.53 38.01 -9.00
C LYS C 341 12.20 37.08 -7.82
N ALA C 342 12.75 37.42 -6.65
CA ALA C 342 12.46 36.71 -5.41
C ALA C 342 12.07 37.70 -4.32
N VAL C 343 10.98 37.40 -3.62
CA VAL C 343 10.42 38.29 -2.59
C VAL C 343 10.23 37.56 -1.26
N THR C 344 10.61 38.21 -0.17
CA THR C 344 10.43 37.65 1.18
C THR C 344 9.26 38.33 1.91
N MET C 345 8.42 37.52 2.54
CA MET C 345 7.29 38.03 3.31
C MET C 345 7.51 37.79 4.80
N LEU C 346 7.75 38.88 5.54
CA LEU C 346 7.94 38.80 6.99
C LEU C 346 6.58 38.76 7.70
N ILE C 347 5.99 37.57 7.71
CA ILE C 347 4.69 37.36 8.35
C ILE C 347 4.87 37.32 9.87
N ARG C 348 4.25 38.28 10.54
CA ARG C 348 4.43 38.46 11.98
C ARG C 348 3.11 38.52 12.75
N GLY C 349 3.17 38.15 14.02
CA GLY C 349 2.00 38.16 14.91
C GLY C 349 2.40 38.04 16.37
N THR C 350 1.40 38.10 17.26
CA THR C 350 1.63 38.08 18.70
C THR C 350 2.20 36.74 19.19
N THR C 351 1.44 35.66 19.00
CA THR C 351 1.89 34.32 19.38
C THR C 351 2.22 33.50 18.14
N GLU C 352 3.10 32.51 18.31
CA GLU C 352 3.56 31.66 17.20
C GLU C 352 2.43 30.88 16.52
N HIS C 353 1.40 30.54 17.30
CA HIS C 353 0.21 29.86 16.77
C HIS C 353 -0.65 30.79 15.92
N VAL C 354 -0.62 32.08 16.22
CA VAL C 354 -1.27 33.08 15.38
C VAL C 354 -0.47 33.30 14.08
N ILE C 355 0.85 33.41 14.22
CA ILE C 355 1.75 33.61 13.08
C ILE C 355 1.60 32.51 12.02
N GLU C 356 1.54 31.26 12.47
CA GLU C 356 1.40 30.10 11.58
C GLU C 356 0.08 30.13 10.80
N GLU C 357 -0.96 30.65 11.43
CA GLU C 357 -2.28 30.80 10.80
C GLU C 357 -2.27 31.96 9.79
N VAL C 358 -1.56 33.03 10.12
CA VAL C 358 -1.38 34.17 9.21
C VAL C 358 -0.42 33.80 8.07
N ALA C 359 0.42 32.79 8.31
CA ALA C 359 1.32 32.25 7.29
C ALA C 359 0.57 31.40 6.27
N ARG C 360 -0.38 30.59 6.75
CA ARG C 360 -1.19 29.72 5.90
C ARG C 360 -2.30 30.48 5.16
N ALA C 361 -2.69 31.64 5.70
CA ALA C 361 -3.68 32.50 5.07
C ALA C 361 -3.11 33.19 3.83
N VAL C 362 -1.82 33.51 3.88
CA VAL C 362 -1.11 34.10 2.74
C VAL C 362 -0.87 33.05 1.65
N ASP C 363 -0.64 31.80 2.07
CA ASP C 363 -0.43 30.68 1.15
C ASP C 363 -1.57 30.51 0.13
N ASP C 364 -2.80 30.69 0.60
CA ASP C 364 -3.98 30.64 -0.26
C ASP C 364 -4.11 31.91 -1.11
N ALA C 365 -3.67 33.04 -0.55
CA ALA C 365 -3.74 34.33 -1.23
C ALA C 365 -2.71 34.45 -2.36
N VAL C 366 -1.57 33.79 -2.19
CA VAL C 366 -0.52 33.76 -3.21
C VAL C 366 -0.96 32.90 -4.41
N GLY C 367 -1.60 31.78 -4.11
CA GLY C 367 -2.05 30.83 -5.12
C GLY C 367 -3.05 31.40 -6.11
N VAL C 368 -4.10 32.03 -5.59
CA VAL C 368 -5.19 32.58 -6.43
C VAL C 368 -4.73 33.72 -7.37
N VAL C 369 -3.87 34.60 -6.86
CA VAL C 369 -3.33 35.70 -7.66
C VAL C 369 -2.36 35.15 -8.71
N GLY C 370 -1.59 34.12 -8.31
CA GLY C 370 -0.69 33.43 -9.22
C GLY C 370 -1.41 32.65 -10.31
N CYS C 371 -2.58 32.12 -9.97
CA CYS C 371 -3.43 31.41 -10.92
C CYS C 371 -4.15 32.36 -11.89
N THR C 372 -4.48 33.56 -11.41
CA THR C 372 -5.14 34.58 -12.22
C THR C 372 -4.20 35.12 -13.30
N ILE C 373 -2.92 35.27 -12.96
CA ILE C 373 -1.91 35.73 -13.92
C ILE C 373 -1.64 34.67 -14.98
N GLU C 374 -1.59 33.40 -14.56
CA GLU C 374 -1.33 32.28 -15.47
C GLU C 374 -2.51 31.95 -16.38
N ASP C 375 -3.73 32.06 -15.85
CA ASP C 375 -4.93 31.72 -16.61
C ASP C 375 -5.59 32.95 -17.24
N GLY C 376 -6.04 33.88 -16.41
CA GLY C 376 -7.23 34.66 -16.70
C GLY C 376 -8.50 33.91 -16.40
N ARG C 377 -9.04 34.10 -15.19
CA ARG C 377 -10.48 34.13 -14.99
C ARG C 377 -10.83 34.24 -13.51
N ILE C 378 -12.01 34.77 -13.23
CA ILE C 378 -12.63 34.61 -11.90
C ILE C 378 -14.13 34.32 -11.97
N VAL C 379 -14.64 33.67 -10.93
CA VAL C 379 -16.07 33.37 -10.80
C VAL C 379 -16.60 33.81 -9.44
N SER C 380 -17.91 34.07 -9.38
CA SER C 380 -18.55 34.53 -8.15
C SER C 380 -18.65 33.42 -7.10
N GLY C 381 -18.25 33.76 -5.87
CA GLY C 381 -18.24 32.81 -4.76
C GLY C 381 -19.50 32.86 -3.93
N GLY C 382 -19.47 32.18 -2.78
CA GLY C 382 -20.61 32.11 -1.88
C GLY C 382 -21.76 31.26 -2.40
N GLY C 383 -21.42 30.25 -3.20
CA GLY C 383 -22.42 29.37 -3.81
C GLY C 383 -23.26 30.05 -4.87
N SER C 384 -22.61 30.90 -5.68
CA SER C 384 -23.29 31.68 -6.71
C SER C 384 -23.23 31.00 -8.08
N THR C 385 -22.02 30.63 -8.50
CA THR C 385 -21.82 29.95 -9.78
C THR C 385 -22.26 28.48 -9.74
N GLU C 386 -22.48 27.97 -8.53
CA GLU C 386 -22.96 26.60 -8.33
C GLU C 386 -24.43 26.45 -8.72
N VAL C 387 -25.19 27.54 -8.62
CA VAL C 387 -26.60 27.57 -9.00
C VAL C 387 -26.75 27.80 -10.50
N GLU C 388 -25.92 28.68 -11.04
CA GLU C 388 -25.91 28.99 -12.48
C GLU C 388 -25.56 27.77 -13.33
N LEU C 389 -24.58 27.00 -12.88
CA LEU C 389 -24.15 25.79 -13.57
C LEU C 389 -25.17 24.65 -13.41
N SER C 390 -25.91 24.67 -12.30
CA SER C 390 -26.91 23.64 -12.00
C SER C 390 -28.14 23.75 -12.89
N MET C 391 -28.60 24.97 -13.13
CA MET C 391 -29.77 25.21 -13.98
C MET C 391 -29.46 25.05 -15.46
N LYS C 392 -28.20 25.30 -15.83
CA LYS C 392 -27.75 25.20 -17.23
C LYS C 392 -27.48 23.77 -17.67
N LEU C 393 -27.28 22.87 -16.68
CA LEU C 393 -27.07 21.46 -16.97
C LEU C 393 -28.34 20.64 -16.92
N ARG C 394 -29.37 21.15 -16.25
CA ARG C 394 -30.69 20.53 -16.23
C ARG C 394 -31.43 20.72 -17.56
N GLU C 395 -31.24 21.89 -18.17
CA GLU C 395 -31.78 22.16 -19.51
C GLU C 395 -30.93 21.48 -20.58
N TYR C 396 -29.67 21.21 -20.25
CA TYR C 396 -28.78 20.42 -21.09
C TYR C 396 -29.18 18.94 -21.05
N ALA C 397 -29.68 18.51 -19.90
CA ALA C 397 -30.18 17.14 -19.72
C ALA C 397 -31.44 16.88 -20.53
N GLU C 398 -32.24 17.94 -20.73
CA GLU C 398 -33.48 17.85 -21.51
C GLU C 398 -33.26 17.45 -22.96
N GLY C 399 -32.11 17.82 -23.51
CA GLY C 399 -31.74 17.49 -24.88
C GLY C 399 -31.01 16.17 -25.03
N ILE C 400 -31.05 15.35 -23.98
CA ILE C 400 -30.42 14.02 -24.00
C ILE C 400 -31.48 12.92 -23.88
N SER C 401 -31.50 12.02 -24.86
CA SER C 401 -32.45 10.92 -24.89
C SER C 401 -31.82 9.64 -24.34
N GLY C 402 -32.58 8.91 -23.53
CA GLY C 402 -32.13 7.66 -22.93
C GLY C 402 -32.15 7.67 -21.42
N ARG C 403 -31.52 6.67 -20.82
CA ARG C 403 -31.45 6.54 -19.37
C ARG C 403 -30.24 7.30 -18.80
N GLU C 404 -29.34 7.72 -19.67
CA GLU C 404 -28.18 8.53 -19.29
C GLU C 404 -28.57 9.96 -18.90
N GLN C 405 -29.80 10.35 -19.25
CA GLN C 405 -30.36 11.65 -18.90
C GLN C 405 -30.48 11.81 -17.38
N LEU C 406 -30.96 10.75 -16.72
CA LEU C 406 -31.15 10.75 -15.26
C LEU C 406 -29.84 10.87 -14.50
N ALA C 407 -28.75 10.40 -15.12
CA ALA C 407 -27.41 10.54 -14.55
C ALA C 407 -26.92 11.98 -14.62
N VAL C 408 -27.32 12.69 -15.69
CA VAL C 408 -27.01 14.11 -15.86
C VAL C 408 -27.87 14.95 -14.92
N ARG C 409 -29.12 14.53 -14.74
CA ARG C 409 -30.05 15.18 -13.81
C ARG C 409 -29.58 15.05 -12.36
N ALA C 410 -29.06 13.87 -12.01
CA ALA C 410 -28.50 13.62 -10.68
C ALA C 410 -27.17 14.34 -10.49
N PHE C 411 -26.46 14.56 -11.60
CA PHE C 411 -25.20 15.31 -11.59
C PHE C 411 -25.47 16.79 -11.34
N ALA C 412 -26.55 17.30 -11.93
CA ALA C 412 -26.94 18.70 -11.80
C ALA C 412 -27.59 18.99 -10.45
N ASP C 413 -28.36 18.03 -9.93
CA ASP C 413 -28.99 18.15 -8.62
C ASP C 413 -27.98 18.05 -7.48
N ALA C 414 -26.84 17.45 -7.76
CA ALA C 414 -25.74 17.32 -6.79
C ALA C 414 -24.94 18.61 -6.66
N LEU C 415 -25.05 19.49 -7.64
CA LEU C 415 -24.31 20.76 -7.66
C LEU C 415 -24.87 21.78 -6.66
N GLU C 416 -26.10 21.55 -6.20
CA GLU C 416 -26.77 22.44 -5.27
C GLU C 416 -26.49 22.12 -3.79
N VAL C 417 -25.48 21.27 -3.56
CA VAL C 417 -25.09 20.88 -2.20
C VAL C 417 -24.26 21.95 -1.49
N ILE C 418 -23.40 22.63 -2.25
CA ILE C 418 -22.52 23.69 -1.71
C ILE C 418 -23.31 24.91 -1.20
N PRO C 419 -24.26 25.43 -2.01
CA PRO C 419 -25.11 26.52 -1.51
C PRO C 419 -26.04 26.08 -0.37
N ARG C 420 -26.36 24.78 -0.33
CA ARG C 420 -27.21 24.23 0.71
C ARG C 420 -26.44 24.09 2.04
N THR C 421 -25.19 23.66 1.96
CA THR C 421 -24.32 23.52 3.15
C THR C 421 -23.86 24.87 3.69
N LEU C 422 -23.79 25.88 2.81
CA LEU C 422 -23.45 27.24 3.21
C LEU C 422 -24.52 27.87 4.09
N ALA C 423 -25.76 27.40 3.94
CA ALA C 423 -26.87 27.83 4.78
C ALA C 423 -26.96 26.99 6.06
N GLU C 424 -26.55 25.72 5.95
CA GLU C 424 -26.54 24.79 7.09
C GLU C 424 -25.66 25.28 8.23
N ASN C 425 -24.47 25.78 7.88
CA ASN C 425 -23.53 26.31 8.86
C ASN C 425 -23.77 27.79 9.19
N ALA C 426 -24.66 28.43 8.44
CA ALA C 426 -24.99 29.84 8.65
C ALA C 426 -26.02 30.01 9.75
N GLY C 427 -26.93 29.05 9.87
CA GLY C 427 -28.03 29.12 10.83
C GLY C 427 -29.37 29.26 10.16
N LEU C 428 -29.36 29.83 8.95
CA LEU C 428 -30.57 30.03 8.15
C LEU C 428 -31.04 28.71 7.54
N ASP C 429 -32.30 28.70 7.10
CA ASP C 429 -32.90 27.49 6.51
C ASP C 429 -32.31 27.16 5.14
N ALA C 430 -31.91 25.90 4.98
CA ALA C 430 -31.28 25.43 3.74
C ALA C 430 -32.30 25.01 2.67
N ILE C 431 -33.58 25.13 3.01
CA ILE C 431 -34.67 24.74 2.10
C ILE C 431 -35.31 25.99 1.47
N GLU C 432 -35.32 27.09 2.23
CA GLU C 432 -35.95 28.34 1.80
C GLU C 432 -35.08 29.13 0.84
N ILE C 433 -33.80 29.27 1.18
CA ILE C 433 -32.84 30.04 0.36
C ILE C 433 -32.53 29.31 -0.95
N LEU C 434 -32.53 27.97 -0.89
CA LEU C 434 -32.29 27.12 -2.07
C LEU C 434 -33.32 27.37 -3.17
N VAL C 435 -34.46 27.92 -2.80
CA VAL C 435 -35.52 28.29 -3.75
C VAL C 435 -35.34 29.74 -4.21
N LYS C 436 -34.97 30.62 -3.27
CA LYS C 436 -34.81 32.04 -3.54
C LYS C 436 -33.72 32.36 -4.58
N VAL C 437 -32.59 31.69 -4.47
CA VAL C 437 -31.47 31.89 -5.41
C VAL C 437 -31.76 31.22 -6.75
N ARG C 438 -32.39 30.06 -6.71
CA ARG C 438 -32.74 29.28 -7.90
C ARG C 438 -33.69 30.04 -8.83
N ALA C 439 -34.65 30.75 -8.24
CA ALA C 439 -35.61 31.57 -8.99
C ALA C 439 -34.98 32.88 -9.47
N ALA C 440 -33.92 33.30 -8.80
CA ALA C 440 -33.21 34.54 -9.14
C ALA C 440 -32.11 34.31 -10.18
N HIS C 441 -32.07 33.11 -10.75
CA HIS C 441 -31.10 32.78 -11.80
C HIS C 441 -31.77 32.53 -13.16
N ALA C 442 -33.09 32.30 -13.13
CA ALA C 442 -33.87 32.00 -14.33
C ALA C 442 -33.80 33.10 -15.39
N SER C 443 -34.13 32.72 -16.63
CA SER C 443 -34.09 33.60 -17.81
C SER C 443 -32.71 34.22 -18.08
N ASN C 444 -32.43 35.38 -17.48
CA ASN C 444 -31.17 36.08 -17.70
C ASN C 444 -30.36 36.29 -16.43
N GLY C 445 -30.76 37.26 -15.61
CA GLY C 445 -30.05 37.59 -14.38
C GLY C 445 -30.22 36.55 -13.29
N ASN C 446 -29.26 36.48 -12.36
CA ASN C 446 -28.10 37.37 -12.33
C ASN C 446 -26.81 36.74 -12.86
N LYS C 447 -26.67 35.43 -12.62
CA LYS C 447 -25.41 34.69 -12.85
C LYS C 447 -24.45 34.92 -11.69
N CYS C 448 -24.54 36.08 -11.06
CA CYS C 448 -23.68 36.43 -9.93
C CYS C 448 -24.48 36.66 -8.65
N ALA C 449 -25.63 36.01 -8.56
CA ALA C 449 -26.46 36.03 -7.35
C ALA C 449 -26.09 34.90 -6.40
N GLY C 450 -25.81 35.24 -5.15
CA GLY C 450 -25.43 34.27 -4.13
C GLY C 450 -25.87 34.64 -2.72
N LEU C 451 -25.55 33.76 -1.77
CA LEU C 451 -25.94 33.96 -0.37
C LEU C 451 -24.82 34.62 0.44
N ASN C 452 -25.15 35.73 1.08
CA ASN C 452 -24.27 36.39 2.02
C ASN C 452 -24.67 36.01 3.45
N VAL C 453 -23.82 35.23 4.11
CA VAL C 453 -24.14 34.66 5.43
C VAL C 453 -24.29 35.69 6.55
N PHE C 454 -23.64 36.84 6.38
CA PHE C 454 -23.69 37.92 7.37
C PHE C 454 -24.96 38.74 7.23
N THR C 455 -25.35 39.01 5.98
CA THR C 455 -26.56 39.79 5.69
C THR C 455 -27.81 38.94 5.87
N GLY C 456 -27.78 37.71 5.34
CA GLY C 456 -28.91 36.79 5.42
C GLY C 456 -29.68 36.66 4.12
N ALA C 457 -29.96 37.81 3.51
CA ALA C 457 -30.69 37.85 2.23
C ALA C 457 -29.76 37.61 1.05
N VAL C 458 -30.34 37.15 -0.07
CA VAL C 458 -29.60 36.91 -1.30
C VAL C 458 -29.10 38.22 -1.93
N GLU C 459 -27.80 38.29 -2.16
CA GLU C 459 -27.17 39.50 -2.70
C GLU C 459 -26.31 39.21 -3.94
N ASP C 460 -26.03 40.25 -4.71
CA ASP C 460 -25.15 40.15 -5.87
C ASP C 460 -23.70 40.07 -5.39
N MET C 461 -23.05 38.94 -5.71
CA MET C 461 -21.71 38.64 -5.22
C MET C 461 -20.60 39.45 -5.90
N CYS C 462 -20.88 39.94 -7.10
CA CYS C 462 -19.94 40.75 -7.87
C CYS C 462 -19.71 42.12 -7.23
N GLU C 463 -20.77 42.67 -6.66
CA GLU C 463 -20.74 43.98 -6.01
C GLU C 463 -20.28 43.89 -4.55
N ASN C 464 -20.44 42.71 -3.95
CA ASN C 464 -20.03 42.47 -2.57
C ASN C 464 -18.52 42.33 -2.40
N GLY C 465 -17.86 41.81 -3.44
CA GLY C 465 -16.41 41.58 -3.40
C GLY C 465 -16.05 40.14 -3.14
N VAL C 466 -17.04 39.26 -3.21
CA VAL C 466 -16.84 37.82 -3.00
C VAL C 466 -16.57 37.14 -4.34
N VAL C 467 -15.29 36.98 -4.67
CA VAL C 467 -14.88 36.40 -5.95
C VAL C 467 -13.76 35.36 -5.79
N GLU C 468 -13.85 34.27 -6.54
CA GLU C 468 -12.81 33.24 -6.52
C GLU C 468 -12.36 32.88 -7.93
N PRO C 469 -11.10 32.51 -8.08
CA PRO C 469 -10.56 32.13 -9.39
C PRO C 469 -11.31 30.94 -10.00
N LEU C 470 -11.29 30.87 -11.33
CA LEU C 470 -11.99 29.81 -12.07
C LEU C 470 -11.38 28.42 -11.81
N ARG C 471 -10.09 28.40 -11.49
CA ARG C 471 -9.37 27.15 -11.21
C ARG C 471 -9.84 26.48 -9.91
N VAL C 472 -10.37 27.29 -8.99
CA VAL C 472 -10.93 26.78 -7.73
C VAL C 472 -12.17 25.93 -7.98
N LYS C 473 -12.95 26.30 -9.01
CA LYS C 473 -14.18 25.59 -9.35
C LYS C 473 -13.98 24.48 -10.39
N THR C 474 -13.16 24.76 -11.41
CA THR C 474 -12.93 23.82 -12.51
C THR C 474 -12.14 22.58 -12.09
N GLN C 475 -11.14 22.77 -11.23
CA GLN C 475 -10.33 21.67 -10.71
C GLN C 475 -11.14 20.81 -9.74
N ALA C 476 -11.92 21.45 -8.87
CA ALA C 476 -12.72 20.76 -7.86
C ALA C 476 -13.79 19.85 -8.46
N ILE C 477 -14.37 20.26 -9.59
CA ILE C 477 -15.37 19.44 -10.28
C ILE C 477 -14.72 18.27 -11.01
N GLN C 478 -13.64 18.54 -11.73
CA GLN C 478 -12.94 17.50 -12.50
C GLN C 478 -12.26 16.46 -11.61
N SER C 479 -11.76 16.89 -10.46
CA SER C 479 -11.13 15.98 -9.50
C SER C 479 -12.15 15.10 -8.77
N ALA C 480 -13.35 15.64 -8.57
CA ALA C 480 -14.44 14.91 -7.91
C ALA C 480 -15.18 13.99 -8.87
N ALA C 481 -15.32 14.42 -10.13
CA ALA C 481 -15.99 13.62 -11.15
C ALA C 481 -15.21 12.38 -11.54
N GLU C 482 -13.91 12.55 -11.77
CA GLU C 482 -13.02 11.44 -12.15
C GLU C 482 -12.86 10.40 -11.04
N SER C 483 -12.93 10.85 -9.80
CA SER C 483 -12.83 9.97 -8.64
C SER C 483 -14.10 9.15 -8.42
N THR C 484 -15.26 9.80 -8.55
CA THR C 484 -16.56 9.15 -8.39
C THR C 484 -16.88 8.19 -9.54
N GLU C 485 -16.37 8.50 -10.74
CA GLU C 485 -16.53 7.64 -11.90
C GLU C 485 -15.77 6.32 -11.73
N MET C 486 -14.60 6.41 -11.08
CA MET C 486 -13.77 5.23 -10.81
C MET C 486 -14.35 4.37 -9.68
N LEU C 487 -14.92 5.04 -8.67
CA LEU C 487 -15.49 4.37 -7.51
C LEU C 487 -16.80 3.63 -7.82
N LEU C 488 -17.52 4.12 -8.83
CA LEU C 488 -18.76 3.48 -9.30
C LEU C 488 -18.49 2.33 -10.26
N ARG C 489 -17.20 2.00 -10.43
CA ARG C 489 -16.78 0.90 -11.31
C ARG C 489 -16.23 -0.30 -10.54
N ILE C 490 -16.49 -0.32 -9.22
CA ILE C 490 -16.04 -1.41 -8.36
C ILE C 490 -17.23 -2.24 -7.88
N ASP C 491 -17.15 -3.56 -8.10
CA ASP C 491 -18.20 -4.49 -7.68
C ASP C 491 -17.67 -5.62 -6.80
N ASP C 492 -16.35 -5.74 -6.73
CA ASP C 492 -15.70 -6.75 -5.88
C ASP C 492 -14.49 -6.15 -5.17
N VAL C 493 -14.39 -6.42 -3.87
CA VAL C 493 -13.30 -5.90 -3.04
C VAL C 493 -12.49 -7.05 -2.44
N ILE C 494 -11.18 -7.05 -2.70
CA ILE C 494 -10.27 -8.04 -2.13
C ILE C 494 -9.33 -7.38 -1.12
N ALA C 495 -9.52 -7.71 0.15
CA ALA C 495 -8.71 -7.15 1.22
C ALA C 495 -8.05 -8.25 2.05
N ALA C 496 -6.74 -8.42 1.85
CA ALA C 496 -5.96 -9.41 2.60
C ALA C 496 -5.56 -8.86 3.97
N GLU C 497 -5.01 -9.75 4.81
CA GLU C 497 -4.59 -9.42 6.18
C GLU C 497 -5.75 -8.90 7.03
N ASN D 11 -11.75 4.26 13.80
CA ASN D 11 -10.55 4.48 14.66
C ASN D 11 -10.27 5.96 14.93
N MET D 12 -10.29 6.36 16.20
CA MET D 12 -10.57 5.46 17.33
C MET D 12 -11.77 5.90 18.17
N LYS D 13 -11.91 7.21 18.38
CA LYS D 13 -13.04 7.75 19.15
C LYS D 13 -13.63 8.97 18.45
N ARG D 14 -14.95 8.94 18.25
CA ARG D 14 -15.68 10.03 17.61
C ARG D 14 -17.12 10.13 18.08
N TYR D 15 -17.55 11.36 18.36
CA TYR D 15 -18.95 11.64 18.71
C TYR D 15 -19.59 12.47 17.60
N MET D 16 -20.85 12.18 17.30
CA MET D 16 -21.53 12.80 16.15
C MET D 16 -22.48 13.94 16.51
N GLY D 17 -22.14 15.13 16.03
CA GLY D 17 -22.99 16.32 16.15
C GLY D 17 -23.47 16.66 17.54
N ARG D 18 -24.67 16.19 17.87
CA ARG D 18 -25.32 16.46 19.15
C ARG D 18 -24.61 15.75 20.31
N ASP D 19 -23.99 14.60 20.02
CA ASP D 19 -23.24 13.84 21.01
C ASP D 19 -21.84 14.41 21.24
N ALA D 20 -21.39 15.28 20.33
CA ALA D 20 -20.09 15.92 20.42
C ALA D 20 -20.16 17.29 21.10
N GLN D 21 -21.24 18.03 20.80
CA GLN D 21 -21.47 19.35 21.39
C GLN D 21 -21.76 19.26 22.88
N ARG D 22 -22.57 18.26 23.27
CA ARG D 22 -22.93 18.05 24.66
C ARG D 22 -21.77 17.47 25.47
N MET D 23 -20.90 16.72 24.80
CA MET D 23 -19.72 16.13 25.44
C MET D 23 -18.68 17.20 25.82
N ASN D 24 -18.56 18.23 24.99
CA ASN D 24 -17.62 19.32 25.22
C ASN D 24 -18.12 20.36 26.22
N ILE D 25 -19.43 20.61 26.21
CA ILE D 25 -20.05 21.55 27.15
C ILE D 25 -20.07 21.00 28.58
N LEU D 26 -20.36 19.70 28.70
CA LEU D 26 -20.40 19.02 30.00
C LEU D 26 -19.02 18.95 30.65
N ALA D 27 -17.99 18.78 29.83
CA ALA D 27 -16.60 18.70 30.30
C ALA D 27 -16.07 20.04 30.83
N GLY D 28 -16.57 21.13 30.25
CA GLY D 28 -16.20 22.47 30.69
C GLY D 28 -16.92 22.90 31.95
N ARG D 29 -18.16 22.42 32.10
CA ARG D 29 -19.00 22.75 33.25
C ARG D 29 -18.60 21.97 34.51
N ILE D 30 -18.15 20.73 34.31
CA ILE D 30 -17.81 19.83 35.42
C ILE D 30 -16.55 20.27 36.18
N ILE D 31 -15.61 20.91 35.48
CA ILE D 31 -14.40 21.44 36.10
C ILE D 31 -14.63 22.86 36.65
N ALA D 32 -15.69 23.50 36.18
CA ALA D 32 -16.09 24.82 36.65
C ALA D 32 -16.73 24.76 38.03
N GLU D 33 -17.49 23.68 38.28
CA GLU D 33 -18.12 23.45 39.58
C GLU D 33 -17.11 23.03 40.66
N THR D 34 -15.96 22.55 40.22
CA THR D 34 -14.87 22.15 41.11
C THR D 34 -14.26 23.36 41.81
N VAL D 35 -14.21 24.49 41.10
CA VAL D 35 -13.66 25.73 41.63
C VAL D 35 -14.74 26.79 41.94
N ARG D 36 -15.99 26.38 41.88
CA ARG D 36 -17.12 27.30 42.07
C ARG D 36 -17.36 27.66 43.54
N SER D 37 -16.93 26.78 44.44
CA SER D 37 -17.11 26.98 45.88
C SER D 37 -15.98 27.79 46.52
N THR D 38 -14.87 27.95 45.78
CA THR D 38 -13.70 28.66 46.28
C THR D 38 -13.87 30.18 46.29
N LEU D 39 -14.79 30.67 45.45
CA LEU D 39 -15.01 32.10 45.26
C LEU D 39 -15.68 32.76 46.47
N GLY D 40 -15.20 33.94 46.82
CA GLY D 40 -15.77 34.72 47.92
C GLY D 40 -14.95 34.69 49.21
N PRO D 41 -15.11 35.73 50.06
CA PRO D 41 -14.43 35.81 51.36
C PRO D 41 -14.76 34.64 52.27
N LYS D 42 -15.97 34.10 52.15
CA LYS D 42 -16.37 32.89 52.85
C LYS D 42 -16.34 31.69 51.89
N GLY D 43 -15.28 31.62 51.09
CA GLY D 43 -15.08 30.55 50.11
C GLY D 43 -14.37 29.34 50.70
N MET D 44 -14.41 28.23 49.96
CA MET D 44 -13.88 26.95 50.44
C MET D 44 -12.48 26.66 49.87
N ASP D 45 -11.73 25.80 50.56
CA ASP D 45 -10.40 25.39 50.10
C ASP D 45 -10.42 23.97 49.52
N LYS D 46 -9.37 23.63 48.77
CA LYS D 46 -9.27 22.33 48.11
C LYS D 46 -7.97 21.61 48.46
N MET D 47 -8.08 20.32 48.75
CA MET D 47 -6.91 19.48 49.02
C MET D 47 -6.69 18.50 47.88
N LEU D 48 -5.48 18.54 47.32
CA LEU D 48 -5.13 17.73 46.15
C LEU D 48 -4.05 16.70 46.51
N VAL D 49 -4.39 15.42 46.34
CA VAL D 49 -3.45 14.33 46.56
C VAL D 49 -3.17 13.62 45.24
N ASP D 50 -1.95 13.82 44.72
CA ASP D 50 -1.55 13.23 43.44
C ASP D 50 -0.94 11.84 43.61
N ASP D 51 -0.16 11.42 42.62
CA ASP D 51 0.46 10.08 42.59
C ASP D 51 1.54 9.89 43.65
N LEU D 52 2.32 10.94 43.91
CA LEU D 52 3.44 10.88 44.85
C LEU D 52 3.01 10.83 46.32
N GLY D 53 1.78 11.27 46.59
CA GLY D 53 1.27 11.35 47.96
C GLY D 53 1.58 12.70 48.59
N ASP D 54 2.06 13.63 47.77
CA ASP D 54 2.37 14.98 48.21
C ASP D 54 1.09 15.77 48.46
N VAL D 55 1.02 16.42 49.63
CA VAL D 55 -0.16 17.15 50.05
C VAL D 55 0.02 18.66 49.94
N VAL D 56 -1.02 19.33 49.42
CA VAL D 56 -1.05 20.79 49.33
C VAL D 56 -2.50 21.29 49.33
N VAL D 57 -2.78 22.27 50.18
CA VAL D 57 -4.12 22.85 50.29
C VAL D 57 -4.11 24.29 49.77
N THR D 58 -4.99 24.57 48.82
CA THR D 58 -5.07 25.90 48.20
C THR D 58 -6.49 26.32 47.81
N ASN D 59 -6.75 27.62 47.90
CA ASN D 59 -8.01 28.22 47.47
C ASN D 59 -7.89 28.77 46.05
N ASP D 60 -6.68 29.20 45.70
CA ASP D 60 -6.38 29.79 44.39
C ASP D 60 -6.78 28.87 43.24
N GLY D 61 -7.66 29.38 42.38
CA GLY D 61 -8.28 28.59 41.30
C GLY D 61 -7.34 28.04 40.24
N VAL D 62 -6.26 28.78 39.95
CA VAL D 62 -5.34 28.39 38.89
C VAL D 62 -4.35 27.28 39.31
N THR D 63 -4.00 27.27 40.60
CA THR D 63 -3.05 26.27 41.13
C THR D 63 -3.69 24.88 41.27
N ILE D 64 -5.01 24.86 41.39
CA ILE D 64 -5.77 23.60 41.47
C ILE D 64 -5.80 22.90 40.12
N LEU D 65 -6.18 23.64 39.09
CA LEU D 65 -6.38 23.10 37.74
C LEU D 65 -5.11 22.64 37.04
N ARG D 66 -3.97 23.21 37.43
CA ARG D 66 -2.68 22.91 36.79
C ARG D 66 -2.05 21.61 37.26
N GLU D 67 -2.10 21.34 38.56
CA GLU D 67 -1.37 20.23 39.17
C GLU D 67 -2.21 18.98 39.44
N MET D 68 -3.52 19.06 39.21
CA MET D 68 -4.40 17.89 39.39
C MET D 68 -4.54 17.08 38.10
N SER D 69 -4.96 15.83 38.25
CA SER D 69 -5.10 14.91 37.11
C SER D 69 -6.34 15.19 36.28
N VAL D 70 -6.13 15.82 35.12
CA VAL D 70 -7.18 16.12 34.16
C VAL D 70 -6.82 15.49 32.80
N GLU D 71 -7.74 14.72 32.23
CA GLU D 71 -7.45 13.97 31.01
C GLU D 71 -8.41 14.19 29.83
N HIS D 72 -9.58 14.77 30.09
CA HIS D 72 -10.55 15.04 29.03
C HIS D 72 -10.07 16.17 28.11
N PRO D 73 -10.10 15.94 26.79
CA PRO D 73 -9.63 16.90 25.78
C PRO D 73 -10.28 18.29 25.86
N ALA D 74 -11.58 18.33 26.14
CA ALA D 74 -12.32 19.59 26.23
C ALA D 74 -12.03 20.35 27.52
N ALA D 75 -11.68 19.62 28.58
CA ALA D 75 -11.36 20.21 29.88
C ALA D 75 -9.99 20.86 29.91
N LYS D 76 -9.05 20.31 29.14
CA LYS D 76 -7.68 20.82 29.06
C LYS D 76 -7.58 22.18 28.38
N MET D 77 -8.54 22.47 27.49
CA MET D 77 -8.59 23.73 26.77
C MET D 77 -9.05 24.90 27.65
N LEU D 78 -9.79 24.59 28.71
CA LEU D 78 -10.30 25.60 29.63
C LEU D 78 -9.28 25.95 30.73
N ILE D 79 -8.22 25.15 30.82
CA ILE D 79 -7.12 25.41 31.77
C ILE D 79 -6.09 26.36 31.15
N GLU D 80 -6.44 26.94 30.01
CA GLU D 80 -5.62 27.94 29.34
C GLU D 80 -6.14 29.36 29.62
N VAL D 81 -7.38 29.44 30.10
CA VAL D 81 -8.01 30.71 30.45
C VAL D 81 -7.44 31.26 31.76
N ALA D 82 -7.40 30.43 32.79
CA ALA D 82 -6.85 30.80 34.09
C ALA D 82 -5.33 30.92 34.05
N LYS D 83 -4.70 30.13 33.17
CA LYS D 83 -3.25 30.16 32.98
C LYS D 83 -2.80 31.48 32.35
N THR D 84 -3.67 32.05 31.51
CA THR D 84 -3.42 33.37 30.91
C THR D 84 -4.05 34.49 31.75
N GLN D 85 -4.73 34.11 32.83
CA GLN D 85 -5.28 35.08 33.78
C GLN D 85 -4.24 35.42 34.85
N GLU D 86 -3.51 34.40 35.31
CA GLU D 86 -2.43 34.59 36.27
C GLU D 86 -1.18 35.20 35.61
N LYS D 87 -1.08 35.03 34.30
CA LYS D 87 0.05 35.53 33.52
C LYS D 87 -0.14 37.03 33.20
N GLU D 88 -1.37 37.43 32.94
CA GLU D 88 -1.68 38.82 32.58
C GLU D 88 -2.05 39.68 33.78
N VAL D 89 -2.93 39.15 34.65
CA VAL D 89 -3.41 39.91 35.81
C VAL D 89 -2.87 39.34 37.12
N GLY D 90 -3.26 38.11 37.43
CA GLY D 90 -2.87 37.47 38.69
C GLY D 90 -4.08 37.10 39.53
N ASP D 91 -4.83 38.12 39.96
CA ASP D 91 -6.05 37.92 40.74
C ASP D 91 -7.27 37.88 39.82
N GLY D 92 -8.19 36.96 40.14
CA GLY D 92 -9.40 36.78 39.34
C GLY D 92 -9.35 35.54 38.46
N THR D 93 -8.54 34.57 38.88
CA THR D 93 -8.39 33.31 38.14
C THR D 93 -9.61 32.40 38.33
N THR D 94 -10.24 32.52 39.51
CA THR D 94 -11.45 31.77 39.82
C THR D 94 -12.64 32.31 39.05
N THR D 95 -12.76 33.64 38.98
CA THR D 95 -13.86 34.32 38.32
C THR D 95 -13.89 34.08 36.80
N ALA D 96 -12.71 33.92 36.21
CA ALA D 96 -12.58 33.71 34.77
C ALA D 96 -13.08 32.34 34.30
N VAL D 97 -13.03 31.36 35.21
CA VAL D 97 -13.45 29.99 34.90
C VAL D 97 -14.96 29.81 35.07
N VAL D 98 -15.50 30.35 36.16
CA VAL D 98 -16.93 30.22 36.50
C VAL D 98 -17.83 30.88 35.44
N VAL D 99 -17.41 32.04 34.94
CA VAL D 99 -18.14 32.75 33.87
C VAL D 99 -18.19 31.90 32.60
N ALA D 100 -17.06 31.30 32.24
CA ALA D 100 -16.96 30.42 31.07
C ALA D 100 -17.88 29.20 31.15
N GLY D 101 -18.10 28.73 32.38
CA GLY D 101 -19.01 27.60 32.62
C GLY D 101 -20.47 27.98 32.46
N GLU D 102 -20.82 29.20 32.89
CA GLU D 102 -22.19 29.70 32.76
C GLU D 102 -22.53 30.09 31.32
N LEU D 103 -21.51 30.50 30.57
CA LEU D 103 -21.67 30.80 29.14
C LEU D 103 -21.92 29.55 28.32
N LEU D 104 -21.53 28.39 28.85
CA LEU D 104 -21.79 27.10 28.22
C LEU D 104 -23.17 26.56 28.61
N ARG D 105 -23.62 26.90 29.82
CA ARG D 105 -24.93 26.50 30.31
C ARG D 105 -26.04 27.26 29.61
N LYS D 106 -25.83 28.55 29.40
CA LYS D 106 -26.79 29.41 28.70
C LYS D 106 -26.76 29.18 27.19
N ALA D 107 -25.71 28.54 26.70
CA ALA D 107 -25.56 28.23 25.28
C ALA D 107 -26.33 26.98 24.87
N GLU D 108 -26.23 25.93 25.69
CA GLU D 108 -26.91 24.67 25.40
C GLU D 108 -28.43 24.75 25.57
N GLU D 109 -28.89 25.77 26.30
CA GLU D 109 -30.32 26.08 26.40
C GLU D 109 -30.84 26.62 25.07
N LEU D 110 -29.97 27.32 24.34
CA LEU D 110 -30.29 27.84 23.02
C LEU D 110 -30.11 26.79 21.94
N LEU D 111 -29.18 25.85 22.16
CA LEU D 111 -28.88 24.79 21.21
C LEU D 111 -30.00 23.74 21.11
N ASP D 112 -30.68 23.51 22.22
CA ASP D 112 -31.80 22.56 22.26
C ASP D 112 -33.06 23.12 21.61
N GLN D 113 -33.10 24.45 21.43
CA GLN D 113 -34.23 25.12 20.77
C GLN D 113 -33.96 25.35 19.28
N ASN D 114 -32.96 24.65 18.74
CA ASN D 114 -32.57 24.72 17.33
C ASN D 114 -32.13 26.11 16.84
N VAL D 115 -31.58 26.90 17.74
CA VAL D 115 -30.93 28.16 17.37
C VAL D 115 -29.49 27.85 16.97
N HIS D 116 -29.15 28.17 15.73
CA HIS D 116 -27.85 27.81 15.15
C HIS D 116 -26.68 28.43 15.90
N PRO D 117 -25.61 27.62 16.14
CA PRO D 117 -24.41 28.04 16.87
C PRO D 117 -23.73 29.30 16.34
N THR D 118 -23.86 29.56 15.03
CA THR D 118 -23.24 30.74 14.41
C THR D 118 -24.02 32.02 14.71
N ILE D 119 -25.31 31.88 14.99
CA ILE D 119 -26.14 32.99 15.46
C ILE D 119 -25.83 33.27 16.92
N VAL D 120 -25.47 32.20 17.65
CA VAL D 120 -25.06 32.30 19.05
C VAL D 120 -23.69 33.00 19.16
N VAL D 121 -22.75 32.59 18.32
CA VAL D 121 -21.41 33.19 18.28
C VAL D 121 -21.44 34.63 17.74
N LYS D 122 -22.50 34.95 17.00
CA LYS D 122 -22.69 36.30 16.46
C LYS D 122 -23.11 37.28 17.55
N GLY D 123 -23.95 36.81 18.47
CA GLY D 123 -24.43 37.63 19.59
C GLY D 123 -23.46 37.68 20.76
N TYR D 124 -22.76 36.58 21.00
CA TYR D 124 -21.80 36.47 22.08
C TYR D 124 -20.59 37.39 21.90
N GLN D 125 -20.14 37.53 20.66
CA GLN D 125 -19.01 38.41 20.33
C GLN D 125 -19.44 39.89 20.36
N ALA D 126 -20.64 40.16 19.85
CA ALA D 126 -21.18 41.52 19.81
C ALA D 126 -21.49 42.07 21.21
N ALA D 127 -21.88 41.17 22.12
CA ALA D 127 -22.15 41.54 23.52
C ALA D 127 -20.85 41.75 24.29
N ALA D 128 -19.84 40.93 24.01
CA ALA D 128 -18.52 41.06 24.62
C ALA D 128 -17.79 42.30 24.11
N GLN D 129 -18.08 42.68 22.87
CA GLN D 129 -17.55 43.90 22.27
C GLN D 129 -18.17 45.14 22.91
N LYS D 130 -19.43 45.00 23.34
CA LYS D 130 -20.15 46.07 24.02
C LYS D 130 -19.83 46.12 25.52
N ALA D 131 -19.62 44.94 26.11
CA ALA D 131 -19.27 44.83 27.53
C ALA D 131 -17.96 45.53 27.86
N GLN D 132 -17.01 45.47 26.93
CA GLN D 132 -15.72 46.15 27.08
C GLN D 132 -15.86 47.67 26.93
N GLU D 133 -16.80 48.10 26.08
CA GLU D 133 -17.10 49.52 25.90
C GLU D 133 -18.30 49.96 26.75
N LEU D 134 -18.46 49.33 27.91
CA LEU D 134 -19.43 49.75 28.93
C LEU D 134 -18.78 49.74 30.31
N LEU D 135 -17.74 48.92 30.47
CA LEU D 135 -16.95 48.87 31.70
C LEU D 135 -16.06 50.11 31.86
N LYS D 136 -15.82 50.81 30.75
CA LYS D 136 -14.96 52.00 30.73
C LYS D 136 -15.57 53.19 31.46
N THR D 137 -16.89 53.32 31.40
CA THR D 137 -17.60 54.39 32.11
C THR D 137 -17.75 54.11 33.60
N ILE D 138 -18.13 52.88 33.93
CA ILE D 138 -18.37 52.50 35.32
C ILE D 138 -17.09 52.31 36.13
N ALA D 139 -15.95 52.42 35.45
CA ALA D 139 -14.64 52.38 36.11
C ALA D 139 -14.25 53.74 36.66
N CYS D 140 -13.79 53.76 37.91
CA CYS D 140 -13.38 55.00 38.57
C CYS D 140 -11.89 55.25 38.38
N GLU D 141 -11.54 56.52 38.14
CA GLU D 141 -10.16 56.93 37.91
C GLU D 141 -9.43 57.17 39.22
N VAL D 142 -8.31 56.48 39.41
CA VAL D 142 -7.52 56.61 40.63
C VAL D 142 -6.14 57.20 40.33
N GLY D 143 -6.06 58.52 40.27
CA GLY D 143 -4.79 59.21 40.35
C GLY D 143 -3.67 58.31 40.84
N ALA D 144 -2.55 58.35 40.12
CA ALA D 144 -1.50 57.34 40.30
C ALA D 144 -0.83 57.37 41.67
N GLN D 145 -0.84 58.54 42.30
CA GLN D 145 -0.21 58.72 43.62
C GLN D 145 -1.20 59.11 44.72
N ASP D 146 -2.48 58.78 44.51
CA ASP D 146 -3.50 58.98 45.53
C ASP D 146 -3.40 57.84 46.54
N LYS D 147 -2.51 58.02 47.51
CA LYS D 147 -2.08 56.93 48.41
C LYS D 147 -3.15 56.40 49.35
N GLU D 148 -4.15 57.22 49.67
CA GLU D 148 -5.25 56.79 50.54
C GLU D 148 -6.17 55.78 49.85
N ILE D 149 -6.31 55.92 48.54
CA ILE D 149 -7.09 54.98 47.73
C ILE D 149 -6.25 53.77 47.38
N LEU D 150 -4.96 53.99 47.11
CA LEU D 150 -4.01 52.92 46.83
C LEU D 150 -3.86 51.94 47.99
N THR D 151 -4.01 52.45 49.21
CA THR D 151 -4.02 51.64 50.42
C THR D 151 -5.27 50.76 50.47
N LYS D 152 -6.40 51.32 50.05
CA LYS D 152 -7.67 50.59 49.99
C LYS D 152 -7.64 49.49 48.93
N ILE D 153 -7.02 49.78 47.79
CA ILE D 153 -6.85 48.81 46.69
C ILE D 153 -5.96 47.65 47.14
N ALA D 154 -4.89 47.98 47.86
CA ALA D 154 -3.99 46.98 48.43
C ALA D 154 -4.69 46.18 49.52
N MET D 155 -5.51 46.86 50.32
CA MET D 155 -6.30 46.23 51.39
C MET D 155 -7.32 45.25 50.84
N THR D 156 -7.93 45.60 49.70
CA THR D 156 -8.91 44.76 49.02
C THR D 156 -8.26 43.51 48.42
N SER D 157 -6.97 43.62 48.09
CA SER D 157 -6.22 42.51 47.51
C SER D 157 -5.80 41.49 48.57
N ILE D 158 -5.40 41.98 49.75
CA ILE D 158 -5.03 41.11 50.87
C ILE D 158 -6.28 40.40 51.41
N THR D 159 -7.40 41.14 51.46
CA THR D 159 -8.70 40.55 51.78
C THR D 159 -9.12 39.64 50.62
N GLY D 160 -9.73 38.51 50.96
CA GLY D 160 -10.04 37.48 49.98
C GLY D 160 -9.19 36.24 50.25
N LYS D 161 -7.96 36.47 50.67
CA LYS D 161 -7.07 35.41 51.12
C LYS D 161 -7.17 35.25 52.63
N GLY D 162 -7.67 36.28 53.31
CA GLY D 162 -7.87 36.27 54.75
C GLY D 162 -8.09 37.64 55.34
N ALA D 163 -9.08 37.74 56.23
CA ALA D 163 -9.38 38.98 56.94
C ALA D 163 -8.34 39.25 58.02
N GLU D 164 -7.80 38.18 58.61
CA GLU D 164 -6.75 38.27 59.60
C GLU D 164 -5.41 38.68 58.98
N LYS D 165 -5.26 38.38 57.68
CA LYS D 165 -4.11 38.81 56.90
C LYS D 165 -4.22 40.31 56.60
N ALA D 166 -5.45 40.78 56.47
CA ALA D 166 -5.73 42.18 56.16
C ALA D 166 -5.67 43.06 57.41
N LYS D 167 -4.47 43.56 57.72
CA LYS D 167 -4.26 44.49 58.81
C LYS D 167 -3.83 45.85 58.27
N GLU D 168 -4.30 46.92 58.92
CA GLU D 168 -4.06 48.30 58.48
C GLU D 168 -2.60 48.63 58.14
N LYS D 169 -1.67 48.15 58.95
CA LYS D 169 -0.25 48.48 58.81
C LYS D 169 0.42 47.82 57.61
N LEU D 170 -0.09 46.65 57.20
CA LEU D 170 0.48 45.90 56.09
C LEU D 170 0.28 46.58 54.73
N ALA D 171 -0.92 47.13 54.53
CA ALA D 171 -1.28 47.79 53.28
C ALA D 171 -0.53 49.12 53.06
N GLU D 172 -0.18 49.78 54.17
CA GLU D 172 0.57 51.04 54.13
C GLU D 172 2.01 50.83 53.69
N ILE D 173 2.56 49.65 53.99
CA ILE D 173 3.93 49.29 53.63
C ILE D 173 4.07 49.00 52.13
N ILE D 174 3.08 48.29 51.58
CA ILE D 174 3.09 47.86 50.17
C ILE D 174 3.05 49.04 49.19
N VAL D 175 2.19 50.02 49.48
CA VAL D 175 2.01 51.20 48.61
C VAL D 175 3.31 52.02 48.45
N GLU D 176 4.06 52.14 49.54
CA GLU D 176 5.32 52.89 49.55
C GLU D 176 6.38 52.26 48.64
N ALA D 177 6.36 50.94 48.54
CA ALA D 177 7.32 50.19 47.72
C ALA D 177 7.04 50.30 46.23
N VAL D 178 5.76 50.23 45.86
CA VAL D 178 5.34 50.26 44.46
C VAL D 178 5.51 51.66 43.85
N SER D 179 5.19 52.69 44.63
CA SER D 179 5.31 54.09 44.18
C SER D 179 6.76 54.53 44.00
N ALA D 180 7.69 53.79 44.63
CA ALA D 180 9.12 54.10 44.56
C ALA D 180 9.80 53.47 43.35
N VAL D 181 9.32 52.30 42.93
CA VAL D 181 9.92 51.56 41.81
C VAL D 181 9.38 51.98 40.44
N VAL D 182 8.58 53.04 40.41
CA VAL D 182 8.03 53.56 39.16
C VAL D 182 9.11 54.33 38.38
N ASP D 183 9.45 53.83 37.20
CA ASP D 183 10.38 54.51 36.30
C ASP D 183 9.65 55.58 35.50
N ASP D 184 9.91 56.84 35.86
CA ASP D 184 9.22 57.99 35.27
C ASP D 184 9.70 58.27 33.85
N GLU D 185 8.77 58.32 32.88
CA GLU D 185 7.35 58.10 33.10
C GLU D 185 6.84 57.02 32.12
N GLY D 186 6.06 56.06 32.62
CA GLY D 186 5.68 55.94 34.03
C GLY D 186 5.10 54.59 34.36
N LYS D 187 5.70 53.54 33.78
CA LYS D 187 5.24 52.16 33.98
C LYS D 187 5.77 51.56 35.27
N VAL D 188 5.22 50.41 35.65
CA VAL D 188 5.64 49.70 36.86
C VAL D 188 6.21 48.33 36.51
N ASP D 189 7.47 48.12 36.86
CA ASP D 189 8.13 46.83 36.66
C ASP D 189 8.07 46.02 37.95
N LYS D 190 7.42 44.86 37.88
CA LYS D 190 7.21 43.99 39.05
C LYS D 190 8.48 43.25 39.47
N ASP D 191 9.44 43.16 38.56
CA ASP D 191 10.71 42.47 38.82
C ASP D 191 11.67 43.28 39.69
N LEU D 192 11.42 44.58 39.79
CA LEU D 192 12.26 45.49 40.58
C LEU D 192 12.13 45.26 42.09
N ILE D 193 11.00 44.71 42.51
CA ILE D 193 10.76 44.40 43.92
C ILE D 193 11.22 42.97 44.24
N LYS D 194 12.23 42.88 45.11
CA LYS D 194 12.80 41.60 45.50
C LYS D 194 12.04 40.99 46.68
N ILE D 195 11.77 39.70 46.59
CA ILE D 195 11.03 38.98 47.62
C ILE D 195 11.95 38.04 48.39
N GLU D 196 12.00 38.22 49.71
CA GLU D 196 12.83 37.38 50.57
C GLU D 196 11.97 36.58 51.54
N LYS D 197 12.26 35.29 51.64
CA LYS D 197 11.51 34.39 52.54
C LYS D 197 12.38 33.92 53.70
N LYS D 198 12.19 34.55 54.86
CA LYS D 198 12.95 34.19 56.06
C LYS D 198 12.02 33.91 57.23
N SER D 199 12.54 33.24 58.25
CA SER D 199 11.75 32.84 59.41
C SER D 199 11.78 33.87 60.55
N GLY D 200 11.50 33.41 61.76
CA GLY D 200 11.43 34.28 62.94
C GLY D 200 10.00 34.67 63.27
N ALA D 201 9.70 34.82 64.55
CA ALA D 201 8.38 35.22 65.01
C ALA D 201 8.00 36.59 64.44
N SER D 202 7.24 36.57 63.34
CA SER D 202 6.98 37.79 62.57
C SER D 202 5.51 37.97 62.20
N ILE D 203 5.23 37.97 60.89
CA ILE D 203 3.94 38.40 60.32
C ILE D 203 3.75 39.91 60.52
N ASP D 204 4.03 40.39 61.73
CA ASP D 204 4.00 41.81 62.06
C ASP D 204 5.39 42.46 61.95
N ASP D 205 6.43 41.63 62.06
CA ASP D 205 7.81 42.10 61.96
C ASP D 205 8.30 42.24 60.51
N THR D 206 7.36 42.10 59.57
CA THR D 206 7.65 42.29 58.14
C THR D 206 7.99 43.76 57.87
N GLU D 207 9.22 43.99 57.44
CA GLU D 207 9.74 45.35 57.27
C GLU D 207 10.01 45.72 55.82
N LEU D 208 9.82 47.00 55.50
CA LEU D 208 10.11 47.55 54.19
C LEU D 208 11.61 47.87 54.10
N VAL D 212 18.02 38.85 45.55
CA VAL D 212 18.12 37.40 45.72
C VAL D 212 18.80 37.05 47.05
N LEU D 213 18.30 36.02 47.73
CA LEU D 213 18.94 35.50 48.93
C LEU D 213 19.57 34.14 48.65
N VAL D 214 20.88 34.14 48.46
CA VAL D 214 21.62 32.92 48.13
C VAL D 214 22.01 32.16 49.40
N ASP D 215 21.65 30.89 49.44
CA ASP D 215 21.97 30.02 50.58
C ASP D 215 23.42 29.52 50.49
N LYS D 216 24.35 30.45 50.62
CA LYS D 216 25.78 30.15 50.58
C LYS D 216 26.58 31.20 51.35
N GLU D 217 27.89 31.00 51.43
CA GLU D 217 28.79 31.92 52.12
C GLU D 217 29.86 32.46 51.17
N ARG D 218 30.97 32.93 51.74
CA ARG D 218 32.13 33.35 50.95
C ARG D 218 33.13 32.19 50.83
N VAL D 219 33.77 32.08 49.68
CA VAL D 219 34.69 30.97 49.38
C VAL D 219 35.97 31.04 50.24
N SER D 220 36.33 32.24 50.68
CA SER D 220 37.49 32.45 51.54
C SER D 220 37.17 33.46 52.65
N ALA D 221 37.63 33.16 53.85
CA ALA D 221 37.44 34.05 55.01
C ALA D 221 38.28 35.32 54.89
N GLN D 222 39.20 35.32 53.92
CA GLN D 222 40.06 36.46 53.61
C GLN D 222 39.28 37.59 52.94
N MET D 223 38.25 37.21 52.18
CA MET D 223 37.40 38.16 51.46
C MET D 223 36.52 38.98 52.40
N PRO D 224 36.30 40.26 52.08
CA PRO D 224 35.42 41.14 52.88
C PRO D 224 33.94 40.75 52.78
N LYS D 225 33.05 41.57 53.34
CA LYS D 225 31.65 41.13 53.56
C LYS D 225 30.51 41.95 52.92
N LYS D 226 30.68 43.27 52.76
CA LYS D 226 29.60 44.14 52.25
C LYS D 226 30.07 45.39 51.50
N VAL D 227 29.71 45.50 50.21
CA VAL D 227 30.10 46.65 49.39
C VAL D 227 28.97 47.67 49.25
N THR D 228 29.31 48.82 48.68
CA THR D 228 28.33 49.79 48.20
C THR D 228 28.51 49.92 46.68
N ASP D 229 27.41 49.81 45.95
CA ASP D 229 27.39 49.89 44.48
C ASP D 229 28.27 48.81 43.84
N ALA D 230 27.92 47.54 44.08
CA ALA D 230 28.70 46.40 43.64
C ALA D 230 28.37 45.95 42.23
N LYS D 231 29.40 45.55 41.49
CA LYS D 231 29.24 44.97 40.15
C LYS D 231 29.39 43.46 40.25
N ILE D 232 28.37 42.73 39.80
CA ILE D 232 28.33 41.28 39.96
C ILE D 232 28.52 40.53 38.65
N ALA D 233 29.59 39.72 38.60
CA ALA D 233 29.86 38.87 37.44
C ALA D 233 29.35 37.46 37.67
N LEU D 234 28.33 37.07 36.90
CA LEU D 234 27.78 35.72 36.97
C LEU D 234 28.51 34.80 35.99
N LEU D 235 29.32 33.90 36.54
CA LEU D 235 30.06 32.93 35.74
C LEU D 235 29.48 31.52 35.85
N ASN D 236 29.20 30.92 34.70
CA ASN D 236 28.73 29.55 34.62
C ASN D 236 29.91 28.59 34.50
N CYS D 237 30.98 29.05 33.87
CA CYS D 237 32.19 28.26 33.68
C CYS D 237 33.00 28.16 34.97
N ALA D 238 33.76 27.06 35.09
CA ALA D 238 34.59 26.82 36.27
C ALA D 238 35.88 27.63 36.22
N ILE D 239 36.28 28.17 37.36
CA ILE D 239 37.54 28.91 37.49
C ILE D 239 38.62 27.95 37.99
N GLU D 240 38.96 26.82 37.33
CA GLU D 240 39.83 25.73 37.96
C GLU D 240 41.41 25.55 37.76
N GLU D 241 42.06 24.50 38.34
CA GLU D 241 43.57 24.31 38.33
C GLU D 241 44.40 23.05 38.90
N THR D 242 45.74 23.22 39.08
CA THR D 242 46.81 22.28 39.41
C THR D 242 47.60 22.77 40.62
N ALA D 243 48.83 23.25 40.38
CA ALA D 243 49.70 23.75 41.45
C ALA D 243 50.74 24.74 40.90
N SER D 244 50.42 25.38 39.77
CA SER D 244 51.36 26.30 39.11
C SER D 244 50.69 27.61 38.69
N GLU D 245 50.02 28.25 39.65
CA GLU D 245 49.35 29.56 39.46
C GLU D 245 48.78 29.82 38.05
N MET D 246 47.93 28.90 37.59
CA MET D 246 47.31 29.00 36.27
C MET D 246 45.97 29.76 36.32
N LEU D 247 45.71 30.41 37.46
CA LEU D 247 44.47 31.12 37.69
C LEU D 247 44.67 32.63 37.76
N LYS D 248 45.93 33.05 37.79
CA LYS D 248 46.29 34.47 37.80
C LYS D 248 45.77 35.19 36.56
N ASP D 249 45.62 34.45 35.46
CA ASP D 249 44.98 34.96 34.25
C ASP D 249 43.47 35.03 34.44
N MET D 250 42.89 33.97 35.00
CA MET D 250 41.44 33.87 35.22
C MET D 250 40.91 34.92 36.20
N VAL D 251 41.69 35.20 37.24
CA VAL D 251 41.33 36.22 38.24
C VAL D 251 41.45 37.63 37.65
N ALA D 252 42.51 37.85 36.87
CA ALA D 252 42.76 39.14 36.23
C ALA D 252 41.75 39.45 35.13
N GLU D 253 41.23 38.41 34.48
CA GLU D 253 40.21 38.56 33.44
C GLU D 253 38.86 39.01 34.03
N ILE D 254 38.60 38.60 35.27
CA ILE D 254 37.43 39.07 36.02
C ILE D 254 37.67 40.50 36.51
N LYS D 255 38.92 40.80 36.86
CA LYS D 255 39.31 42.15 37.29
C LYS D 255 39.31 43.12 36.10
N ALA D 256 39.50 42.58 34.90
CA ALA D 256 39.49 43.37 33.67
C ALA D 256 38.11 43.98 33.38
N SER D 257 37.06 43.25 33.74
CA SER D 257 35.69 43.73 33.57
C SER D 257 35.34 44.77 34.65
N GLY D 258 35.81 44.54 35.87
CA GLY D 258 35.56 45.44 36.99
C GLY D 258 34.43 44.99 37.88
N ALA D 259 34.44 43.70 38.23
CA ALA D 259 33.41 43.13 39.09
C ALA D 259 33.99 42.69 40.43
N ASN D 260 33.56 43.38 41.49
CA ASN D 260 34.01 43.08 42.85
C ASN D 260 33.28 41.90 43.49
N VAL D 261 32.12 41.54 42.94
CA VAL D 261 31.34 40.40 43.39
C VAL D 261 31.27 39.36 42.28
N LEU D 262 31.47 38.09 42.64
CA LEU D 262 31.53 37.00 41.68
C LEU D 262 30.70 35.80 42.13
N PHE D 263 29.64 35.50 41.38
CA PHE D 263 28.84 34.31 41.63
C PHE D 263 29.16 33.22 40.61
N CYS D 264 29.78 32.14 41.10
CA CYS D 264 30.17 31.01 40.26
C CYS D 264 29.24 29.82 40.48
N GLN D 265 28.73 29.26 39.39
CA GLN D 265 27.83 28.11 39.44
C GLN D 265 28.60 26.81 39.68
N LYS D 266 29.80 26.72 39.11
CA LYS D 266 30.67 25.56 39.29
C LYS D 266 31.62 25.77 40.46
N GLY D 267 32.65 24.92 40.55
CA GLY D 267 33.62 24.98 41.64
C GLY D 267 34.79 25.89 41.37
N ILE D 268 35.17 26.67 42.38
CA ILE D 268 36.33 27.55 42.32
C ILE D 268 37.50 26.90 43.05
N ASP D 269 38.64 26.80 42.36
CA ASP D 269 39.81 26.12 42.90
C ASP D 269 40.52 26.94 43.98
N ASP D 270 41.23 26.23 44.86
CA ASP D 270 41.86 26.83 46.05
C ASP D 270 42.92 27.88 45.75
N LEU D 271 43.62 27.74 44.63
CA LEU D 271 44.63 28.72 44.21
C LEU D 271 43.98 30.04 43.80
N ALA D 272 42.86 29.96 43.09
CA ALA D 272 42.09 31.14 42.66
C ALA D 272 41.45 31.87 43.83
N GLN D 273 41.20 31.14 44.91
CA GLN D 273 40.61 31.70 46.14
C GLN D 273 41.54 32.72 46.79
N HIS D 274 42.85 32.44 46.76
CA HIS D 274 43.86 33.33 47.31
C HIS D 274 44.00 34.60 46.47
N TYR D 275 44.01 34.44 45.15
CA TYR D 275 44.23 35.55 44.23
C TYR D 275 43.04 36.51 44.12
N LEU D 276 41.83 35.96 44.17
CA LEU D 276 40.61 36.78 44.16
C LEU D 276 40.49 37.59 45.44
N ALA D 277 40.88 36.98 46.57
CA ALA D 277 40.89 37.66 47.87
C ALA D 277 42.07 38.62 47.98
N LYS D 278 43.11 38.38 47.18
CA LYS D 278 44.28 39.25 47.11
C LYS D 278 43.94 40.58 46.43
N GLU D 279 43.03 40.52 45.46
CA GLU D 279 42.54 41.71 44.76
C GLU D 279 41.51 42.45 45.60
N GLY D 280 40.65 41.68 46.27
CA GLY D 280 39.54 42.24 47.04
C GLY D 280 38.19 41.77 46.52
N ILE D 281 38.23 40.89 45.54
CA ILE D 281 37.02 40.34 44.91
C ILE D 281 36.48 39.17 45.73
N VAL D 282 35.18 39.20 45.99
CA VAL D 282 34.52 38.16 46.80
C VAL D 282 33.80 37.15 45.89
N ALA D 283 34.04 35.87 46.14
CA ALA D 283 33.49 34.79 45.32
C ALA D 283 32.72 33.74 46.13
N ALA D 284 31.82 33.04 45.46
CA ALA D 284 31.02 31.98 46.07
C ALA D 284 31.00 30.74 45.16
N ARG D 285 31.27 29.57 45.75
CA ARG D 285 31.38 28.33 44.98
C ARG D 285 30.14 27.43 45.06
N ARG D 286 29.71 26.95 43.90
CA ARG D 286 28.60 26.00 43.76
C ARG D 286 27.24 26.53 44.23
N VAL D 287 26.82 27.65 43.64
CA VAL D 287 25.50 28.22 43.88
C VAL D 287 24.49 27.47 43.00
N LYS D 288 23.33 27.15 43.58
CA LYS D 288 22.27 26.42 42.88
C LYS D 288 21.87 27.07 41.57
N LYS D 289 21.54 26.25 40.58
CA LYS D 289 21.16 26.70 39.24
C LYS D 289 19.90 27.57 39.25
N SER D 290 19.01 27.31 40.21
CA SER D 290 17.79 28.10 40.40
C SER D 290 18.12 29.51 40.89
N ASP D 291 19.11 29.62 41.76
CA ASP D 291 19.53 30.90 42.32
C ASP D 291 20.34 31.76 41.34
N MET D 292 21.01 31.09 40.40
CA MET D 292 21.79 31.76 39.36
C MET D 292 20.88 32.48 38.35
N GLU D 293 19.74 31.86 38.05
CA GLU D 293 18.73 32.45 37.16
C GLU D 293 18.01 33.61 37.85
N LYS D 294 17.95 33.56 39.17
CA LYS D 294 17.38 34.62 39.99
C LYS D 294 18.27 35.87 39.99
N LEU D 295 19.58 35.65 40.13
CA LEU D 295 20.57 36.73 40.19
C LEU D 295 20.73 37.45 38.85
N ALA D 296 20.53 36.73 37.76
CA ALA D 296 20.67 37.29 36.40
C ALA D 296 19.55 38.27 36.04
N LYS D 297 18.35 38.02 36.56
CA LYS D 297 17.17 38.83 36.22
C LYS D 297 16.94 39.97 37.21
N ALA D 298 17.36 39.78 38.45
CA ALA D 298 17.16 40.79 39.50
C ALA D 298 18.13 41.96 39.39
N THR D 299 19.42 41.65 39.27
CA THR D 299 20.47 42.68 39.20
C THR D 299 20.67 43.19 37.76
N GLY D 300 20.23 42.41 36.79
CA GLY D 300 20.42 42.72 35.38
C GLY D 300 21.77 42.21 34.89
N ALA D 301 22.01 40.91 35.12
CA ALA D 301 23.29 40.29 34.79
C ALA D 301 23.15 39.22 33.70
N ASN D 302 24.26 38.91 33.05
CA ASN D 302 24.31 37.87 32.04
C ASN D 302 25.15 36.68 32.50
N VAL D 303 24.60 35.48 32.36
CA VAL D 303 25.29 34.24 32.74
C VAL D 303 26.31 33.89 31.65
N ILE D 304 27.58 33.98 32.01
CA ILE D 304 28.67 33.77 31.05
C ILE D 304 29.35 32.41 31.27
N THR D 305 29.46 31.64 30.19
CA THR D 305 30.01 30.28 30.25
C THR D 305 31.43 30.19 29.69
N ASN D 306 32.12 31.33 29.64
CA ASN D 306 33.53 31.39 29.23
C ASN D 306 34.24 32.58 29.87
N ILE D 307 35.32 32.30 30.60
CA ILE D 307 36.03 33.32 31.37
C ILE D 307 36.83 34.30 30.49
N LYS D 308 37.12 33.89 29.26
CA LYS D 308 37.89 34.71 28.32
C LYS D 308 37.09 35.85 27.71
N ASP D 309 35.76 35.70 27.70
CA ASP D 309 34.87 36.66 27.03
C ASP D 309 33.99 37.45 28.00
N LEU D 310 34.37 37.44 29.28
CA LEU D 310 33.61 38.16 30.32
C LEU D 310 33.70 39.67 30.12
N SER D 311 32.55 40.28 29.81
CA SER D 311 32.48 41.71 29.51
C SER D 311 31.91 42.52 30.68
N ALA D 312 32.22 43.82 30.69
CA ALA D 312 31.77 44.73 31.74
C ALA D 312 30.28 45.07 31.64
N GLN D 313 29.71 44.89 30.45
CA GLN D 313 28.28 45.16 30.22
C GLN D 313 27.42 43.91 30.47
N ASP D 314 28.06 42.82 30.87
CA ASP D 314 27.37 41.59 31.22
C ASP D 314 27.22 41.45 32.74
N LEU D 315 27.60 42.50 33.47
CA LEU D 315 27.56 42.50 34.93
C LEU D 315 26.27 43.15 35.43
N GLY D 316 25.73 42.60 36.52
CA GLY D 316 24.52 43.13 37.15
C GLY D 316 24.83 44.19 38.19
N ASP D 317 23.80 44.92 38.60
CA ASP D 317 23.95 45.98 39.59
C ASP D 317 22.98 45.83 40.75
N ALA D 318 23.53 45.61 41.94
CA ALA D 318 22.74 45.53 43.17
C ALA D 318 23.04 46.73 44.06
N GLY D 319 22.21 46.95 45.07
CA GLY D 319 22.38 48.07 46.00
C GLY D 319 23.19 47.71 47.23
N LEU D 320 22.90 46.56 47.82
CA LEU D 320 23.56 46.13 49.05
C LEU D 320 23.75 44.62 49.07
N VAL D 321 25.02 44.20 49.11
CA VAL D 321 25.38 42.79 49.20
C VAL D 321 26.05 42.54 50.54
N GLU D 322 25.44 41.70 51.38
CA GLU D 322 25.88 41.52 52.76
C GLU D 322 25.69 40.09 53.27
N GLU D 323 26.72 39.51 53.86
CA GLU D 323 26.62 38.18 54.45
C GLU D 323 26.14 38.28 55.90
N ARG D 324 24.82 38.40 56.06
CA ARG D 324 24.19 38.46 57.38
C ARG D 324 23.98 37.06 57.93
N LYS D 325 24.12 36.93 59.25
CA LYS D 325 23.80 35.69 59.94
C LYS D 325 22.35 35.69 60.40
N ILE D 326 21.43 35.90 59.45
CA ILE D 326 20.01 35.98 59.76
C ILE D 326 19.42 34.61 60.07
N SER D 327 18.64 34.53 61.15
CA SER D 327 18.05 33.28 61.63
C SER D 327 19.10 32.18 61.86
N GLY D 328 20.29 32.58 62.28
CA GLY D 328 21.39 31.65 62.54
C GLY D 328 22.27 31.40 61.34
N ASP D 329 21.65 31.12 60.20
CA ASP D 329 22.36 30.80 58.95
C ASP D 329 22.97 32.04 58.31
N SER D 330 24.23 31.93 57.92
CA SER D 330 24.94 33.01 57.23
C SER D 330 24.74 32.91 55.72
N MET D 331 23.90 33.81 55.20
CA MET D 331 23.55 33.81 53.77
C MET D 331 23.86 35.16 53.12
N ILE D 332 24.04 35.14 51.80
CA ILE D 332 24.38 36.34 51.03
C ILE D 332 23.11 37.16 50.72
N PHE D 333 23.04 38.34 51.33
CA PHE D 333 21.93 39.28 51.10
C PHE D 333 22.21 40.16 49.90
N VAL D 334 21.74 39.73 48.72
CA VAL D 334 21.82 40.58 47.52
C VAL D 334 20.50 41.35 47.43
N GLU D 335 20.53 42.60 47.89
CA GLU D 335 19.44 43.54 47.62
C GLU D 335 19.97 44.95 47.41
N GLU D 336 19.06 45.93 47.42
CA GLU D 336 19.16 47.05 48.33
C GLU D 336 19.29 48.37 47.58
N CYS D 337 18.91 49.45 48.24
CA CYS D 337 19.07 50.80 47.68
C CYS D 337 18.53 51.86 48.62
N LYS D 338 18.37 53.08 48.11
CA LYS D 338 18.23 54.26 48.95
C LYS D 338 17.09 55.15 48.46
N HIS D 339 17.43 56.19 47.72
CA HIS D 339 16.56 56.73 46.69
C HIS D 339 16.34 55.71 45.57
N PRO D 340 15.45 54.76 45.81
CA PRO D 340 15.61 53.41 45.28
C PRO D 340 14.68 53.10 44.10
N LYS D 341 15.26 52.61 43.02
CA LYS D 341 14.50 52.11 41.87
C LYS D 341 14.24 50.61 42.04
N ALA D 342 14.92 50.01 43.02
CA ALA D 342 14.71 48.60 43.39
C ALA D 342 14.50 48.47 44.90
N VAL D 343 13.47 47.73 45.27
CA VAL D 343 13.09 47.57 46.68
C VAL D 343 13.04 46.08 47.07
N THR D 344 13.50 45.77 48.28
CA THR D 344 13.46 44.40 48.80
C THR D 344 12.42 44.27 49.92
N MET D 345 11.61 43.21 49.85
CA MET D 345 10.61 42.94 50.86
C MET D 345 10.98 41.71 51.69
N LEU D 346 11.33 41.93 52.95
CA LEU D 346 11.68 40.85 53.87
C LEU D 346 10.43 40.24 54.47
N ILE D 347 9.77 39.38 53.68
CA ILE D 347 8.55 38.70 54.11
C ILE D 347 8.88 37.57 55.09
N ARG D 348 8.42 37.73 56.32
CA ARG D 348 8.77 36.80 57.41
C ARG D 348 7.55 36.24 58.13
N GLY D 349 7.71 35.08 58.74
CA GLY D 349 6.65 34.40 59.48
C GLY D 349 7.19 33.27 60.33
N THR D 350 6.30 32.63 61.09
CA THR D 350 6.68 31.56 62.03
C THR D 350 7.24 30.33 61.31
N THR D 351 6.39 29.64 60.54
CA THR D 351 6.80 28.47 59.77
C THR D 351 6.94 28.82 58.29
N GLU D 352 7.78 28.06 57.58
CA GLU D 352 8.07 28.31 56.16
C GLU D 352 6.83 28.25 55.28
N HIS D 353 5.88 27.38 55.65
CA HIS D 353 4.61 27.26 54.92
C HIS D 353 3.71 28.48 55.07
N VAL D 354 3.82 29.16 56.21
CA VAL D 354 3.13 30.43 56.43
C VAL D 354 3.81 31.53 55.61
N ILE D 355 5.14 31.57 55.67
CA ILE D 355 5.94 32.56 54.92
C ILE D 355 5.63 32.57 53.43
N GLU D 356 5.54 31.38 52.83
CA GLU D 356 5.25 31.22 51.41
C GLU D 356 3.87 31.74 51.04
N GLU D 357 2.91 31.59 51.96
CA GLU D 357 1.55 32.11 51.78
C GLU D 357 1.50 33.63 51.95
N VAL D 358 2.30 34.15 52.88
CA VAL D 358 2.43 35.59 53.07
C VAL D 358 3.23 36.22 51.92
N ALA D 359 4.05 35.39 51.26
CA ALA D 359 4.79 35.82 50.07
C ALA D 359 3.87 35.93 48.84
N ARG D 360 2.94 34.98 48.72
CA ARG D 360 2.00 34.95 47.60
C ARG D 360 0.86 35.97 47.77
N ALA D 361 0.59 36.35 49.02
CA ALA D 361 -0.42 37.36 49.32
C ALA D 361 0.05 38.76 48.91
N VAL D 362 1.35 38.99 49.02
CA VAL D 362 1.96 40.25 48.60
C VAL D 362 2.03 40.34 47.06
N ASP D 363 2.23 39.19 46.42
CA ASP D 363 2.27 39.10 44.96
C ASP D 363 1.03 39.68 44.28
N ASP D 364 -0.14 39.42 44.87
CA ASP D 364 -1.40 39.97 44.38
C ASP D 364 -1.54 41.45 44.74
N ALA D 365 -0.99 41.84 45.88
CA ALA D 365 -1.06 43.21 46.37
C ALA D 365 -0.15 44.16 45.58
N VAL D 366 0.96 43.63 45.08
CA VAL D 366 1.90 44.40 44.26
C VAL D 366 1.30 44.66 42.87
N GLY D 367 0.62 43.65 42.33
CA GLY D 367 0.01 43.72 41.01
C GLY D 367 -1.06 44.79 40.87
N VAL D 368 -2.00 44.81 41.81
CA VAL D 368 -3.13 45.75 41.78
C VAL D 368 -2.73 47.22 41.91
N VAL D 369 -1.77 47.51 42.79
CA VAL D 369 -1.26 48.86 42.98
C VAL D 369 -0.45 49.30 41.76
N GLY D 370 0.31 48.35 41.19
CA GLY D 370 1.06 48.58 39.97
C GLY D 370 0.18 48.79 38.76
N CYS D 371 -0.97 48.12 38.74
CA CYS D 371 -1.95 48.28 37.66
C CYS D 371 -2.72 49.60 37.77
N THR D 372 -2.93 50.06 39.00
CA THR D 372 -3.62 51.33 39.26
C THR D 372 -2.78 52.53 38.81
N ILE D 373 -1.47 52.43 39.02
CA ILE D 373 -0.53 53.47 38.59
C ILE D 373 -0.44 53.53 37.05
N GLU D 374 -0.41 52.36 36.42
CA GLU D 374 -0.31 52.26 34.96
C GLU D 374 -1.60 52.65 34.23
N ASP D 375 -2.74 52.29 34.82
CA ASP D 375 -4.04 52.55 34.19
C ASP D 375 -4.70 53.83 34.72
N GLY D 376 -5.02 53.84 36.01
CA GLY D 376 -5.85 54.89 36.58
C GLY D 376 -7.13 54.34 37.19
N ARG D 377 -7.33 53.03 37.06
CA ARG D 377 -8.67 52.48 36.84
C ARG D 377 -9.01 51.44 37.91
N ILE D 378 -10.22 51.56 38.46
CA ILE D 378 -10.75 50.53 39.35
C ILE D 378 -12.28 50.39 39.26
N VAL D 379 -12.76 49.19 39.58
CA VAL D 379 -14.19 48.89 39.62
C VAL D 379 -14.60 48.28 40.96
N SER D 380 -15.86 48.47 41.34
CA SER D 380 -16.38 47.98 42.61
C SER D 380 -16.50 46.45 42.63
N GLY D 381 -15.98 45.84 43.70
CA GLY D 381 -16.00 44.39 43.85
C GLY D 381 -17.20 43.86 44.60
N GLY D 382 -17.16 42.58 44.93
CA GLY D 382 -18.26 41.92 45.65
C GLY D 382 -19.50 41.71 44.80
N GLY D 383 -19.28 41.49 43.50
CA GLY D 383 -20.38 41.30 42.55
C GLY D 383 -21.23 42.54 42.35
N SER D 384 -20.56 43.69 42.26
CA SER D 384 -21.24 44.98 42.15
C SER D 384 -21.32 45.46 40.70
N THR D 385 -20.18 45.45 40.01
CA THR D 385 -20.12 45.87 38.61
C THR D 385 -20.69 44.81 37.66
N GLU D 386 -20.87 43.59 38.18
CA GLU D 386 -21.44 42.49 37.42
C GLU D 386 -22.93 42.69 37.16
N VAL D 387 -23.62 43.33 38.12
CA VAL D 387 -25.05 43.63 38.02
C VAL D 387 -25.27 44.83 37.10
N GLU D 388 -24.41 45.84 37.23
CA GLU D 388 -24.47 47.06 36.41
C GLU D 388 -24.26 46.76 34.92
N LEU D 389 -23.31 45.88 34.63
CA LEU D 389 -23.01 45.48 33.26
C LEU D 389 -24.11 44.57 32.68
N SER D 390 -24.77 43.81 33.55
CA SER D 390 -25.82 42.88 33.15
C SER D 390 -27.10 43.60 32.72
N MET D 391 -27.47 44.65 33.44
CA MET D 391 -28.68 45.44 33.14
C MET D 391 -28.47 46.37 31.94
N LYS D 392 -27.22 46.75 31.69
CA LYS D 392 -26.88 47.65 30.58
C LYS D 392 -26.74 46.90 29.25
N LEU D 393 -26.58 45.58 29.32
CA LEU D 393 -26.48 44.75 28.13
C LEU D 393 -27.82 44.14 27.71
N ARG D 394 -28.75 44.04 28.67
CA ARG D 394 -30.11 43.58 28.39
C ARG D 394 -30.91 44.65 27.64
N GLU D 395 -30.69 45.91 28.01
CA GLU D 395 -31.29 47.04 27.29
C GLU D 395 -30.59 47.27 25.95
N TYR D 396 -29.32 46.85 25.88
CA TYR D 396 -28.56 46.85 24.63
C TYR D 396 -29.06 45.76 23.68
N ALA D 397 -29.54 44.66 24.26
CA ALA D 397 -30.12 43.56 23.50
C ALA D 397 -31.46 43.95 22.86
N GLU D 398 -32.17 44.87 23.51
CA GLU D 398 -33.47 45.34 23.04
C GLU D 398 -33.41 46.04 21.68
N GLY D 399 -32.27 46.69 21.39
CA GLY D 399 -32.07 47.39 20.13
C GLY D 399 -31.42 46.55 19.05
N ILE D 400 -31.44 45.22 19.22
CA ILE D 400 -30.87 44.29 18.24
C ILE D 400 -31.99 43.44 17.65
N SER D 401 -32.13 43.49 16.32
CA SER D 401 -33.15 42.71 15.62
C SER D 401 -32.56 41.41 15.08
N GLY D 402 -33.33 40.33 15.24
CA GLY D 402 -32.90 39.01 14.78
C GLY D 402 -32.82 37.98 15.90
N ARG D 403 -32.31 36.81 15.58
CA ARG D 403 -32.16 35.72 16.55
C ARG D 403 -30.89 35.86 17.39
N GLU D 404 -30.01 36.77 16.97
CA GLU D 404 -28.77 37.07 17.69
C GLU D 404 -29.01 37.83 18.98
N GLN D 405 -30.22 38.38 19.12
CA GLN D 405 -30.67 39.07 20.34
C GLN D 405 -30.67 38.13 21.55
N LEU D 406 -31.19 36.91 21.34
CA LEU D 406 -31.29 35.91 22.39
C LEU D 406 -29.92 35.45 22.89
N ALA D 407 -28.92 35.53 22.02
CA ALA D 407 -27.54 35.23 22.38
C ALA D 407 -26.95 36.32 23.27
N VAL D 408 -27.35 37.57 23.03
CA VAL D 408 -26.95 38.70 23.85
C VAL D 408 -27.69 38.68 25.19
N ARG D 409 -28.95 38.26 25.16
CA ARG D 409 -29.76 38.10 26.36
C ARG D 409 -29.20 37.01 27.28
N ALA D 410 -28.77 35.90 26.67
CA ALA D 410 -28.14 34.80 27.40
C ALA D 410 -26.75 35.17 27.89
N PHE D 411 -26.09 36.07 27.17
CA PHE D 411 -24.78 36.59 27.56
C PHE D 411 -24.90 37.49 28.79
N ALA D 412 -25.95 38.29 28.83
CA ALA D 412 -26.21 39.22 29.93
C ALA D 412 -26.75 38.50 31.17
N ASP D 413 -27.57 37.48 30.95
CA ASP D 413 -28.12 36.66 32.05
C ASP D 413 -27.06 35.76 32.68
N ALA D 414 -25.97 35.50 31.93
CA ALA D 414 -24.85 34.70 32.42
C ALA D 414 -23.92 35.52 33.32
N LEU D 415 -24.01 36.84 33.24
CA LEU D 415 -23.17 37.75 34.03
C LEU D 415 -23.57 37.80 35.50
N GLU D 416 -24.80 37.35 35.79
CA GLU D 416 -25.32 37.35 37.16
C GLU D 416 -24.95 36.09 37.95
N VAL D 417 -23.99 35.32 37.44
CA VAL D 417 -23.54 34.09 38.10
C VAL D 417 -22.60 34.37 39.28
N ILE D 418 -21.73 35.37 39.12
CA ILE D 418 -20.76 35.74 40.16
C ILE D 418 -21.43 36.28 41.43
N PRO D 419 -22.39 37.22 41.29
CA PRO D 419 -23.14 37.68 42.48
C PRO D 419 -24.02 36.58 43.09
N ARG D 420 -24.43 35.62 42.26
CA ARG D 420 -25.26 34.50 42.71
C ARG D 420 -24.43 33.48 43.50
N THR D 421 -23.21 33.21 43.01
CA THR D 421 -22.29 32.26 43.66
C THR D 421 -21.67 32.84 44.94
N LEU D 422 -21.59 34.17 45.01
CA LEU D 422 -21.11 34.86 46.21
C LEU D 422 -22.06 34.65 47.40
N ALA D 423 -23.35 34.57 47.10
CA ALA D 423 -24.36 34.28 48.12
C ALA D 423 -24.44 32.79 48.43
N GLU D 424 -24.11 31.96 47.43
CA GLU D 424 -24.10 30.51 47.58
C GLU D 424 -23.11 30.02 48.63
N ASN D 425 -21.97 30.69 48.72
CA ASN D 425 -20.93 30.35 49.69
C ASN D 425 -21.01 31.17 50.98
N ALA D 426 -21.83 32.22 50.97
CA ALA D 426 -21.98 33.10 52.12
C ALA D 426 -22.94 32.53 53.16
N GLY D 427 -24.01 31.88 52.70
CA GLY D 427 -25.02 31.32 53.58
C GLY D 427 -26.41 31.85 53.29
N LEU D 428 -26.46 33.07 52.76
CA LEU D 428 -27.73 33.73 52.42
C LEU D 428 -28.31 33.16 51.12
N ASP D 429 -29.59 33.42 50.90
CA ASP D 429 -30.31 32.92 49.72
C ASP D 429 -29.82 33.61 48.44
N ALA D 430 -29.53 32.80 47.42
CA ALA D 430 -29.02 33.30 46.14
C ALA D 430 -30.14 33.77 45.21
N ILE D 431 -31.38 33.55 45.61
CA ILE D 431 -32.55 33.92 44.81
C ILE D 431 -33.13 35.26 45.28
N GLU D 432 -32.98 35.56 46.56
CA GLU D 432 -33.55 36.77 47.17
C GLU D 432 -32.68 38.01 46.94
N ILE D 433 -31.37 37.89 47.16
CA ILE D 433 -30.43 39.00 46.99
C ILE D 433 -30.26 39.39 45.52
N LEU D 434 -30.36 38.39 44.64
CA LEU D 434 -30.25 38.60 43.19
C LEU D 434 -31.30 39.58 42.66
N VAL D 435 -32.38 39.75 43.41
CA VAL D 435 -33.45 40.70 43.08
C VAL D 435 -33.20 42.05 43.77
N LYS D 436 -32.73 42.01 45.01
CA LYS D 436 -32.48 43.21 45.81
C LYS D 436 -31.44 44.15 45.20
N VAL D 437 -30.35 43.59 44.68
CA VAL D 437 -29.29 44.37 44.05
C VAL D 437 -29.72 44.83 42.65
N ARG D 438 -30.42 43.96 41.93
CA ARG D 438 -30.90 44.23 40.57
C ARG D 438 -31.87 45.43 40.55
N ALA D 439 -32.71 45.53 41.57
CA ALA D 439 -33.66 46.63 41.71
C ALA D 439 -32.95 47.91 42.19
N ALA D 440 -31.82 47.74 42.86
CA ALA D 440 -31.03 48.86 43.38
C ALA D 440 -29.98 49.35 42.38
N HIS D 441 -30.12 48.94 41.12
CA HIS D 441 -29.25 49.39 40.04
C HIS D 441 -30.01 50.16 38.97
N ALA D 442 -31.32 49.99 38.93
CA ALA D 442 -32.18 50.62 37.93
C ALA D 442 -32.14 52.15 37.95
N SER D 443 -32.57 52.76 36.85
CA SER D 443 -32.55 54.22 36.64
C SER D 443 -31.15 54.84 36.72
N ASN D 444 -30.69 55.12 37.95
CA ASN D 444 -29.39 55.73 38.16
C ASN D 444 -28.51 54.98 39.16
N GLY D 445 -28.79 55.19 40.44
CA GLY D 445 -28.01 54.59 41.53
C GLY D 445 -28.17 53.08 41.61
N ASN D 446 -27.15 52.39 42.10
CA ASN D 446 -25.92 53.02 42.59
C ASN D 446 -24.74 52.89 41.63
N LYS D 447 -24.71 51.80 40.86
CA LYS D 447 -23.56 51.40 40.04
C LYS D 447 -22.49 50.75 40.93
N CYS D 448 -22.43 51.17 42.18
CA CYS D 448 -21.46 50.67 43.15
C CYS D 448 -22.12 49.83 44.25
N ALA D 449 -23.38 49.45 44.03
CA ALA D 449 -24.13 48.61 44.98
C ALA D 449 -23.77 47.15 44.84
N GLY D 450 -23.39 46.52 45.95
CA GLY D 450 -22.99 45.11 45.97
C GLY D 450 -23.31 44.41 47.27
N LEU D 451 -23.00 43.11 47.31
CA LEU D 451 -23.27 42.28 48.48
C LEU D 451 -22.06 42.19 49.42
N ASN D 452 -22.27 42.55 50.68
CA ASN D 452 -21.27 42.37 51.71
C ASN D 452 -21.59 41.13 52.53
N VAL D 453 -20.74 40.11 52.41
CA VAL D 453 -21.00 38.78 52.99
C VAL D 453 -20.99 38.75 54.52
N PHE D 454 -20.30 39.71 55.13
CA PHE D 454 -20.21 39.79 56.59
C PHE D 454 -21.42 40.49 57.20
N THR D 455 -21.87 41.55 56.54
CA THR D 455 -23.03 42.33 56.99
C THR D 455 -24.33 41.60 56.64
N GLY D 456 -24.42 41.09 55.41
CA GLY D 456 -25.60 40.38 54.94
C GLY D 456 -26.45 41.21 53.98
N ALA D 457 -26.74 42.44 54.39
CA ALA D 457 -27.55 43.36 53.58
C ALA D 457 -26.72 43.99 52.46
N VAL D 458 -27.40 44.45 51.42
CA VAL D 458 -26.75 45.12 50.28
C VAL D 458 -26.19 46.49 50.68
N GLU D 459 -24.90 46.68 50.45
CA GLU D 459 -24.21 47.92 50.82
C GLU D 459 -23.45 48.53 49.65
N ASP D 460 -23.15 49.83 49.77
CA ASP D 460 -22.36 50.54 48.77
C ASP D 460 -20.89 50.13 48.90
N MET D 461 -20.35 49.53 47.85
CA MET D 461 -19.00 48.96 47.87
C MET D 461 -17.88 50.00 47.82
N CYS D 462 -18.19 51.19 47.32
CA CYS D 462 -17.21 52.27 47.24
C CYS D 462 -16.88 52.81 48.63
N GLU D 463 -17.88 52.81 49.51
CA GLU D 463 -17.70 53.30 50.88
C GLU D 463 -17.18 52.22 51.82
N ASN D 464 -17.35 50.95 51.43
CA ASN D 464 -16.87 49.82 52.21
C ASN D 464 -15.38 49.55 52.06
N GLY D 465 -14.83 49.96 50.91
CA GLY D 465 -13.41 49.74 50.61
C GLY D 465 -13.15 48.48 49.81
N VAL D 466 -14.21 47.97 49.17
CA VAL D 466 -14.12 46.77 48.34
C VAL D 466 -13.99 47.20 46.87
N VAL D 467 -12.74 47.33 46.42
CA VAL D 467 -12.45 47.78 45.05
C VAL D 467 -11.40 46.92 44.35
N GLU D 468 -11.62 46.64 43.07
CA GLU D 468 -10.66 45.87 42.28
C GLU D 468 -10.33 46.57 40.97
N PRO D 469 -9.12 46.36 40.48
CA PRO D 469 -8.70 46.97 39.21
C PRO D 469 -9.58 46.56 38.04
N LEU D 470 -9.66 47.42 37.02
CA LEU D 470 -10.49 47.17 35.83
C LEU D 470 -9.98 45.98 35.01
N ARG D 471 -8.68 45.72 35.08
CA ARG D 471 -8.06 44.62 34.35
C ARG D 471 -8.49 43.25 34.89
N VAL D 472 -8.90 43.21 36.16
CA VAL D 472 -9.40 41.98 36.78
C VAL D 472 -10.72 41.55 36.15
N LYS D 473 -11.52 42.52 35.73
CA LYS D 473 -12.84 42.26 35.12
C LYS D 473 -12.80 42.20 33.60
N THR D 474 -12.03 43.09 32.98
CA THR D 474 -11.94 43.17 31.51
C THR D 474 -11.22 41.98 30.88
N GLN D 475 -10.15 41.52 31.50
CA GLN D 475 -9.39 40.35 31.05
C GLN D 475 -10.21 39.07 31.23
N ALA D 476 -10.87 38.95 32.37
CA ALA D 476 -11.66 37.77 32.71
C ALA D 476 -12.83 37.53 31.77
N ILE D 477 -13.44 38.61 31.29
CA ILE D 477 -14.55 38.53 30.33
C ILE D 477 -14.04 38.16 28.93
N GLN D 478 -12.97 38.84 28.49
CA GLN D 478 -12.40 38.61 27.16
C GLN D 478 -11.76 37.23 27.01
N SER D 479 -11.17 36.72 28.09
CA SER D 479 -10.55 35.40 28.11
C SER D 479 -11.60 34.28 28.13
N ALA D 480 -12.74 34.55 28.76
CA ALA D 480 -13.84 33.59 28.85
C ALA D 480 -14.71 33.58 27.61
N ALA D 481 -14.90 34.77 27.01
CA ALA D 481 -15.72 34.91 25.80
C ALA D 481 -15.05 34.26 24.59
N GLU D 482 -13.77 34.54 24.39
CA GLU D 482 -13.01 34.00 23.25
C GLU D 482 -12.84 32.48 23.33
N SER D 483 -12.81 31.95 24.55
CA SER D 483 -12.68 30.51 24.76
C SER D 483 -14.00 29.78 24.47
N THR D 484 -15.11 30.35 24.94
CA THR D 484 -16.45 29.78 24.74
C THR D 484 -16.93 29.90 23.30
N GLU D 485 -16.47 30.94 22.60
CA GLU D 485 -16.77 31.14 21.19
C GLU D 485 -16.13 30.04 20.34
N MET D 486 -14.91 29.65 20.69
CA MET D 486 -14.19 28.59 19.98
C MET D 486 -14.76 27.21 20.29
N LEU D 487 -15.19 27.02 21.53
CA LEU D 487 -15.75 25.73 21.99
C LEU D 487 -17.13 25.45 21.38
N LEU D 488 -17.86 26.50 21.03
CA LEU D 488 -19.17 26.36 20.38
C LEU D 488 -19.02 26.17 18.86
N ARG D 489 -17.79 26.13 18.38
CA ARG D 489 -17.49 25.94 16.97
C ARG D 489 -16.98 24.52 16.66
N ILE D 490 -17.25 23.58 17.57
CA ILE D 490 -16.83 22.19 17.41
C ILE D 490 -18.05 21.28 17.26
N ASP D 491 -18.05 20.46 16.22
CA ASP D 491 -19.14 19.52 15.96
C ASP D 491 -18.65 18.08 15.78
N ASP D 492 -17.33 17.92 15.62
CA ASP D 492 -16.72 16.59 15.48
C ASP D 492 -15.43 16.52 16.29
N VAL D 493 -15.29 15.43 17.05
CA VAL D 493 -14.12 15.21 17.91
C VAL D 493 -13.35 13.96 17.47
N ILE D 494 -12.07 14.14 17.17
CA ILE D 494 -11.20 13.04 16.78
C ILE D 494 -10.13 12.82 17.84
N ALA D 495 -10.26 11.73 18.59
CA ALA D 495 -9.32 11.40 19.65
C ALA D 495 -8.77 9.98 19.48
N ALA D 496 -7.54 9.89 18.98
CA ALA D 496 -6.87 8.60 18.80
C ALA D 496 -6.24 8.11 20.10
N GLU D 497 -5.72 6.88 20.07
CA GLU D 497 -5.14 6.22 21.25
C GLU D 497 -6.14 6.05 22.39
PG AGS E . -5.23 -50.37 -12.18
S1G AGS E . -5.54 -49.05 -11.55
O2G AGS E . -3.99 -51.06 -11.74
O3G AGS E . -5.24 -50.21 -13.66
PB AGS E . -7.46 -52.14 -12.75
O1B AGS E . -6.80 -52.55 -14.02
O2B AGS E . -8.22 -53.14 -11.98
O3B AGS E . -6.33 -51.49 -11.78
PA AGS E . -8.96 -50.10 -14.34
O1A AGS E . -9.72 -48.93 -13.90
O2A AGS E . -7.80 -49.88 -15.22
O3A AGS E . -8.51 -50.92 -13.01
O5' AGS E . -10.01 -51.08 -15.04
C5' AGS E . -9.66 -52.34 -15.60
C4' AGS E . -10.90 -53.20 -15.80
O4' AGS E . -11.69 -52.66 -16.88
C3' AGS E . -10.57 -54.63 -16.15
O3' AGS E . -11.45 -55.47 -15.37
C2' AGS E . -10.77 -54.64 -17.67
O2' AGS E . -11.05 -55.95 -18.21
C1' AGS E . -11.89 -53.65 -17.91
N9 AGS E . -11.80 -52.99 -19.25
C8 AGS E . -10.72 -52.40 -19.90
N7 AGS E . -11.00 -51.90 -21.08
C5 AGS E . -12.36 -52.18 -21.25
C6 AGS E . -13.31 -51.93 -22.29
N6 AGS E . -13.04 -51.31 -23.45
N1 AGS E . -14.62 -52.35 -22.11
C2 AGS E . -14.96 -52.98 -20.97
N3 AGS E . -14.15 -53.28 -19.93
C4 AGS E . -12.85 -52.85 -20.13
PG AGS F . -8.57 -9.80 -20.77
S1G AGS F . -8.73 -9.25 -19.38
O2G AGS F . -7.38 -10.66 -21.01
O3G AGS F . -8.60 -8.67 -21.73
PB AGS F . -10.96 -10.58 -22.20
O1B AGS F . -10.39 -10.04 -23.45
O2B AGS F . -11.79 -11.79 -22.26
O3B AGS F . -9.75 -10.83 -21.14
PA AGS F . -12.30 -7.93 -21.84
O1A AGS F . -12.95 -7.34 -20.66
O2A AGS F . -11.15 -7.22 -22.42
O3A AGS F . -11.90 -9.47 -21.47
O5' AGS F . -13.46 -8.10 -22.92
C5' AGS F . -13.26 -8.65 -24.22
C4' AGS F . -14.57 -9.08 -24.84
O4' AGS F . -15.33 -7.91 -25.20
C3' AGS F . -14.38 -9.88 -26.11
O3' AGS F . -15.31 -10.99 -26.04
C2' AGS F . -14.63 -8.84 -27.21
O2' AGS F . -15.04 -9.41 -28.46
C1' AGS F . -15.65 -7.90 -26.61
N9 AGS F . -15.53 -6.51 -27.14
C8 AGS F . -14.42 -5.68 -27.30
N7 AGS F . -14.69 -4.51 -27.79
C5 AGS F . -16.07 -4.52 -27.99
C6 AGS F . -17.02 -3.58 -28.50
N6 AGS F . -16.72 -2.34 -28.93
N1 AGS F . -18.34 -3.94 -28.54
C2 AGS F . -18.72 -5.16 -28.12
N3 AGS F . -17.91 -6.13 -27.62
C4 AGS F . -16.59 -5.74 -27.59
PG AGS G . -10.33 25.22 2.70
S1G AGS G . -10.45 24.62 4.05
O2G AGS G . -9.18 24.78 1.85
O3G AGS G . -10.34 26.71 2.84
PB AGS G . -12.78 25.75 1.22
O1B AGS G . -12.20 27.02 0.72
O2B AGS G . -13.66 24.96 0.35
O3B AGS G . -11.56 24.80 1.73
PA AGS G . -14.01 27.36 3.42
O1A AGS G . -14.61 26.94 4.69
O2A AGS G . -12.84 28.26 3.48
O3A AGS G . -13.66 26.02 2.57
O5' AGS G . -15.19 28.04 2.58
C5' AGS G . -15.02 28.58 1.28
C4' AGS G . -16.36 28.75 0.59
O4' AGS G . -17.08 29.84 1.21
C3' AGS G . -16.23 29.09 -0.87
O3' AGS G . -17.19 28.29 -1.58
C2' AGS G . -16.44 30.61 -0.88
O2' AGS G . -16.91 31.12 -2.15
C1' AGS G . -17.42 30.86 0.24
N9 AGS G . -17.27 32.21 0.86
C8 AGS G . -16.12 32.86 1.30
N7 AGS G . -16.35 34.05 1.81
C5 AGS G . -17.73 34.20 1.72
C6 AGS G . -18.66 35.25 2.07
N6 AGS G . -18.31 36.40 2.64
N1 AGS G . -20.01 35.04 1.83
C2 AGS G . -20.41 33.89 1.26
N3 AGS G . -19.64 32.85 0.88
C4 AGS G . -18.29 33.07 1.14
PG AGS H . -8.09 34.44 43.16
S1G AGS H . -8.16 33.06 43.74
O2G AGS H . -7.04 34.69 42.13
O3G AGS H . -7.98 35.43 44.27
PB AGS H . -10.59 35.84 42.69
O1B AGS H . -9.96 37.11 43.14
O2B AGS H . -11.59 35.85 41.62
O3B AGS H . -9.42 34.79 42.29
PA AGS H . -11.54 35.50 45.52
O1A AGS H . -12.08 34.32 46.20
O2A AGS H . -10.31 36.12 46.05
O3A AGS H . -11.35 35.11 43.94
O5' AGS H . -12.73 36.57 45.48
C5' AGS H . -12.62 37.87 44.90
C4' AGS H . -13.99 38.46 44.65
O4' AGS H . -14.58 38.83 45.91
C3' AGS H . -13.94 39.71 43.80
O3' AGS H . -15.01 39.62 42.85
C2' AGS H . -14.04 40.83 44.86
O2' AGS H . -14.56 42.06 44.33
C1' AGS H . -14.92 40.23 45.94
N9 AGS H . -14.62 40.79 47.30
C8 AGS H . -13.40 40.97 47.95
N7 AGS H . -13.50 41.48 49.15
C5 AGS H . -14.87 41.67 49.32
C6 AGS H . -15.70 42.18 50.39
N6 AGS H . -15.22 42.64 51.55
N1 AGS H . -17.06 42.20 50.21
C2 AGS H . -17.59 41.76 49.06
N3 AGS H . -16.93 41.26 47.99
C4 AGS H . -15.56 41.24 48.20
#